data_7ZAJ
# 
_entry.id   7ZAJ 
# 
_audit_conform.dict_name       mmcif_pdbx.dic 
_audit_conform.dict_version    5.384 
_audit_conform.dict_location   http://mmcif.pdb.org/dictionaries/ascii/mmcif_pdbx.dic 
# 
loop_
_database_2.database_id 
_database_2.database_code 
_database_2.pdbx_database_accession 
_database_2.pdbx_DOI 
PDB   7ZAJ         pdb_00007zaj 10.2210/pdb7zaj/pdb 
WWPDB D_1292121878 ?            ?                   
# 
loop_
_pdbx_audit_revision_history.ordinal 
_pdbx_audit_revision_history.data_content_type 
_pdbx_audit_revision_history.major_revision 
_pdbx_audit_revision_history.minor_revision 
_pdbx_audit_revision_history.revision_date 
1 'Structure model' 1 0 2022-11-23 
2 'Structure model' 1 1 2022-12-07 
3 'Structure model' 1 2 2023-01-11 
4 'Structure model' 1 3 2024-01-31 
# 
_pdbx_audit_revision_details.ordinal             1 
_pdbx_audit_revision_details.revision_ordinal    1 
_pdbx_audit_revision_details.data_content_type   'Structure model' 
_pdbx_audit_revision_details.provider            repository 
_pdbx_audit_revision_details.type                'Initial release' 
_pdbx_audit_revision_details.description         ? 
_pdbx_audit_revision_details.details             ? 
# 
loop_
_pdbx_audit_revision_group.ordinal 
_pdbx_audit_revision_group.revision_ordinal 
_pdbx_audit_revision_group.data_content_type 
_pdbx_audit_revision_group.group 
1 2 'Structure model' 'Database references'    
2 3 'Structure model' 'Database references'    
3 4 'Structure model' 'Data collection'        
4 4 'Structure model' 'Refinement description' 
# 
loop_
_pdbx_audit_revision_category.ordinal 
_pdbx_audit_revision_category.revision_ordinal 
_pdbx_audit_revision_category.data_content_type 
_pdbx_audit_revision_category.category 
1 2 'Structure model' citation                      
2 2 'Structure model' citation_author               
3 3 'Structure model' citation_author               
4 4 'Structure model' chem_comp_atom                
5 4 'Structure model' chem_comp_bond                
6 4 'Structure model' pdbx_initial_refinement_model 
# 
loop_
_pdbx_audit_revision_item.ordinal 
_pdbx_audit_revision_item.revision_ordinal 
_pdbx_audit_revision_item.data_content_type 
_pdbx_audit_revision_item.item 
1 2 'Structure model' '_citation.journal_volume'          
2 2 'Structure model' '_citation.page_first'              
3 2 'Structure model' '_citation.page_last'               
4 2 'Structure model' '_citation_author.identifier_ORCID' 
5 3 'Structure model' '_citation_author.identifier_ORCID' 
# 
_pdbx_database_status.status_code                     REL 
_pdbx_database_status.status_code_sf                  REL 
_pdbx_database_status.status_code_mr                  ? 
_pdbx_database_status.entry_id                        7ZAJ 
_pdbx_database_status.recvd_initial_deposition_date   2022-03-22 
_pdbx_database_status.SG_entry                        N 
_pdbx_database_status.deposit_site                    PDBE 
_pdbx_database_status.process_site                    PDBE 
_pdbx_database_status.status_code_cs                  ? 
_pdbx_database_status.status_code_nmr_data            ? 
_pdbx_database_status.methods_development_category    ? 
_pdbx_database_status.pdb_format_compatible           N 
# 
_pdbx_contact_author.id                 2 
_pdbx_contact_author.email              martin.noble@ncl.ac.uk 
_pdbx_contact_author.name_first         Martin 
_pdbx_contact_author.name_last          Noble 
_pdbx_contact_author.name_mi            E.M 
_pdbx_contact_author.role               'principal investigator/group leader' 
_pdbx_contact_author.identifier_ORCID   0000-0002-3595-9807 
# 
loop_
_audit_author.name 
_audit_author.pdbx_ordinal 
_audit_author.identifier_ORCID 
'Turberville, S.' 1 0000-0003-2173-9675 
'Martin, M.P.'    2 0000-0003-4810-3351 
'Hope, I.'        3 ?                   
'Noble, M.E.M.'   4 0000-0002-3595-9807 
# 
_citation.abstract                  ? 
_citation.abstract_id_CAS           ? 
_citation.book_id_ISBN              ? 
_citation.book_publisher            ? 
_citation.book_publisher_city       ? 
_citation.book_title                ? 
_citation.coordinate_linkage        ? 
_citation.country                   US 
_citation.database_id_Medline       ? 
_citation.details                   ? 
_citation.id                        primary 
_citation.journal_abbrev            J.Med.Chem. 
_citation.journal_id_ASTM           JMCMAR 
_citation.journal_id_CSD            0151 
_citation.journal_id_ISSN           0022-2623 
_citation.journal_full              ? 
_citation.journal_issue             ? 
_citation.journal_volume            65 
_citation.language                  ? 
_citation.page_first                15416 
_citation.page_last                 15432 
_citation.title                     
;Mapping Ligand Interactions of Bromodomains BRD4 and ATAD2 with FragLites and PepLites&#9472;Halogenated Probes of Druglike and Peptide-like Molecular Interactions.
;
_citation.year                      2022 
_citation.database_id_CSD           ? 
_citation.pdbx_database_id_DOI      10.1021/acs.jmedchem.2c01357 
_citation.pdbx_database_id_PubMed   36367089 
_citation.pdbx_database_id_patent   ? 
_citation.unpublished_flag          ? 
# 
loop_
_citation_author.citation_id 
_citation_author.name 
_citation_author.ordinal 
_citation_author.identifier_ORCID 
primary 'Davison, G.'       1  0000-0001-5466-2702 
primary 'Martin, M.P.'      2  ?                   
primary 'Turberville, S.'   3  ?                   
primary 'Dormen, S.'        4  ?                   
primary 'Heath, R.'         5  ?                   
primary 'Heptinstall, A.B.' 6  ?                   
primary 'Lawson, M.'        7  ?                   
primary 'Miller, D.C.'      8  0000-0001-6846-2007 
primary 'Ng, Y.M.'          9  ?                   
primary 'Sanderson, J.N.'   10 0000-0003-1000-2897 
primary 'Hope, I.'          11 0000-0002-8002-5026 
primary 'Wood, D.J.'        12 ?                   
primary 'Cano, C.'          13 0000-0002-2032-2272 
primary 'Endicott, J.A.'    14 ?                   
primary 'Hardcastle, I.R.'  15 0000-0001-7495-3769 
primary 'Noble, M.E.M.'     16 ?                   
primary 'Waring, M.J.'      17 0000-0002-9110-8783 
# 
loop_
_entity.id 
_entity.type 
_entity.src_method 
_entity.pdbx_description 
_entity.formula_weight 
_entity.pdbx_number_of_molecules 
_entity.pdbx_ec 
_entity.pdbx_mutation 
_entity.pdbx_fragment 
_entity.details 
1 polymer     man 'Isoform C of Bromodomain-containing protein 4' 15294.578 1   ? ? ? ? 
2 non-polymer syn GLYCEROL                                        92.094    1   ? ? ? ? 
3 non-polymer syn 4-bromanyl-1,8-naphthyridine                    209.043   2   ? ? ? ? 
4 water       nat water                                           18.015    187 ? ? ? ? 
# 
_entity_name_com.entity_id   1 
_entity_name_com.name        'Protein HUNK1' 
# 
_entity_poly.entity_id                      1 
_entity_poly.type                           'polypeptide(L)' 
_entity_poly.nstd_linkage                   no 
_entity_poly.nstd_monomer                   no 
_entity_poly.pdbx_seq_one_letter_code       
;GSHMNPPPPETSNPNKPKRQTNQLQYLLRVVLKTLWKHQFAWPFQQPVDAVKLNLPDYYKIIKTPMDMGTIKKRLENNYY
WNAQECIQDFNTMFTNCYIYNKPGDDIVLMAEALEKLFLQKINELPTEE
;
_entity_poly.pdbx_seq_one_letter_code_can   
;GSHMNPPPPETSNPNKPKRQTNQLQYLLRVVLKTLWKHQFAWPFQQPVDAVKLNLPDYYKIIKTPMDMGTIKKRLENNYY
WNAQECIQDFNTMFTNCYIYNKPGDDIVLMAEALEKLFLQKINELPTEE
;
_entity_poly.pdbx_strand_id                 AAA 
_entity_poly.pdbx_target_identifier         ? 
# 
loop_
_pdbx_entity_nonpoly.entity_id 
_pdbx_entity_nonpoly.name 
_pdbx_entity_nonpoly.comp_id 
2 GLYCEROL                     GOL 
3 4-bromanyl-1,8-naphthyridine HH8 
4 water                        HOH 
# 
loop_
_entity_poly_seq.entity_id 
_entity_poly_seq.num 
_entity_poly_seq.mon_id 
_entity_poly_seq.hetero 
1 1   GLY n 
1 2   SER n 
1 3   HIS n 
1 4   MET n 
1 5   ASN n 
1 6   PRO n 
1 7   PRO n 
1 8   PRO n 
1 9   PRO n 
1 10  GLU n 
1 11  THR n 
1 12  SER n 
1 13  ASN n 
1 14  PRO n 
1 15  ASN n 
1 16  LYS n 
1 17  PRO n 
1 18  LYS n 
1 19  ARG n 
1 20  GLN n 
1 21  THR n 
1 22  ASN n 
1 23  GLN n 
1 24  LEU n 
1 25  GLN n 
1 26  TYR n 
1 27  LEU n 
1 28  LEU n 
1 29  ARG n 
1 30  VAL n 
1 31  VAL n 
1 32  LEU n 
1 33  LYS n 
1 34  THR n 
1 35  LEU n 
1 36  TRP n 
1 37  LYS n 
1 38  HIS n 
1 39  GLN n 
1 40  PHE n 
1 41  ALA n 
1 42  TRP n 
1 43  PRO n 
1 44  PHE n 
1 45  GLN n 
1 46  GLN n 
1 47  PRO n 
1 48  VAL n 
1 49  ASP n 
1 50  ALA n 
1 51  VAL n 
1 52  LYS n 
1 53  LEU n 
1 54  ASN n 
1 55  LEU n 
1 56  PRO n 
1 57  ASP n 
1 58  TYR n 
1 59  TYR n 
1 60  LYS n 
1 61  ILE n 
1 62  ILE n 
1 63  LYS n 
1 64  THR n 
1 65  PRO n 
1 66  MET n 
1 67  ASP n 
1 68  MET n 
1 69  GLY n 
1 70  THR n 
1 71  ILE n 
1 72  LYS n 
1 73  LYS n 
1 74  ARG n 
1 75  LEU n 
1 76  GLU n 
1 77  ASN n 
1 78  ASN n 
1 79  TYR n 
1 80  TYR n 
1 81  TRP n 
1 82  ASN n 
1 83  ALA n 
1 84  GLN n 
1 85  GLU n 
1 86  CYS n 
1 87  ILE n 
1 88  GLN n 
1 89  ASP n 
1 90  PHE n 
1 91  ASN n 
1 92  THR n 
1 93  MET n 
1 94  PHE n 
1 95  THR n 
1 96  ASN n 
1 97  CYS n 
1 98  TYR n 
1 99  ILE n 
1 100 TYR n 
1 101 ASN n 
1 102 LYS n 
1 103 PRO n 
1 104 GLY n 
1 105 ASP n 
1 106 ASP n 
1 107 ILE n 
1 108 VAL n 
1 109 LEU n 
1 110 MET n 
1 111 ALA n 
1 112 GLU n 
1 113 ALA n 
1 114 LEU n 
1 115 GLU n 
1 116 LYS n 
1 117 LEU n 
1 118 PHE n 
1 119 LEU n 
1 120 GLN n 
1 121 LYS n 
1 122 ILE n 
1 123 ASN n 
1 124 GLU n 
1 125 LEU n 
1 126 PRO n 
1 127 THR n 
1 128 GLU n 
1 129 GLU n 
# 
_entity_src_gen.entity_id                          1 
_entity_src_gen.pdbx_src_id                        1 
_entity_src_gen.pdbx_alt_source_flag               sample 
_entity_src_gen.pdbx_seq_type                      'Biological sequence' 
_entity_src_gen.pdbx_beg_seq_num                   1 
_entity_src_gen.pdbx_end_seq_num                   129 
_entity_src_gen.gene_src_common_name               human 
_entity_src_gen.gene_src_genus                     ? 
_entity_src_gen.pdbx_gene_src_gene                 'BRD4, HUNK1' 
_entity_src_gen.gene_src_species                   ? 
_entity_src_gen.gene_src_strain                    ? 
_entity_src_gen.gene_src_tissue                    ? 
_entity_src_gen.gene_src_tissue_fraction           ? 
_entity_src_gen.gene_src_details                   ? 
_entity_src_gen.pdbx_gene_src_fragment             ? 
_entity_src_gen.pdbx_gene_src_scientific_name      'Homo sapiens' 
_entity_src_gen.pdbx_gene_src_ncbi_taxonomy_id     9606 
_entity_src_gen.pdbx_gene_src_variant              ? 
_entity_src_gen.pdbx_gene_src_cell_line            ? 
_entity_src_gen.pdbx_gene_src_atcc                 ? 
_entity_src_gen.pdbx_gene_src_organ                ? 
_entity_src_gen.pdbx_gene_src_organelle            ? 
_entity_src_gen.pdbx_gene_src_cell                 ? 
_entity_src_gen.pdbx_gene_src_cellular_location    ? 
_entity_src_gen.host_org_common_name               ? 
_entity_src_gen.pdbx_host_org_scientific_name      'Escherichia coli BL21(DE3)' 
_entity_src_gen.pdbx_host_org_ncbi_taxonomy_id     469008 
_entity_src_gen.host_org_genus                     ? 
_entity_src_gen.pdbx_host_org_gene                 ? 
_entity_src_gen.pdbx_host_org_organ                ? 
_entity_src_gen.host_org_species                   ? 
_entity_src_gen.pdbx_host_org_tissue               ? 
_entity_src_gen.pdbx_host_org_tissue_fraction      ? 
_entity_src_gen.pdbx_host_org_strain               ? 
_entity_src_gen.pdbx_host_org_variant              ? 
_entity_src_gen.pdbx_host_org_cell_line            ? 
_entity_src_gen.pdbx_host_org_atcc                 ? 
_entity_src_gen.pdbx_host_org_culture_collection   ? 
_entity_src_gen.pdbx_host_org_cell                 ? 
_entity_src_gen.pdbx_host_org_organelle            ? 
_entity_src_gen.pdbx_host_org_cellular_location    ? 
_entity_src_gen.pdbx_host_org_vector_type          ? 
_entity_src_gen.pdbx_host_org_vector               ? 
_entity_src_gen.host_org_details                   ? 
_entity_src_gen.expression_system_id               ? 
_entity_src_gen.plasmid_name                       ? 
_entity_src_gen.plasmid_details                    ? 
_entity_src_gen.pdbx_description                   ? 
# 
loop_
_chem_comp.id 
_chem_comp.type 
_chem_comp.mon_nstd_flag 
_chem_comp.name 
_chem_comp.pdbx_synonyms 
_chem_comp.formula 
_chem_comp.formula_weight 
ALA 'L-peptide linking' y ALANINE                      ?                               'C3 H7 N O2'     89.093  
ARG 'L-peptide linking' y ARGININE                     ?                               'C6 H15 N4 O2 1' 175.209 
ASN 'L-peptide linking' y ASPARAGINE                   ?                               'C4 H8 N2 O3'    132.118 
ASP 'L-peptide linking' y 'ASPARTIC ACID'              ?                               'C4 H7 N O4'     133.103 
CYS 'L-peptide linking' y CYSTEINE                     ?                               'C3 H7 N O2 S'   121.158 
GLN 'L-peptide linking' y GLUTAMINE                    ?                               'C5 H10 N2 O3'   146.144 
GLU 'L-peptide linking' y 'GLUTAMIC ACID'              ?                               'C5 H9 N O4'     147.129 
GLY 'peptide linking'   y GLYCINE                      ?                               'C2 H5 N O2'     75.067  
GOL non-polymer         . GLYCEROL                     'GLYCERIN; PROPANE-1,2,3-TRIOL' 'C3 H8 O3'       92.094  
HH8 non-polymer         . 4-bromanyl-1,8-naphthyridine ?                               'C8 H5 Br N2'    209.043 
HIS 'L-peptide linking' y HISTIDINE                    ?                               'C6 H10 N3 O2 1' 156.162 
HOH non-polymer         . WATER                        ?                               'H2 O'           18.015  
ILE 'L-peptide linking' y ISOLEUCINE                   ?                               'C6 H13 N O2'    131.173 
LEU 'L-peptide linking' y LEUCINE                      ?                               'C6 H13 N O2'    131.173 
LYS 'L-peptide linking' y LYSINE                       ?                               'C6 H15 N2 O2 1' 147.195 
MET 'L-peptide linking' y METHIONINE                   ?                               'C5 H11 N O2 S'  149.211 
PHE 'L-peptide linking' y PHENYLALANINE                ?                               'C9 H11 N O2'    165.189 
PRO 'L-peptide linking' y PROLINE                      ?                               'C5 H9 N O2'     115.130 
SER 'L-peptide linking' y SERINE                       ?                               'C3 H7 N O3'     105.093 
THR 'L-peptide linking' y THREONINE                    ?                               'C4 H9 N O3'     119.119 
TRP 'L-peptide linking' y TRYPTOPHAN                   ?                               'C11 H12 N2 O2'  204.225 
TYR 'L-peptide linking' y TYROSINE                     ?                               'C9 H11 N O3'    181.189 
VAL 'L-peptide linking' y VALINE                       ?                               'C5 H11 N O2'    117.146 
# 
loop_
_pdbx_poly_seq_scheme.asym_id 
_pdbx_poly_seq_scheme.entity_id 
_pdbx_poly_seq_scheme.seq_id 
_pdbx_poly_seq_scheme.mon_id 
_pdbx_poly_seq_scheme.ndb_seq_num 
_pdbx_poly_seq_scheme.pdb_seq_num 
_pdbx_poly_seq_scheme.auth_seq_num 
_pdbx_poly_seq_scheme.pdb_mon_id 
_pdbx_poly_seq_scheme.auth_mon_id 
_pdbx_poly_seq_scheme.pdb_strand_id 
_pdbx_poly_seq_scheme.pdb_ins_code 
_pdbx_poly_seq_scheme.hetero 
A 1 1   GLY 1   40  40  GLY GLY AAA . n 
A 1 2   SER 2   41  41  SER SER AAA . n 
A 1 3   HIS 3   42  42  HIS HIS AAA . n 
A 1 4   MET 4   43  43  MET MET AAA . n 
A 1 5   ASN 5   44  44  ASN ASN AAA . n 
A 1 6   PRO 6   45  45  PRO PRO AAA . n 
A 1 7   PRO 7   46  46  PRO PRO AAA . n 
A 1 8   PRO 8   47  47  PRO PRO AAA . n 
A 1 9   PRO 9   48  48  PRO PRO AAA . n 
A 1 10  GLU 10  49  49  GLU GLU AAA . n 
A 1 11  THR 11  50  50  THR THR AAA . n 
A 1 12  SER 12  51  51  SER SER AAA . n 
A 1 13  ASN 13  52  52  ASN ASN AAA . n 
A 1 14  PRO 14  53  53  PRO PRO AAA . n 
A 1 15  ASN 15  54  54  ASN ASN AAA . n 
A 1 16  LYS 16  55  55  LYS LYS AAA . n 
A 1 17  PRO 17  56  56  PRO PRO AAA . n 
A 1 18  LYS 18  57  57  LYS LYS AAA . n 
A 1 19  ARG 19  58  58  ARG ARG AAA . n 
A 1 20  GLN 20  59  59  GLN GLN AAA . n 
A 1 21  THR 21  60  60  THR THR AAA . n 
A 1 22  ASN 22  61  61  ASN ASN AAA . n 
A 1 23  GLN 23  62  62  GLN GLN AAA . n 
A 1 24  LEU 24  63  63  LEU LEU AAA . n 
A 1 25  GLN 25  64  64  GLN GLN AAA . n 
A 1 26  TYR 26  65  65  TYR TYR AAA . n 
A 1 27  LEU 27  66  66  LEU LEU AAA . n 
A 1 28  LEU 28  67  67  LEU LEU AAA . n 
A 1 29  ARG 29  68  68  ARG ARG AAA . n 
A 1 30  VAL 30  69  69  VAL VAL AAA . n 
A 1 31  VAL 31  70  70  VAL VAL AAA . n 
A 1 32  LEU 32  71  71  LEU LEU AAA . n 
A 1 33  LYS 33  72  72  LYS LYS AAA . n 
A 1 34  THR 34  73  73  THR THR AAA . n 
A 1 35  LEU 35  74  74  LEU LEU AAA . n 
A 1 36  TRP 36  75  75  TRP TRP AAA . n 
A 1 37  LYS 37  76  76  LYS LYS AAA . n 
A 1 38  HIS 38  77  77  HIS HIS AAA . n 
A 1 39  GLN 39  78  78  GLN GLN AAA . n 
A 1 40  PHE 40  79  79  PHE PHE AAA . n 
A 1 41  ALA 41  80  80  ALA ALA AAA . n 
A 1 42  TRP 42  81  81  TRP TRP AAA . n 
A 1 43  PRO 43  82  82  PRO PRO AAA . n 
A 1 44  PHE 44  83  83  PHE PHE AAA . n 
A 1 45  GLN 45  84  84  GLN GLN AAA . n 
A 1 46  GLN 46  85  85  GLN GLN AAA . n 
A 1 47  PRO 47  86  86  PRO PRO AAA . n 
A 1 48  VAL 48  87  87  VAL VAL AAA . n 
A 1 49  ASP 49  88  88  ASP ASP AAA . n 
A 1 50  ALA 50  89  89  ALA ALA AAA . n 
A 1 51  VAL 51  90  90  VAL VAL AAA . n 
A 1 52  LYS 52  91  91  LYS LYS AAA . n 
A 1 53  LEU 53  92  92  LEU LEU AAA . n 
A 1 54  ASN 54  93  93  ASN ASN AAA . n 
A 1 55  LEU 55  94  94  LEU LEU AAA . n 
A 1 56  PRO 56  95  95  PRO PRO AAA . n 
A 1 57  ASP 57  96  96  ASP ASP AAA . n 
A 1 58  TYR 58  97  97  TYR TYR AAA . n 
A 1 59  TYR 59  98  98  TYR TYR AAA . n 
A 1 60  LYS 60  99  99  LYS LYS AAA . n 
A 1 61  ILE 61  100 100 ILE ILE AAA . n 
A 1 62  ILE 62  101 101 ILE ILE AAA . n 
A 1 63  LYS 63  102 102 LYS LYS AAA . n 
A 1 64  THR 64  103 103 THR THR AAA . n 
A 1 65  PRO 65  104 104 PRO PRO AAA . n 
A 1 66  MET 66  105 105 MET MET AAA . n 
A 1 67  ASP 67  106 106 ASP ASP AAA . n 
A 1 68  MET 68  107 107 MET MET AAA . n 
A 1 69  GLY 69  108 108 GLY GLY AAA . n 
A 1 70  THR 70  109 109 THR THR AAA . n 
A 1 71  ILE 71  110 110 ILE ILE AAA . n 
A 1 72  LYS 72  111 111 LYS LYS AAA . n 
A 1 73  LYS 73  112 112 LYS LYS AAA . n 
A 1 74  ARG 74  113 113 ARG ARG AAA . n 
A 1 75  LEU 75  114 114 LEU LEU AAA . n 
A 1 76  GLU 76  115 115 GLU GLU AAA . n 
A 1 77  ASN 77  116 116 ASN ASN AAA . n 
A 1 78  ASN 78  117 117 ASN ASN AAA . n 
A 1 79  TYR 79  118 118 TYR TYR AAA . n 
A 1 80  TYR 80  119 119 TYR TYR AAA . n 
A 1 81  TRP 81  120 120 TRP TRP AAA . n 
A 1 82  ASN 82  121 121 ASN ASN AAA . n 
A 1 83  ALA 83  122 122 ALA ALA AAA . n 
A 1 84  GLN 84  123 123 GLN GLN AAA . n 
A 1 85  GLU 85  124 124 GLU GLU AAA . n 
A 1 86  CYS 86  125 125 CYS CYS AAA . n 
A 1 87  ILE 87  126 126 ILE ILE AAA . n 
A 1 88  GLN 88  127 127 GLN GLN AAA . n 
A 1 89  ASP 89  128 128 ASP ASP AAA . n 
A 1 90  PHE 90  129 129 PHE PHE AAA . n 
A 1 91  ASN 91  130 130 ASN ASN AAA . n 
A 1 92  THR 92  131 131 THR THR AAA . n 
A 1 93  MET 93  132 132 MET MET AAA . n 
A 1 94  PHE 94  133 133 PHE PHE AAA . n 
A 1 95  THR 95  134 134 THR THR AAA . n 
A 1 96  ASN 96  135 135 ASN ASN AAA . n 
A 1 97  CYS 97  136 136 CYS CYS AAA . n 
A 1 98  TYR 98  137 137 TYR TYR AAA . n 
A 1 99  ILE 99  138 138 ILE ILE AAA . n 
A 1 100 TYR 100 139 139 TYR TYR AAA . n 
A 1 101 ASN 101 140 140 ASN ASN AAA . n 
A 1 102 LYS 102 141 141 LYS LYS AAA . n 
A 1 103 PRO 103 142 142 PRO PRO AAA . n 
A 1 104 GLY 104 143 143 GLY GLY AAA . n 
A 1 105 ASP 105 144 144 ASP ASP AAA . n 
A 1 106 ASP 106 145 145 ASP ASP AAA . n 
A 1 107 ILE 107 146 146 ILE ILE AAA . n 
A 1 108 VAL 108 147 147 VAL VAL AAA . n 
A 1 109 LEU 109 148 148 LEU LEU AAA . n 
A 1 110 MET 110 149 149 MET MET AAA . n 
A 1 111 ALA 111 150 150 ALA ALA AAA . n 
A 1 112 GLU 112 151 151 GLU GLU AAA . n 
A 1 113 ALA 113 152 152 ALA ALA AAA . n 
A 1 114 LEU 114 153 153 LEU LEU AAA . n 
A 1 115 GLU 115 154 154 GLU GLU AAA . n 
A 1 116 LYS 116 155 155 LYS LYS AAA . n 
A 1 117 LEU 117 156 156 LEU LEU AAA . n 
A 1 118 PHE 118 157 157 PHE PHE AAA . n 
A 1 119 LEU 119 158 158 LEU LEU AAA . n 
A 1 120 GLN 120 159 159 GLN GLN AAA . n 
A 1 121 LYS 121 160 160 LYS LYS AAA . n 
A 1 122 ILE 122 161 161 ILE ILE AAA . n 
A 1 123 ASN 123 162 162 ASN ASN AAA . n 
A 1 124 GLU 124 163 163 GLU GLU AAA . n 
A 1 125 LEU 125 164 164 LEU LEU AAA . n 
A 1 126 PRO 126 165 165 PRO PRO AAA . n 
A 1 127 THR 127 166 166 THR THR AAA . n 
A 1 128 GLU 128 167 167 GLU GLU AAA . n 
A 1 129 GLU 129 168 168 GLU GLU AAA . n 
# 
loop_
_pdbx_nonpoly_scheme.asym_id 
_pdbx_nonpoly_scheme.entity_id 
_pdbx_nonpoly_scheme.mon_id 
_pdbx_nonpoly_scheme.ndb_seq_num 
_pdbx_nonpoly_scheme.pdb_seq_num 
_pdbx_nonpoly_scheme.auth_seq_num 
_pdbx_nonpoly_scheme.pdb_mon_id 
_pdbx_nonpoly_scheme.auth_mon_id 
_pdbx_nonpoly_scheme.pdb_strand_id 
_pdbx_nonpoly_scheme.pdb_ins_code 
B 2 GOL 1   201 201 GOL GOL AAA . 
C 3 HH8 1   202 1   HH8 DRG AAA . 
D 3 HH8 1   203 2   HH8 DRG AAA . 
E 4 HOH 1   301 205 HOH HOH AAA . 
E 4 HOH 2   302 256 HOH HOH AAA . 
E 4 HOH 3   303 241 HOH HOH AAA . 
E 4 HOH 4   304 121 HOH HOH AAA . 
E 4 HOH 5   305 217 HOH HOH AAA . 
E 4 HOH 6   306 166 HOH HOH AAA . 
E 4 HOH 7   307 222 HOH HOH AAA . 
E 4 HOH 8   308 115 HOH HOH AAA . 
E 4 HOH 9   309 245 HOH HOH AAA . 
E 4 HOH 10  310 231 HOH HOH AAA . 
E 4 HOH 11  311 197 HOH HOH AAA . 
E 4 HOH 12  312 247 HOH HOH AAA . 
E 4 HOH 13  313 177 HOH HOH AAA . 
E 4 HOH 14  314 52  HOH HOH AAA . 
E 4 HOH 15  315 203 HOH HOH AAA . 
E 4 HOH 16  316 163 HOH HOH AAA . 
E 4 HOH 17  317 214 HOH HOH AAA . 
E 4 HOH 18  318 185 HOH HOH AAA . 
E 4 HOH 19  319 128 HOH HOH AAA . 
E 4 HOH 20  320 165 HOH HOH AAA . 
E 4 HOH 21  321 239 HOH HOH AAA . 
E 4 HOH 22  322 258 HOH HOH AAA . 
E 4 HOH 23  323 4   HOH HOH AAA . 
E 4 HOH 24  324 148 HOH HOH AAA . 
E 4 HOH 25  325 259 HOH HOH AAA . 
E 4 HOH 26  326 101 HOH HOH AAA . 
E 4 HOH 27  327 49  HOH HOH AAA . 
E 4 HOH 28  328 116 HOH HOH AAA . 
E 4 HOH 29  329 127 HOH HOH AAA . 
E 4 HOH 30  330 53  HOH HOH AAA . 
E 4 HOH 31  331 88  HOH HOH AAA . 
E 4 HOH 32  332 81  HOH HOH AAA . 
E 4 HOH 33  333 170 HOH HOH AAA . 
E 4 HOH 34  334 172 HOH HOH AAA . 
E 4 HOH 35  335 51  HOH HOH AAA . 
E 4 HOH 36  336 39  HOH HOH AAA . 
E 4 HOH 37  337 103 HOH HOH AAA . 
E 4 HOH 38  338 82  HOH HOH AAA . 
E 4 HOH 39  339 71  HOH HOH AAA . 
E 4 HOH 40  340 43  HOH HOH AAA . 
E 4 HOH 41  341 210 HOH HOH AAA . 
E 4 HOH 42  342 26  HOH HOH AAA . 
E 4 HOH 43  343 32  HOH HOH AAA . 
E 4 HOH 44  344 117 HOH HOH AAA . 
E 4 HOH 45  345 111 HOH HOH AAA . 
E 4 HOH 46  346 13  HOH HOH AAA . 
E 4 HOH 47  347 42  HOH HOH AAA . 
E 4 HOH 48  348 25  HOH HOH AAA . 
E 4 HOH 49  349 10  HOH HOH AAA . 
E 4 HOH 50  350 250 HOH HOH AAA . 
E 4 HOH 51  351 38  HOH HOH AAA . 
E 4 HOH 52  352 140 HOH HOH AAA . 
E 4 HOH 53  353 69  HOH HOH AAA . 
E 4 HOH 54  354 58  HOH HOH AAA . 
E 4 HOH 55  355 11  HOH HOH AAA . 
E 4 HOH 56  356 40  HOH HOH AAA . 
E 4 HOH 57  357 202 HOH HOH AAA . 
E 4 HOH 58  358 213 HOH HOH AAA . 
E 4 HOH 59  359 35  HOH HOH AAA . 
E 4 HOH 60  360 8   HOH HOH AAA . 
E 4 HOH 61  361 22  HOH HOH AAA . 
E 4 HOH 62  362 105 HOH HOH AAA . 
E 4 HOH 63  363 211 HOH HOH AAA . 
E 4 HOH 64  364 80  HOH HOH AAA . 
E 4 HOH 65  365 94  HOH HOH AAA . 
E 4 HOH 66  366 83  HOH HOH AAA . 
E 4 HOH 67  367 55  HOH HOH AAA . 
E 4 HOH 68  368 212 HOH HOH AAA . 
E 4 HOH 69  369 92  HOH HOH AAA . 
E 4 HOH 70  370 90  HOH HOH AAA . 
E 4 HOH 71  371 74  HOH HOH AAA . 
E 4 HOH 72  372 24  HOH HOH AAA . 
E 4 HOH 73  373 33  HOH HOH AAA . 
E 4 HOH 74  374 47  HOH HOH AAA . 
E 4 HOH 75  375 2   HOH HOH AAA . 
E 4 HOH 76  376 235 HOH HOH AAA . 
E 4 HOH 77  377 19  HOH HOH AAA . 
E 4 HOH 78  378 17  HOH HOH AAA . 
E 4 HOH 79  379 188 HOH HOH AAA . 
E 4 HOH 80  380 207 HOH HOH AAA . 
E 4 HOH 81  381 63  HOH HOH AAA . 
E 4 HOH 82  382 50  HOH HOH AAA . 
E 4 HOH 83  383 113 HOH HOH AAA . 
E 4 HOH 84  384 6   HOH HOH AAA . 
E 4 HOH 85  385 14  HOH HOH AAA . 
E 4 HOH 86  386 175 HOH HOH AAA . 
E 4 HOH 87  387 223 HOH HOH AAA . 
E 4 HOH 88  388 136 HOH HOH AAA . 
E 4 HOH 89  389 137 HOH HOH AAA . 
E 4 HOH 90  390 133 HOH HOH AAA . 
E 4 HOH 91  391 62  HOH HOH AAA . 
E 4 HOH 92  392 21  HOH HOH AAA . 
E 4 HOH 93  393 232 HOH HOH AAA . 
E 4 HOH 94  394 12  HOH HOH AAA . 
E 4 HOH 95  395 1   HOH HOH AAA . 
E 4 HOH 96  396 37  HOH HOH AAA . 
E 4 HOH 97  397 77  HOH HOH AAA . 
E 4 HOH 98  398 109 HOH HOH AAA . 
E 4 HOH 99  399 221 HOH HOH AAA . 
E 4 HOH 100 400 110 HOH HOH AAA . 
E 4 HOH 101 401 45  HOH HOH AAA . 
E 4 HOH 102 402 230 HOH HOH AAA . 
E 4 HOH 103 403 46  HOH HOH AAA . 
E 4 HOH 104 404 122 HOH HOH AAA . 
E 4 HOH 105 405 134 HOH HOH AAA . 
E 4 HOH 106 406 23  HOH HOH AAA . 
E 4 HOH 107 407 150 HOH HOH AAA . 
E 4 HOH 108 408 28  HOH HOH AAA . 
E 4 HOH 109 409 9   HOH HOH AAA . 
E 4 HOH 110 410 104 HOH HOH AAA . 
E 4 HOH 111 411 68  HOH HOH AAA . 
E 4 HOH 112 412 228 HOH HOH AAA . 
E 4 HOH 113 413 107 HOH HOH AAA . 
E 4 HOH 114 414 41  HOH HOH AAA . 
E 4 HOH 115 415 7   HOH HOH AAA . 
E 4 HOH 116 416 174 HOH HOH AAA . 
E 4 HOH 117 417 86  HOH HOH AAA . 
E 4 HOH 118 418 229 HOH HOH AAA . 
E 4 HOH 119 419 199 HOH HOH AAA . 
E 4 HOH 120 420 5   HOH HOH AAA . 
E 4 HOH 121 421 36  HOH HOH AAA . 
E 4 HOH 122 422 93  HOH HOH AAA . 
E 4 HOH 123 423 18  HOH HOH AAA . 
E 4 HOH 124 424 67  HOH HOH AAA . 
E 4 HOH 125 425 153 HOH HOH AAA . 
E 4 HOH 126 426 3   HOH HOH AAA . 
E 4 HOH 127 427 159 HOH HOH AAA . 
E 4 HOH 128 428 168 HOH HOH AAA . 
E 4 HOH 129 429 201 HOH HOH AAA . 
E 4 HOH 130 430 65  HOH HOH AAA . 
E 4 HOH 131 431 114 HOH HOH AAA . 
E 4 HOH 132 432 75  HOH HOH AAA . 
E 4 HOH 133 433 198 HOH HOH AAA . 
E 4 HOH 134 434 215 HOH HOH AAA . 
E 4 HOH 135 435 236 HOH HOH AAA . 
E 4 HOH 136 436 257 HOH HOH AAA . 
E 4 HOH 137 437 44  HOH HOH AAA . 
E 4 HOH 138 438 190 HOH HOH AAA . 
E 4 HOH 139 439 15  HOH HOH AAA . 
E 4 HOH 140 440 100 HOH HOH AAA . 
E 4 HOH 141 441 48  HOH HOH AAA . 
E 4 HOH 142 442 204 HOH HOH AAA . 
E 4 HOH 143 443 219 HOH HOH AAA . 
E 4 HOH 144 444 187 HOH HOH AAA . 
E 4 HOH 145 445 160 HOH HOH AAA . 
E 4 HOH 146 446 181 HOH HOH AAA . 
E 4 HOH 147 447 206 HOH HOH AAA . 
E 4 HOH 148 448 227 HOH HOH AAA . 
E 4 HOH 149 449 225 HOH HOH AAA . 
E 4 HOH 150 450 61  HOH HOH AAA . 
E 4 HOH 151 451 76  HOH HOH AAA . 
E 4 HOH 152 452 255 HOH HOH AAA . 
E 4 HOH 153 453 79  HOH HOH AAA . 
E 4 HOH 154 454 248 HOH HOH AAA . 
E 4 HOH 155 455 20  HOH HOH AAA . 
E 4 HOH 156 456 73  HOH HOH AAA . 
E 4 HOH 157 457 72  HOH HOH AAA . 
E 4 HOH 158 458 98  HOH HOH AAA . 
E 4 HOH 159 459 249 HOH HOH AAA . 
E 4 HOH 160 460 220 HOH HOH AAA . 
E 4 HOH 161 461 182 HOH HOH AAA . 
E 4 HOH 162 462 200 HOH HOH AAA . 
E 4 HOH 163 463 147 HOH HOH AAA . 
E 4 HOH 164 464 123 HOH HOH AAA . 
E 4 HOH 165 465 29  HOH HOH AAA . 
E 4 HOH 166 466 145 HOH HOH AAA . 
E 4 HOH 167 467 60  HOH HOH AAA . 
E 4 HOH 168 468 191 HOH HOH AAA . 
E 4 HOH 169 469 189 HOH HOH AAA . 
E 4 HOH 170 470 242 HOH HOH AAA . 
E 4 HOH 171 471 132 HOH HOH AAA . 
E 4 HOH 172 472 244 HOH HOH AAA . 
E 4 HOH 173 473 238 HOH HOH AAA . 
E 4 HOH 174 474 142 HOH HOH AAA . 
E 4 HOH 175 475 234 HOH HOH AAA . 
E 4 HOH 176 476 240 HOH HOH AAA . 
E 4 HOH 177 477 84  HOH HOH AAA . 
E 4 HOH 178 478 254 HOH HOH AAA . 
E 4 HOH 179 479 216 HOH HOH AAA . 
E 4 HOH 180 480 224 HOH HOH AAA . 
E 4 HOH 181 481 251 HOH HOH AAA . 
E 4 HOH 182 482 233 HOH HOH AAA . 
E 4 HOH 183 483 252 HOH HOH AAA . 
E 4 HOH 184 484 218 HOH HOH AAA . 
E 4 HOH 185 485 138 HOH HOH AAA . 
E 4 HOH 186 486 194 HOH HOH AAA . 
E 4 HOH 187 487 85  HOH HOH AAA . 
# 
loop_
_software.citation_id 
_software.classification 
_software.compiler_name 
_software.compiler_version 
_software.contact_author 
_software.contact_author_email 
_software.date 
_software.description 
_software.dependencies 
_software.hardware 
_software.language 
_software.location 
_software.mods 
_software.name 
_software.os 
_software.os_version 
_software.type 
_software.version 
_software.pdbx_ordinal 
? refinement       ? ? ? ? ? ? ? ? ? ? ? REFMAC  ? ? ? 5.8.0258 1 
? refinement       ? ? ? ? ? ? ? ? ? ? ? REFMAC  ? ? ? 5.8.0258 2 
? 'data scaling'   ? ? ? ? ? ? ? ? ? ? ? Aimless ? ? ? 0.7.4    3 
? 'data reduction' ? ? ? ? ? ? ? ? ? ? ? xia2    ? ? ? .        4 
? phasing          ? ? ? ? ? ? ? ? ? ? ? PHASER  ? ? ? .        5 
# 
_cell.angle_alpha                  90.000 
_cell.angle_alpha_esd              ? 
_cell.angle_beta                   90.000 
_cell.angle_beta_esd               ? 
_cell.angle_gamma                  90.000 
_cell.angle_gamma_esd              ? 
_cell.entry_id                     7ZAJ 
_cell.details                      ? 
_cell.formula_units_Z              ? 
_cell.length_a                     37.958 
_cell.length_a_esd                 ? 
_cell.length_b                     43.372 
_cell.length_b_esd                 ? 
_cell.length_c                     79.444 
_cell.length_c_esd                 ? 
_cell.volume                       ? 
_cell.volume_esd                   ? 
_cell.Z_PDB                        4 
_cell.reciprocal_angle_alpha       ? 
_cell.reciprocal_angle_beta        ? 
_cell.reciprocal_angle_gamma       ? 
_cell.reciprocal_angle_alpha_esd   ? 
_cell.reciprocal_angle_beta_esd    ? 
_cell.reciprocal_angle_gamma_esd   ? 
_cell.reciprocal_length_a          ? 
_cell.reciprocal_length_b          ? 
_cell.reciprocal_length_c          ? 
_cell.reciprocal_length_a_esd      ? 
_cell.reciprocal_length_b_esd      ? 
_cell.reciprocal_length_c_esd      ? 
_cell.pdbx_unique_axis             ? 
# 
_symmetry.entry_id                         7ZAJ 
_symmetry.cell_setting                     ? 
_symmetry.Int_Tables_number                19 
_symmetry.space_group_name_Hall            ? 
_symmetry.space_group_name_H-M             'P 21 21 21' 
_symmetry.pdbx_full_space_group_name_H-M   ? 
# 
_exptl.absorpt_coefficient_mu     ? 
_exptl.absorpt_correction_T_max   ? 
_exptl.absorpt_correction_T_min   ? 
_exptl.absorpt_correction_type    ? 
_exptl.absorpt_process_details    ? 
_exptl.entry_id                   7ZAJ 
_exptl.crystals_number            1 
_exptl.details                    ? 
_exptl.method                     'X-RAY DIFFRACTION' 
_exptl.method_details             ? 
# 
_exptl_crystal.colour                      ? 
_exptl_crystal.density_diffrn              ? 
_exptl_crystal.density_Matthews            2.14 
_exptl_crystal.density_method              ? 
_exptl_crystal.density_percent_sol         42.47 
_exptl_crystal.description                 ? 
_exptl_crystal.F_000                       ? 
_exptl_crystal.id                          1 
_exptl_crystal.preparation                 ? 
_exptl_crystal.size_max                    ? 
_exptl_crystal.size_mid                    ? 
_exptl_crystal.size_min                    ? 
_exptl_crystal.size_rad                    ? 
_exptl_crystal.colour_lustre               ? 
_exptl_crystal.colour_modifier             ? 
_exptl_crystal.colour_primary              ? 
_exptl_crystal.density_meas                ? 
_exptl_crystal.density_meas_esd            ? 
_exptl_crystal.density_meas_gt             ? 
_exptl_crystal.density_meas_lt             ? 
_exptl_crystal.density_meas_temp           ? 
_exptl_crystal.density_meas_temp_esd       ? 
_exptl_crystal.density_meas_temp_gt        ? 
_exptl_crystal.density_meas_temp_lt        ? 
_exptl_crystal.pdbx_crystal_image_url      ? 
_exptl_crystal.pdbx_crystal_image_format   ? 
_exptl_crystal.pdbx_mosaicity              ? 
_exptl_crystal.pdbx_mosaicity_esd          ? 
# 
_exptl_crystal_grow.apparatus       ? 
_exptl_crystal_grow.atmosphere      ? 
_exptl_crystal_grow.crystal_id      1 
_exptl_crystal_grow.details         ? 
_exptl_crystal_grow.method          'VAPOR DIFFUSION, SITTING DROP' 
_exptl_crystal_grow.method_ref      ? 
_exptl_crystal_grow.pH              8.5 
_exptl_crystal_grow.pressure        ? 
_exptl_crystal_grow.pressure_esd    ? 
_exptl_crystal_grow.seeding         ? 
_exptl_crystal_grow.seeding_ref     ? 
_exptl_crystal_grow.temp            293 
_exptl_crystal_grow.temp_details    ? 
_exptl_crystal_grow.temp_esd        ? 
_exptl_crystal_grow.time            ? 
_exptl_crystal_grow.pdbx_details    
;0.1 M Buffer system 3 (1 M Tris, 1 M BICINE, pH 8.5), 34-44% Precipitant Solution 3 (20% PEG 4000, 40%) and 60-80 mM Halogens Mix (NaF, NaBr and NaI) solution
;
_exptl_crystal_grow.pdbx_pH_range   ? 
# 
_diffrn.ambient_environment              ? 
_diffrn.ambient_temp                     100 
_diffrn.ambient_temp_details             ? 
_diffrn.ambient_temp_esd                 ? 
_diffrn.crystal_id                       1 
_diffrn.crystal_support                  ? 
_diffrn.crystal_treatment                ? 
_diffrn.details                          ? 
_diffrn.id                               1 
_diffrn.ambient_pressure                 ? 
_diffrn.ambient_pressure_esd             ? 
_diffrn.ambient_pressure_gt              ? 
_diffrn.ambient_pressure_lt              ? 
_diffrn.ambient_temp_gt                  ? 
_diffrn.ambient_temp_lt                  ? 
_diffrn.pdbx_serial_crystal_experiment   N 
# 
_diffrn_detector.details                      ? 
_diffrn_detector.detector                     PIXEL 
_diffrn_detector.diffrn_id                    1 
_diffrn_detector.type                         'DECTRIS PILATUS 6M' 
_diffrn_detector.area_resol_mean              ? 
_diffrn_detector.dtime                        ? 
_diffrn_detector.pdbx_frames_total            ? 
_diffrn_detector.pdbx_collection_time_total   ? 
_diffrn_detector.pdbx_collection_date         2019-08-04 
_diffrn_detector.pdbx_frequency               ? 
# 
_diffrn_radiation.collimation                      ? 
_diffrn_radiation.diffrn_id                        1 
_diffrn_radiation.filter_edge                      ? 
_diffrn_radiation.inhomogeneity                    ? 
_diffrn_radiation.monochromator                    ? 
_diffrn_radiation.polarisn_norm                    ? 
_diffrn_radiation.polarisn_ratio                   ? 
_diffrn_radiation.probe                            ? 
_diffrn_radiation.type                             ? 
_diffrn_radiation.xray_symbol                      ? 
_diffrn_radiation.wavelength_id                    1 
_diffrn_radiation.pdbx_monochromatic_or_laue_m_l   M 
_diffrn_radiation.pdbx_wavelength_list             ? 
_diffrn_radiation.pdbx_wavelength                  ? 
_diffrn_radiation.pdbx_diffrn_protocol             'SINGLE WAVELENGTH' 
_diffrn_radiation.pdbx_analyzer                    ? 
_diffrn_radiation.pdbx_scattering_type             x-ray 
# 
_diffrn_radiation_wavelength.id           1 
_diffrn_radiation_wavelength.wavelength   0.953970 
_diffrn_radiation_wavelength.wt           1.0 
# 
_diffrn_source.current                     ? 
_diffrn_source.details                     ? 
_diffrn_source.diffrn_id                   1 
_diffrn_source.power                       ? 
_diffrn_source.size                        ? 
_diffrn_source.source                      SYNCHROTRON 
_diffrn_source.target                      ? 
_diffrn_source.type                        'DIAMOND BEAMLINE I04-1' 
_diffrn_source.voltage                     ? 
_diffrn_source.take-off_angle              ? 
_diffrn_source.pdbx_wavelength_list        0.953970 
_diffrn_source.pdbx_wavelength             ? 
_diffrn_source.pdbx_synchrotron_beamline   I04-1 
_diffrn_source.pdbx_synchrotron_site       Diamond 
# 
_reflns.B_iso_Wilson_estimate                          ? 
_reflns.entry_id                                       7ZAJ 
_reflns.data_reduction_details                         ? 
_reflns.data_reduction_method                          ? 
_reflns.d_resolution_high                              1.00 
_reflns.d_resolution_low                               39.72 
_reflns.details                                        ? 
_reflns.limit_h_max                                    ? 
_reflns.limit_h_min                                    ? 
_reflns.limit_k_max                                    ? 
_reflns.limit_k_min                                    ? 
_reflns.limit_l_max                                    ? 
_reflns.limit_l_min                                    ? 
_reflns.number_all                                     ? 
_reflns.number_obs                                     60952 
_reflns.observed_criterion                             ? 
_reflns.observed_criterion_F_max                       ? 
_reflns.observed_criterion_F_min                       ? 
_reflns.observed_criterion_I_max                       ? 
_reflns.observed_criterion_I_min                       ? 
_reflns.observed_criterion_sigma_F                     ? 
_reflns.observed_criterion_sigma_I                     ? 
_reflns.percent_possible_obs                           85.4 
_reflns.R_free_details                                 ? 
_reflns.Rmerge_F_all                                   ? 
_reflns.Rmerge_F_obs                                   ? 
_reflns.Friedel_coverage                               ? 
_reflns.number_gt                                      ? 
_reflns.threshold_expression                           ? 
_reflns.pdbx_redundancy                                5.7 
_reflns.pdbx_Rmerge_I_obs                              0.061 
_reflns.pdbx_Rmerge_I_all                              ? 
_reflns.pdbx_Rsym_value                                ? 
_reflns.pdbx_netI_over_av_sigmaI                       ? 
_reflns.pdbx_netI_over_sigmaI                          13.1 
_reflns.pdbx_res_netI_over_av_sigmaI_2                 ? 
_reflns.pdbx_res_netI_over_sigmaI_2                    ? 
_reflns.pdbx_chi_squared                               ? 
_reflns.pdbx_scaling_rejects                           ? 
_reflns.pdbx_d_res_high_opt                            ? 
_reflns.pdbx_d_res_low_opt                             ? 
_reflns.pdbx_d_res_opt_method                          ? 
_reflns.phase_calculation_details                      ? 
_reflns.pdbx_Rrim_I_all                                0.071 
_reflns.pdbx_Rpim_I_all                                0.036 
_reflns.pdbx_d_opt                                     ? 
_reflns.pdbx_number_measured_all                       ? 
_reflns.pdbx_diffrn_id                                 1 
_reflns.pdbx_ordinal                                   1 
_reflns.pdbx_CC_half                                   0.996 
_reflns.pdbx_CC_star                                   ? 
_reflns.pdbx_R_split                                   ? 
_reflns.pdbx_aniso_diffraction_limit_axis_1_ortho[1]   ? 
_reflns.pdbx_aniso_diffraction_limit_axis_1_ortho[2]   ? 
_reflns.pdbx_aniso_diffraction_limit_axis_1_ortho[3]   ? 
_reflns.pdbx_aniso_diffraction_limit_axis_2_ortho[1]   ? 
_reflns.pdbx_aniso_diffraction_limit_axis_2_ortho[2]   ? 
_reflns.pdbx_aniso_diffraction_limit_axis_2_ortho[3]   ? 
_reflns.pdbx_aniso_diffraction_limit_axis_3_ortho[1]   ? 
_reflns.pdbx_aniso_diffraction_limit_axis_3_ortho[2]   ? 
_reflns.pdbx_aniso_diffraction_limit_axis_3_ortho[3]   ? 
_reflns.pdbx_aniso_diffraction_limit_1                 ? 
_reflns.pdbx_aniso_diffraction_limit_2                 ? 
_reflns.pdbx_aniso_diffraction_limit_3                 ? 
_reflns.pdbx_aniso_B_tensor_eigenvector_1_ortho[1]     ? 
_reflns.pdbx_aniso_B_tensor_eigenvector_1_ortho[2]     ? 
_reflns.pdbx_aniso_B_tensor_eigenvector_1_ortho[3]     ? 
_reflns.pdbx_aniso_B_tensor_eigenvector_2_ortho[1]     ? 
_reflns.pdbx_aniso_B_tensor_eigenvector_2_ortho[2]     ? 
_reflns.pdbx_aniso_B_tensor_eigenvector_2_ortho[3]     ? 
_reflns.pdbx_aniso_B_tensor_eigenvector_3_ortho[1]     ? 
_reflns.pdbx_aniso_B_tensor_eigenvector_3_ortho[2]     ? 
_reflns.pdbx_aniso_B_tensor_eigenvector_3_ortho[3]     ? 
_reflns.pdbx_aniso_B_tensor_eigenvalue_1               ? 
_reflns.pdbx_aniso_B_tensor_eigenvalue_2               ? 
_reflns.pdbx_aniso_B_tensor_eigenvalue_3               ? 
_reflns.pdbx_orthogonalization_convention              ? 
_reflns.pdbx_percent_possible_ellipsoidal              ? 
_reflns.pdbx_percent_possible_spherical                ? 
_reflns.pdbx_percent_possible_ellipsoidal_anomalous    ? 
_reflns.pdbx_percent_possible_spherical_anomalous      ? 
_reflns.pdbx_redundancy_anomalous                      ? 
_reflns.pdbx_CC_half_anomalous                         ? 
_reflns.pdbx_absDiff_over_sigma_anomalous              ? 
_reflns.pdbx_percent_possible_anomalous                ? 
_reflns.pdbx_observed_signal_threshold                 ? 
_reflns.pdbx_signal_type                               ? 
_reflns.pdbx_signal_details                            ? 
_reflns.pdbx_signal_software_id                        ? 
# 
loop_
_reflns_shell.d_res_high 
_reflns_shell.d_res_low 
_reflns_shell.meanI_over_sigI_all 
_reflns_shell.meanI_over_sigI_obs 
_reflns_shell.number_measured_all 
_reflns_shell.number_measured_obs 
_reflns_shell.number_possible 
_reflns_shell.number_unique_all 
_reflns_shell.number_unique_obs 
_reflns_shell.percent_possible_all 
_reflns_shell.percent_possible_obs 
_reflns_shell.Rmerge_F_all 
_reflns_shell.Rmerge_F_obs 
_reflns_shell.Rmerge_I_all 
_reflns_shell.Rmerge_I_obs 
_reflns_shell.meanI_over_sigI_gt 
_reflns_shell.meanI_over_uI_all 
_reflns_shell.meanI_over_uI_gt 
_reflns_shell.number_measured_gt 
_reflns_shell.number_unique_gt 
_reflns_shell.percent_possible_gt 
_reflns_shell.Rmerge_F_gt 
_reflns_shell.Rmerge_I_gt 
_reflns_shell.pdbx_redundancy 
_reflns_shell.pdbx_Rsym_value 
_reflns_shell.pdbx_chi_squared 
_reflns_shell.pdbx_netI_over_sigmaI_all 
_reflns_shell.pdbx_netI_over_sigmaI_obs 
_reflns_shell.pdbx_Rrim_I_all 
_reflns_shell.pdbx_Rpim_I_all 
_reflns_shell.pdbx_rejects 
_reflns_shell.pdbx_ordinal 
_reflns_shell.pdbx_diffrn_id 
_reflns_shell.pdbx_CC_half 
_reflns_shell.pdbx_CC_star 
_reflns_shell.pdbx_R_split 
_reflns_shell.pdbx_percent_possible_ellipsoidal 
_reflns_shell.pdbx_percent_possible_spherical 
_reflns_shell.pdbx_percent_possible_ellipsoidal_anomalous 
_reflns_shell.pdbx_percent_possible_spherical_anomalous 
_reflns_shell.pdbx_redundancy_anomalous 
_reflns_shell.pdbx_CC_half_anomalous 
_reflns_shell.pdbx_absDiff_over_sigma_anomalous 
_reflns_shell.pdbx_percent_possible_anomalous 
5.48 39.72 ? ? ? ? ? ? 525 ? ? ? ? ? 0.083 ? ? ? ? ? ? ? ? 6.0 ? ? ? ? 0.098 0.051 ? 1 1 0.983 ? ? ? ? ? ? ? ? ? ? 
1.00 1.02  ? ? ? ? ? ? 718 ? ? ? ? ? 0.628 ? ? ? ? ? ? ? ? 1.3 ? ? ? ? 0.884 0.622 ? 2 1 0.360 ? ? ? ? ? ? ? ? ? ? 
# 
_refine.aniso_B[1][1]                            0.343 
_refine.aniso_B[1][2]                            0.000 
_refine.aniso_B[1][3]                            -0.000 
_refine.aniso_B[2][2]                            -0.374 
_refine.aniso_B[2][3]                            0.000 
_refine.aniso_B[3][3]                            0.031 
_refine.B_iso_max                                ? 
_refine.B_iso_mean                               13.760 
_refine.B_iso_min                                ? 
_refine.correlation_coeff_Fo_to_Fc               0.964 
_refine.correlation_coeff_Fo_to_Fc_free          0.952 
_refine.details                                  'Hydrogens have been added in their riding positions' 
_refine.diff_density_max                         ? 
_refine.diff_density_max_esd                     ? 
_refine.diff_density_min                         ? 
_refine.diff_density_min_esd                     ? 
_refine.diff_density_rms                         ? 
_refine.diff_density_rms_esd                     ? 
_refine.entry_id                                 7ZAJ 
_refine.pdbx_refine_id                           'X-RAY DIFFRACTION' 
_refine.ls_abs_structure_details                 ? 
_refine.ls_abs_structure_Flack                   ? 
_refine.ls_abs_structure_Flack_esd               ? 
_refine.ls_abs_structure_Rogers                  ? 
_refine.ls_abs_structure_Rogers_esd              ? 
_refine.ls_d_res_high                            1.000 
_refine.ls_d_res_low                             39.72 
_refine.ls_extinction_coef                       ? 
_refine.ls_extinction_coef_esd                   ? 
_refine.ls_extinction_expression                 ? 
_refine.ls_extinction_method                     ? 
_refine.ls_goodness_of_fit_all                   ? 
_refine.ls_goodness_of_fit_all_esd               ? 
_refine.ls_goodness_of_fit_obs                   ? 
_refine.ls_goodness_of_fit_obs_esd               ? 
_refine.ls_hydrogen_treatment                    ? 
_refine.ls_matrix_type                           ? 
_refine.ls_number_constraints                    ? 
_refine.ls_number_parameters                     ? 
_refine.ls_number_reflns_all                     ? 
_refine.ls_number_reflns_obs                     60895 
_refine.ls_number_reflns_R_free                  2981 
_refine.ls_number_reflns_R_work                  57914 
_refine.ls_number_restraints                     ? 
_refine.ls_percent_reflns_obs                    84.999 
_refine.ls_percent_reflns_R_free                 4.895 
_refine.ls_R_factor_all                          0.191 
_refine.ls_R_factor_obs                          ? 
_refine.ls_R_factor_R_free                       0.2138 
_refine.ls_R_factor_R_free_error                 ? 
_refine.ls_R_factor_R_free_error_details         ? 
_refine.ls_R_factor_R_work                       0.1901 
_refine.ls_R_Fsqd_factor_obs                     ? 
_refine.ls_R_I_factor_obs                        ? 
_refine.ls_redundancy_reflns_all                 ? 
_refine.ls_redundancy_reflns_obs                 ? 
_refine.ls_restrained_S_all                      ? 
_refine.ls_restrained_S_obs                      ? 
_refine.ls_shift_over_esd_max                    ? 
_refine.ls_shift_over_esd_mean                   ? 
_refine.ls_structure_factor_coef                 ? 
_refine.ls_weighting_details                     ? 
_refine.ls_weighting_scheme                      ? 
_refine.ls_wR_factor_all                         ? 
_refine.ls_wR_factor_obs                         ? 
_refine.ls_wR_factor_R_free                      ? 
_refine.ls_wR_factor_R_work                      ? 
_refine.occupancy_max                            ? 
_refine.occupancy_min                            ? 
_refine.solvent_model_details                    'MASK BULK SOLVENT' 
_refine.solvent_model_param_bsol                 ? 
_refine.solvent_model_param_ksol                 ? 
_refine.pdbx_R_complete                          ? 
_refine.ls_R_factor_gt                           ? 
_refine.ls_goodness_of_fit_gt                    ? 
_refine.ls_goodness_of_fit_ref                   ? 
_refine.ls_shift_over_su_max                     ? 
_refine.ls_shift_over_su_max_lt                  ? 
_refine.ls_shift_over_su_mean                    ? 
_refine.ls_shift_over_su_mean_lt                 ? 
_refine.pdbx_ls_sigma_I                          ? 
_refine.pdbx_ls_sigma_F                          ? 
_refine.pdbx_ls_sigma_Fsqd                       ? 
_refine.pdbx_data_cutoff_high_absF               ? 
_refine.pdbx_data_cutoff_high_rms_absF           ? 
_refine.pdbx_data_cutoff_low_absF                ? 
_refine.pdbx_isotropic_thermal_model             ? 
_refine.pdbx_ls_cross_valid_method               'FREE R-VALUE' 
_refine.pdbx_method_to_determine_struct          'MOLECULAR REPLACEMENT' 
_refine.pdbx_starting_model                      5LRQ 
_refine.pdbx_stereochemistry_target_values       ? 
_refine.pdbx_R_Free_selection_details            ? 
_refine.pdbx_stereochem_target_val_spec_case     ? 
_refine.pdbx_overall_ESU_R                       0.032 
_refine.pdbx_overall_ESU_R_Free                  0.035 
_refine.pdbx_solvent_vdw_probe_radii             1.200 
_refine.pdbx_solvent_ion_probe_radii             0.800 
_refine.pdbx_solvent_shrinkage_radii             0.800 
_refine.pdbx_real_space_R                        ? 
_refine.pdbx_density_correlation                 ? 
_refine.pdbx_pd_number_of_powder_patterns        ? 
_refine.pdbx_pd_number_of_points                 ? 
_refine.pdbx_pd_meas_number_of_points            ? 
_refine.pdbx_pd_proc_ls_prof_R_factor            ? 
_refine.pdbx_pd_proc_ls_prof_wR_factor           ? 
_refine.pdbx_pd_Marquardt_correlation_coeff      ? 
_refine.pdbx_pd_Fsqrd_R_factor                   ? 
_refine.pdbx_pd_ls_matrix_band_width             ? 
_refine.pdbx_overall_phase_error                 ? 
_refine.pdbx_overall_SU_R_free_Cruickshank_DPI   ? 
_refine.pdbx_overall_SU_R_free_Blow_DPI          ? 
_refine.pdbx_overall_SU_R_Blow_DPI               ? 
_refine.pdbx_TLS_residual_ADP_flag               ? 
_refine.pdbx_diffrn_id                           1 
_refine.overall_SU_B                             0.466 
_refine.overall_SU_ML                            0.024 
_refine.overall_SU_R_Cruickshank_DPI             ? 
_refine.overall_SU_R_free                        ? 
_refine.overall_FOM_free_R_set                   ? 
_refine.overall_FOM_work_R_set                   ? 
_refine.pdbx_average_fsc_overall                 ? 
_refine.pdbx_average_fsc_work                    ? 
_refine.pdbx_average_fsc_free                    ? 
# 
_refine_hist.pdbx_refine_id                   'X-RAY DIFFRACTION' 
_refine_hist.cycle_id                         LAST 
_refine_hist.details                          ? 
_refine_hist.d_res_high                       1.000 
_refine_hist.d_res_low                        39.72 
_refine_hist.number_atoms_solvent             187 
_refine_hist.number_atoms_total               1291 
_refine_hist.number_reflns_all                ? 
_refine_hist.number_reflns_obs                ? 
_refine_hist.number_reflns_R_free             ? 
_refine_hist.number_reflns_R_work             ? 
_refine_hist.R_factor_all                     ? 
_refine_hist.R_factor_obs                     ? 
_refine_hist.R_factor_R_free                  ? 
_refine_hist.R_factor_R_work                  ? 
_refine_hist.pdbx_number_residues_total       ? 
_refine_hist.pdbx_B_iso_mean_ligand           ? 
_refine_hist.pdbx_B_iso_mean_solvent          ? 
_refine_hist.pdbx_number_atoms_protein        1076 
_refine_hist.pdbx_number_atoms_nucleic_acid   0 
_refine_hist.pdbx_number_atoms_ligand         28 
_refine_hist.pdbx_number_atoms_lipid          ? 
_refine_hist.pdbx_number_atoms_carb           ? 
_refine_hist.pdbx_pseudo_atom_details         ? 
# 
loop_
_refine_ls_restr.pdbx_refine_id 
_refine_ls_restr.criterion 
_refine_ls_restr.dev_ideal 
_refine_ls_restr.dev_ideal_target 
_refine_ls_restr.number 
_refine_ls_restr.rejects 
_refine_ls_restr.type 
_refine_ls_restr.weight 
_refine_ls_restr.pdbx_restraint_function 
'X-RAY DIFFRACTION' ? 0.013  0.012  1184 ? r_bond_refined_d               ? ? 
'X-RAY DIFFRACTION' ? 1.957  1.653  1619 ? r_angle_refined_deg            ? ? 
'X-RAY DIFFRACTION' ? 5.552  5.000  140  ? r_dihedral_angle_1_deg         ? ? 
'X-RAY DIFFRACTION' ? 34.496 25.085 59   ? r_dihedral_angle_2_deg         ? ? 
'X-RAY DIFFRACTION' ? 11.462 15.000 207  ? r_dihedral_angle_3_deg         ? ? 
'X-RAY DIFFRACTION' ? 22.116 15.000 3    ? r_dihedral_angle_4_deg         ? ? 
'X-RAY DIFFRACTION' ? 0.135  0.200  150  ? r_chiral_restr                 ? ? 
'X-RAY DIFFRACTION' ? 0.012  0.020  929  ? r_gen_planes_refined           ? ? 
'X-RAY DIFFRACTION' ? 0.232  0.200  574  ? r_nbd_refined                  ? ? 
'X-RAY DIFFRACTION' ? 0.325  0.200  829  ? r_nbtor_refined                ? ? 
'X-RAY DIFFRACTION' ? 0.258  0.200  116  ? r_xyhbond_nbd_refined          ? ? 
'X-RAY DIFFRACTION' ? 0.282  0.200  47   ? r_symmetry_nbd_refined         ? ? 
'X-RAY DIFFRACTION' ? 0.214  0.200  30   ? r_symmetry_xyhbond_nbd_refined ? ? 
'X-RAY DIFFRACTION' ? 1.293  0.986  542  ? r_mcbond_it                    ? ? 
'X-RAY DIFFRACTION' ? 1.826  1.487  685  ? r_mcangle_it                   ? ? 
'X-RAY DIFFRACTION' ? 2.324  1.301  642  ? r_scbond_it                    ? ? 
'X-RAY DIFFRACTION' ? 3.450  1.841  933  ? r_scangle_it                   ? ? 
'X-RAY DIFFRACTION' ? 4.504  15.588 1957 ? r_lrange_it                    ? ? 
# 
loop_
_refine_ls_shell.pdbx_refine_id 
_refine_ls_shell.d_res_high 
_refine_ls_shell.d_res_low 
_refine_ls_shell.number_reflns_all 
_refine_ls_shell.number_reflns_obs 
_refine_ls_shell.number_reflns_R_free 
_refine_ls_shell.number_reflns_R_work 
_refine_ls_shell.percent_reflns_obs 
_refine_ls_shell.percent_reflns_R_free 
_refine_ls_shell.R_factor_all 
_refine_ls_shell.R_factor_obs 
_refine_ls_shell.R_factor_R_free 
_refine_ls_shell.R_factor_R_free_error 
_refine_ls_shell.R_factor_R_work 
_refine_ls_shell.redundancy_reflns_all 
_refine_ls_shell.redundancy_reflns_obs 
_refine_ls_shell.wR_factor_all 
_refine_ls_shell.wR_factor_obs 
_refine_ls_shell.wR_factor_R_free 
_refine_ls_shell.wR_factor_R_work 
_refine_ls_shell.pdbx_R_complete 
_refine_ls_shell.pdbx_total_number_of_bins_used 
_refine_ls_shell.pdbx_phase_error 
_refine_ls_shell.pdbx_fsc_work 
_refine_ls_shell.pdbx_fsc_free 
'X-RAY DIFFRACTION' 1.000 1.026 . . 55  1252 24.9523  . . . 0.330 . 0.332 . . . . . . . . . . . 
'X-RAY DIFFRACTION' 1.026 1.054 . . 113 2281 46.8952  . . . 0.286 . 0.302 . . . . . . . . . . . 
'X-RAY DIFFRACTION' 1.054 1.085 . . 156 2940 62.2437  . . . 0.287 . 0.267 . . . . . . . . . . . 
'X-RAY DIFFRACTION' 1.085 1.118 . . 188 3492 76.6507  . . . 0.266 . 0.238 . . . . . . . . . . . 
'X-RAY DIFFRACTION' 1.118 1.155 . . 186 3936 87.9266  . . . 0.243 . 0.211 . . . . . . . . . . . 
'X-RAY DIFFRACTION' 1.155 1.195 . . 219 3976 93.0568  . . . 0.244 . 0.205 . . . . . . . . . . . 
'X-RAY DIFFRACTION' 1.195 1.240 . . 192 4083 97.6920  . . . 0.198 . 0.196 . . . . . . . . . . . 
'X-RAY DIFFRACTION' 1.240 1.291 . . 206 3967 99.0271  . . . 0.211 . 0.195 . . . . . . . . . . . 
'X-RAY DIFFRACTION' 1.291 1.348 . . 213 3825 99.6791  . . . 0.200 . 0.191 . . . . . . . . . . . 
'X-RAY DIFFRACTION' 1.348 1.414 . . 197 3671 99.7164  . . . 0.225 . 0.183 . . . . . . . . . . . 
'X-RAY DIFFRACTION' 1.414 1.491 . . 166 3524 99.6489  . . . 0.187 . 0.181 . . . . . . . . . . . 
'X-RAY DIFFRACTION' 1.491 1.581 . . 172 3322 99.7716  . . . 0.209 . 0.167 . . . . . . . . . . . 
'X-RAY DIFFRACTION' 1.581 1.690 . . 171 3145 100.0000 . . . 0.204 . 0.172 . . . . . . . . . . . 
'X-RAY DIFFRACTION' 1.690 1.825 . . 144 2910 99.6411  . . . 0.202 . 0.175 . . . . . . . . . . . 
'X-RAY DIFFRACTION' 1.825 2.000 . . 145 2721 99.8606  . . . 0.200 . 0.177 . . . . . . . . . . . 
'X-RAY DIFFRACTION' 2.000 2.235 . . 128 2457 99.9613  . . . 0.197 . 0.184 . . . . . . . . . . . 
'X-RAY DIFFRACTION' 2.235 2.581 . . 110 2185 99.9129  . . . 0.200 . 0.181 . . . . . . . . . . . 
'X-RAY DIFFRACTION' 2.581 3.160 . . 101 1877 100.0000 . . . 0.232 . 0.196 . . . . . . . . . . . 
'X-RAY DIFFRACTION' 3.160 4.465 . . 74  1474 99.8710  . . . 0.185 . 0.165 . . . . . . . . . . . 
'X-RAY DIFFRACTION' 4.465 39.72 . . 45  876  100.0000 . . . 0.280 . 0.251 . . . . . . . . . . . 
# 
_struct.entry_id                     7ZAJ 
_struct.title                        'BRD4 in complex with FragLite16' 
_struct.pdbx_model_details           ? 
_struct.pdbx_formula_weight          ? 
_struct.pdbx_formula_weight_method   ? 
_struct.pdbx_model_type_details      ? 
_struct.pdbx_CASP_flag               N 
# 
_struct_keywords.entry_id        7ZAJ 
_struct_keywords.text            'BRD4, INHIBITOR, FRAGMENT, BROMODOMAIN, FRAGLITE, TRANSCRIPTION' 
_struct_keywords.pdbx_keywords   TRANSCRIPTION 
# 
loop_
_struct_asym.id 
_struct_asym.pdbx_blank_PDB_chainid_flag 
_struct_asym.pdbx_modified 
_struct_asym.entity_id 
_struct_asym.details 
A N N 1 ? 
B N N 2 ? 
C N N 3 ? 
D N N 3 ? 
E N N 4 ? 
# 
_struct_ref.id                         1 
_struct_ref.db_name                    UNP 
_struct_ref.db_code                    BRD4-2_HUMAN 
_struct_ref.pdbx_db_accession          O60885-2 
_struct_ref.pdbx_db_isoform            ? 
_struct_ref.entity_id                  1 
_struct_ref.pdbx_seq_one_letter_code   
;NPPPPETSNPNKPKRQTNQLQYLLRVVLKTLWKHQFAWPFQQPVDAVKLNLPDYYKIIKTPMDMGTIKKRLENNYYWNAQ
ECIQDFNTMFTNCYIYNKPGDDIVLMAEALEKLFLQKINELPTEE
;
_struct_ref.pdbx_align_begin           44 
# 
_struct_ref_seq.align_id                      1 
_struct_ref_seq.ref_id                        1 
_struct_ref_seq.pdbx_PDB_id_code              7ZAJ 
_struct_ref_seq.pdbx_strand_id                AAA 
_struct_ref_seq.seq_align_beg                 5 
_struct_ref_seq.pdbx_seq_align_beg_ins_code   ? 
_struct_ref_seq.seq_align_end                 129 
_struct_ref_seq.pdbx_seq_align_end_ins_code   ? 
_struct_ref_seq.pdbx_db_accession             O60885-2 
_struct_ref_seq.db_align_beg                  44 
_struct_ref_seq.pdbx_db_align_beg_ins_code    ? 
_struct_ref_seq.db_align_end                  168 
_struct_ref_seq.pdbx_db_align_end_ins_code    ? 
_struct_ref_seq.pdbx_auth_seq_align_beg       44 
_struct_ref_seq.pdbx_auth_seq_align_end       168 
# 
loop_
_struct_ref_seq_dif.align_id 
_struct_ref_seq_dif.pdbx_pdb_id_code 
_struct_ref_seq_dif.mon_id 
_struct_ref_seq_dif.pdbx_pdb_strand_id 
_struct_ref_seq_dif.seq_num 
_struct_ref_seq_dif.pdbx_pdb_ins_code 
_struct_ref_seq_dif.pdbx_seq_db_name 
_struct_ref_seq_dif.pdbx_seq_db_accession_code 
_struct_ref_seq_dif.db_mon_id 
_struct_ref_seq_dif.pdbx_seq_db_seq_num 
_struct_ref_seq_dif.details 
_struct_ref_seq_dif.pdbx_auth_seq_num 
_struct_ref_seq_dif.pdbx_ordinal 
1 7ZAJ GLY AAA 1 ? UNP O60885-2 ? ? 'expression tag' 40 1 
1 7ZAJ SER AAA 2 ? UNP O60885-2 ? ? 'expression tag' 41 2 
1 7ZAJ HIS AAA 3 ? UNP O60885-2 ? ? 'expression tag' 42 3 
1 7ZAJ MET AAA 4 ? UNP O60885-2 ? ? 'expression tag' 43 4 
# 
_pdbx_struct_assembly.id                   1 
_pdbx_struct_assembly.details              author_defined_assembly 
_pdbx_struct_assembly.method_details       ? 
_pdbx_struct_assembly.oligomeric_details   monomeric 
_pdbx_struct_assembly.oligomeric_count     1 
# 
_pdbx_struct_assembly_gen.assembly_id       1 
_pdbx_struct_assembly_gen.oper_expression   1 
_pdbx_struct_assembly_gen.asym_id_list      A,B,C,D,E 
# 
_pdbx_struct_assembly_auth_evidence.id                     1 
_pdbx_struct_assembly_auth_evidence.assembly_id            1 
_pdbx_struct_assembly_auth_evidence.experimental_support   'gel filtration' 
_pdbx_struct_assembly_auth_evidence.details                ? 
# 
_pdbx_struct_oper_list.id                   1 
_pdbx_struct_oper_list.type                 'identity operation' 
_pdbx_struct_oper_list.name                 1_555 
_pdbx_struct_oper_list.symmetry_operation   x,y,z 
_pdbx_struct_oper_list.matrix[1][1]         1.0000000000 
_pdbx_struct_oper_list.matrix[1][2]         0.0000000000 
_pdbx_struct_oper_list.matrix[1][3]         0.0000000000 
_pdbx_struct_oper_list.vector[1]            0.0000000000 
_pdbx_struct_oper_list.matrix[2][1]         0.0000000000 
_pdbx_struct_oper_list.matrix[2][2]         1.0000000000 
_pdbx_struct_oper_list.matrix[2][3]         0.0000000000 
_pdbx_struct_oper_list.vector[2]            0.0000000000 
_pdbx_struct_oper_list.matrix[3][1]         0.0000000000 
_pdbx_struct_oper_list.matrix[3][2]         0.0000000000 
_pdbx_struct_oper_list.matrix[3][3]         1.0000000000 
_pdbx_struct_oper_list.vector[3]            0.0000000000 
# 
loop_
_struct_conf.conf_type_id 
_struct_conf.id 
_struct_conf.pdbx_PDB_helix_id 
_struct_conf.beg_label_comp_id 
_struct_conf.beg_label_asym_id 
_struct_conf.beg_label_seq_id 
_struct_conf.pdbx_beg_PDB_ins_code 
_struct_conf.end_label_comp_id 
_struct_conf.end_label_asym_id 
_struct_conf.end_label_seq_id 
_struct_conf.pdbx_end_PDB_ins_code 
_struct_conf.beg_auth_comp_id 
_struct_conf.beg_auth_asym_id 
_struct_conf.beg_auth_seq_id 
_struct_conf.end_auth_comp_id 
_struct_conf.end_auth_asym_id 
_struct_conf.end_auth_seq_id 
_struct_conf.pdbx_PDB_helix_class 
_struct_conf.details 
_struct_conf.pdbx_PDB_helix_length 
HELX_P HELX_P1 AA1 THR A 21  ? VAL A 30  ? THR AAA 60  VAL AAA 69  1 ? 10 
HELX_P HELX_P2 AA2 VAL A 30  ? LYS A 37  ? VAL AAA 69  LYS AAA 76  1 ? 8  
HELX_P HELX_P3 AA3 ALA A 41  ? GLN A 45  ? ALA AAA 80  GLN AAA 84  5 ? 5  
HELX_P HELX_P4 AA4 ASP A 57  ? ILE A 62  ? ASP AAA 96  ILE AAA 101 1 ? 6  
HELX_P HELX_P5 AA5 ASP A 67  ? ASN A 77  ? ASP AAA 106 ASN AAA 116 1 ? 11 
HELX_P HELX_P6 AA6 ASN A 82  ? ASN A 101 ? ASN AAA 121 ASN AAA 140 1 ? 20 
HELX_P HELX_P7 AA7 ASP A 105 ? ASN A 123 ? ASP AAA 144 ASN AAA 162 1 ? 19 
# 
_struct_conf_type.id          HELX_P 
_struct_conf_type.criteria    ? 
_struct_conf_type.reference   ? 
# 
loop_
_pdbx_validate_close_contact.id 
_pdbx_validate_close_contact.PDB_model_num 
_pdbx_validate_close_contact.auth_atom_id_1 
_pdbx_validate_close_contact.auth_asym_id_1 
_pdbx_validate_close_contact.auth_comp_id_1 
_pdbx_validate_close_contact.auth_seq_id_1 
_pdbx_validate_close_contact.PDB_ins_code_1 
_pdbx_validate_close_contact.label_alt_id_1 
_pdbx_validate_close_contact.auth_atom_id_2 
_pdbx_validate_close_contact.auth_asym_id_2 
_pdbx_validate_close_contact.auth_comp_id_2 
_pdbx_validate_close_contact.auth_seq_id_2 
_pdbx_validate_close_contact.PDB_ins_code_2 
_pdbx_validate_close_contact.label_alt_id_2 
_pdbx_validate_close_contact.dist 
1 1 O   AAA HOH 379 ? ? O AAA HOH 403 ? ? 1.66 
2 1 O   AAA HOH 422 ? ? O AAA HOH 436 ? ? 1.76 
3 1 O   AAA HOH 311 ? ? O AAA HOH 446 ? ? 1.78 
4 1 OE1 AAA GLN 123 ? ? O AAA HOH 301 ? ? 1.90 
5 1 O   AAA HOH 429 ? ? O AAA HOH 460 ? ? 2.08 
6 1 C   AAA GLU 168 ? ? O AAA HOH 303 ? ? 2.11 
# 
_pdbx_validate_symm_contact.id                1 
_pdbx_validate_symm_contact.PDB_model_num     1 
_pdbx_validate_symm_contact.auth_atom_id_1    ND2 
_pdbx_validate_symm_contact.auth_asym_id_1    AAA 
_pdbx_validate_symm_contact.auth_comp_id_1    ASN 
_pdbx_validate_symm_contact.auth_seq_id_1     54 
_pdbx_validate_symm_contact.PDB_ins_code_1    ? 
_pdbx_validate_symm_contact.label_alt_id_1    ? 
_pdbx_validate_symm_contact.site_symmetry_1   1_555 
_pdbx_validate_symm_contact.auth_atom_id_2    O3 
_pdbx_validate_symm_contact.auth_asym_id_2    AAA 
_pdbx_validate_symm_contact.auth_comp_id_2    GOL 
_pdbx_validate_symm_contact.auth_seq_id_2     201 
_pdbx_validate_symm_contact.PDB_ins_code_2    ? 
_pdbx_validate_symm_contact.label_alt_id_2    ? 
_pdbx_validate_symm_contact.site_symmetry_2   3_444 
_pdbx_validate_symm_contact.dist              1.94 
# 
_pdbx_validate_rmsd_angle.id                         1 
_pdbx_validate_rmsd_angle.PDB_model_num              1 
_pdbx_validate_rmsd_angle.auth_atom_id_1             CG 
_pdbx_validate_rmsd_angle.auth_asym_id_1             AAA 
_pdbx_validate_rmsd_angle.auth_comp_id_1             ARG 
_pdbx_validate_rmsd_angle.auth_seq_id_1              58 
_pdbx_validate_rmsd_angle.PDB_ins_code_1             ? 
_pdbx_validate_rmsd_angle.label_alt_id_1             ? 
_pdbx_validate_rmsd_angle.auth_atom_id_2             CD 
_pdbx_validate_rmsd_angle.auth_asym_id_2             AAA 
_pdbx_validate_rmsd_angle.auth_comp_id_2             ARG 
_pdbx_validate_rmsd_angle.auth_seq_id_2              58 
_pdbx_validate_rmsd_angle.PDB_ins_code_2             ? 
_pdbx_validate_rmsd_angle.label_alt_id_2             ? 
_pdbx_validate_rmsd_angle.auth_atom_id_3             NE 
_pdbx_validate_rmsd_angle.auth_asym_id_3             AAA 
_pdbx_validate_rmsd_angle.auth_comp_id_3             ARG 
_pdbx_validate_rmsd_angle.auth_seq_id_3              58 
_pdbx_validate_rmsd_angle.PDB_ins_code_3             ? 
_pdbx_validate_rmsd_angle.label_alt_id_3             ? 
_pdbx_validate_rmsd_angle.angle_value                98.60 
_pdbx_validate_rmsd_angle.angle_target_value         111.80 
_pdbx_validate_rmsd_angle.angle_deviation            -13.20 
_pdbx_validate_rmsd_angle.angle_standard_deviation   2.10 
_pdbx_validate_rmsd_angle.linker_flag                N 
# 
loop_
_pdbx_validate_torsion.id 
_pdbx_validate_torsion.PDB_model_num 
_pdbx_validate_torsion.auth_comp_id 
_pdbx_validate_torsion.auth_asym_id 
_pdbx_validate_torsion.auth_seq_id 
_pdbx_validate_torsion.PDB_ins_code 
_pdbx_validate_torsion.label_alt_id 
_pdbx_validate_torsion.phi 
_pdbx_validate_torsion.psi 
1 1 ASN AAA 52 ? ? -162.95 104.18 
2 1 ASN AAA 52 ? ? -172.57 104.18 
# 
_pdbx_entry_details.entry_id                 7ZAJ 
_pdbx_entry_details.has_ligand_of_interest   Y 
_pdbx_entry_details.compound_details         ? 
_pdbx_entry_details.source_details           ? 
_pdbx_entry_details.nonpolymer_details       ? 
_pdbx_entry_details.sequence_details         ? 
# 
loop_
_chem_comp_atom.comp_id 
_chem_comp_atom.atom_id 
_chem_comp_atom.type_symbol 
_chem_comp_atom.pdbx_aromatic_flag 
_chem_comp_atom.pdbx_stereo_config 
_chem_comp_atom.pdbx_ordinal 
ALA N    N  N N 1   
ALA CA   C  N S 2   
ALA C    C  N N 3   
ALA O    O  N N 4   
ALA CB   C  N N 5   
ALA OXT  O  N N 6   
ALA H    H  N N 7   
ALA H2   H  N N 8   
ALA HA   H  N N 9   
ALA HB1  H  N N 10  
ALA HB2  H  N N 11  
ALA HB3  H  N N 12  
ALA HXT  H  N N 13  
ARG N    N  N N 14  
ARG CA   C  N S 15  
ARG C    C  N N 16  
ARG O    O  N N 17  
ARG CB   C  N N 18  
ARG CG   C  N N 19  
ARG CD   C  N N 20  
ARG NE   N  N N 21  
ARG CZ   C  N N 22  
ARG NH1  N  N N 23  
ARG NH2  N  N N 24  
ARG OXT  O  N N 25  
ARG H    H  N N 26  
ARG H2   H  N N 27  
ARG HA   H  N N 28  
ARG HB2  H  N N 29  
ARG HB3  H  N N 30  
ARG HG2  H  N N 31  
ARG HG3  H  N N 32  
ARG HD2  H  N N 33  
ARG HD3  H  N N 34  
ARG HE   H  N N 35  
ARG HH11 H  N N 36  
ARG HH12 H  N N 37  
ARG HH21 H  N N 38  
ARG HH22 H  N N 39  
ARG HXT  H  N N 40  
ASN N    N  N N 41  
ASN CA   C  N S 42  
ASN C    C  N N 43  
ASN O    O  N N 44  
ASN CB   C  N N 45  
ASN CG   C  N N 46  
ASN OD1  O  N N 47  
ASN ND2  N  N N 48  
ASN OXT  O  N N 49  
ASN H    H  N N 50  
ASN H2   H  N N 51  
ASN HA   H  N N 52  
ASN HB2  H  N N 53  
ASN HB3  H  N N 54  
ASN HD21 H  N N 55  
ASN HD22 H  N N 56  
ASN HXT  H  N N 57  
ASP N    N  N N 58  
ASP CA   C  N S 59  
ASP C    C  N N 60  
ASP O    O  N N 61  
ASP CB   C  N N 62  
ASP CG   C  N N 63  
ASP OD1  O  N N 64  
ASP OD2  O  N N 65  
ASP OXT  O  N N 66  
ASP H    H  N N 67  
ASP H2   H  N N 68  
ASP HA   H  N N 69  
ASP HB2  H  N N 70  
ASP HB3  H  N N 71  
ASP HD2  H  N N 72  
ASP HXT  H  N N 73  
CYS N    N  N N 74  
CYS CA   C  N R 75  
CYS C    C  N N 76  
CYS O    O  N N 77  
CYS CB   C  N N 78  
CYS SG   S  N N 79  
CYS OXT  O  N N 80  
CYS H    H  N N 81  
CYS H2   H  N N 82  
CYS HA   H  N N 83  
CYS HB2  H  N N 84  
CYS HB3  H  N N 85  
CYS HG   H  N N 86  
CYS HXT  H  N N 87  
GLN N    N  N N 88  
GLN CA   C  N S 89  
GLN C    C  N N 90  
GLN O    O  N N 91  
GLN CB   C  N N 92  
GLN CG   C  N N 93  
GLN CD   C  N N 94  
GLN OE1  O  N N 95  
GLN NE2  N  N N 96  
GLN OXT  O  N N 97  
GLN H    H  N N 98  
GLN H2   H  N N 99  
GLN HA   H  N N 100 
GLN HB2  H  N N 101 
GLN HB3  H  N N 102 
GLN HG2  H  N N 103 
GLN HG3  H  N N 104 
GLN HE21 H  N N 105 
GLN HE22 H  N N 106 
GLN HXT  H  N N 107 
GLU N    N  N N 108 
GLU CA   C  N S 109 
GLU C    C  N N 110 
GLU O    O  N N 111 
GLU CB   C  N N 112 
GLU CG   C  N N 113 
GLU CD   C  N N 114 
GLU OE1  O  N N 115 
GLU OE2  O  N N 116 
GLU OXT  O  N N 117 
GLU H    H  N N 118 
GLU H2   H  N N 119 
GLU HA   H  N N 120 
GLU HB2  H  N N 121 
GLU HB3  H  N N 122 
GLU HG2  H  N N 123 
GLU HG3  H  N N 124 
GLU HE2  H  N N 125 
GLU HXT  H  N N 126 
GLY N    N  N N 127 
GLY CA   C  N N 128 
GLY C    C  N N 129 
GLY O    O  N N 130 
GLY OXT  O  N N 131 
GLY H    H  N N 132 
GLY H2   H  N N 133 
GLY HA2  H  N N 134 
GLY HA3  H  N N 135 
GLY HXT  H  N N 136 
GOL C1   C  N N 137 
GOL O1   O  N N 138 
GOL C2   C  N N 139 
GOL O2   O  N N 140 
GOL C3   C  N N 141 
GOL O3   O  N N 142 
GOL H11  H  N N 143 
GOL H12  H  N N 144 
GOL HO1  H  N N 145 
GOL H2   H  N N 146 
GOL HO2  H  N N 147 
GOL H31  H  N N 148 
GOL H32  H  N N 149 
GOL HO3  H  N N 150 
HH8 C4   C  Y N 151 
HH8 C5   C  Y N 152 
HH8 C6   C  Y N 153 
HH8 C7   C  Y N 154 
HH8 C8   C  Y N 155 
HH8 N1   N  Y N 156 
HH8 N2   N  Y N 157 
HH8 C3   C  Y N 158 
HH8 BR1  BR N N 159 
HH8 C1   C  Y N 160 
HH8 C2   C  Y N 161 
HH8 H1   H  N N 162 
HH8 H2   H  N N 163 
HH8 H3   H  N N 164 
HH8 H4   H  N N 165 
HH8 H5   H  N N 166 
HIS N    N  N N 167 
HIS CA   C  N S 168 
HIS C    C  N N 169 
HIS O    O  N N 170 
HIS CB   C  N N 171 
HIS CG   C  Y N 172 
HIS ND1  N  Y N 173 
HIS CD2  C  Y N 174 
HIS CE1  C  Y N 175 
HIS NE2  N  Y N 176 
HIS OXT  O  N N 177 
HIS H    H  N N 178 
HIS H2   H  N N 179 
HIS HA   H  N N 180 
HIS HB2  H  N N 181 
HIS HB3  H  N N 182 
HIS HD1  H  N N 183 
HIS HD2  H  N N 184 
HIS HE1  H  N N 185 
HIS HE2  H  N N 186 
HIS HXT  H  N N 187 
HOH O    O  N N 188 
HOH H1   H  N N 189 
HOH H2   H  N N 190 
ILE N    N  N N 191 
ILE CA   C  N S 192 
ILE C    C  N N 193 
ILE O    O  N N 194 
ILE CB   C  N S 195 
ILE CG1  C  N N 196 
ILE CG2  C  N N 197 
ILE CD1  C  N N 198 
ILE OXT  O  N N 199 
ILE H    H  N N 200 
ILE H2   H  N N 201 
ILE HA   H  N N 202 
ILE HB   H  N N 203 
ILE HG12 H  N N 204 
ILE HG13 H  N N 205 
ILE HG21 H  N N 206 
ILE HG22 H  N N 207 
ILE HG23 H  N N 208 
ILE HD11 H  N N 209 
ILE HD12 H  N N 210 
ILE HD13 H  N N 211 
ILE HXT  H  N N 212 
LEU N    N  N N 213 
LEU CA   C  N S 214 
LEU C    C  N N 215 
LEU O    O  N N 216 
LEU CB   C  N N 217 
LEU CG   C  N N 218 
LEU CD1  C  N N 219 
LEU CD2  C  N N 220 
LEU OXT  O  N N 221 
LEU H    H  N N 222 
LEU H2   H  N N 223 
LEU HA   H  N N 224 
LEU HB2  H  N N 225 
LEU HB3  H  N N 226 
LEU HG   H  N N 227 
LEU HD11 H  N N 228 
LEU HD12 H  N N 229 
LEU HD13 H  N N 230 
LEU HD21 H  N N 231 
LEU HD22 H  N N 232 
LEU HD23 H  N N 233 
LEU HXT  H  N N 234 
LYS N    N  N N 235 
LYS CA   C  N S 236 
LYS C    C  N N 237 
LYS O    O  N N 238 
LYS CB   C  N N 239 
LYS CG   C  N N 240 
LYS CD   C  N N 241 
LYS CE   C  N N 242 
LYS NZ   N  N N 243 
LYS OXT  O  N N 244 
LYS H    H  N N 245 
LYS H2   H  N N 246 
LYS HA   H  N N 247 
LYS HB2  H  N N 248 
LYS HB3  H  N N 249 
LYS HG2  H  N N 250 
LYS HG3  H  N N 251 
LYS HD2  H  N N 252 
LYS HD3  H  N N 253 
LYS HE2  H  N N 254 
LYS HE3  H  N N 255 
LYS HZ1  H  N N 256 
LYS HZ2  H  N N 257 
LYS HZ3  H  N N 258 
LYS HXT  H  N N 259 
MET N    N  N N 260 
MET CA   C  N S 261 
MET C    C  N N 262 
MET O    O  N N 263 
MET CB   C  N N 264 
MET CG   C  N N 265 
MET SD   S  N N 266 
MET CE   C  N N 267 
MET OXT  O  N N 268 
MET H    H  N N 269 
MET H2   H  N N 270 
MET HA   H  N N 271 
MET HB2  H  N N 272 
MET HB3  H  N N 273 
MET HG2  H  N N 274 
MET HG3  H  N N 275 
MET HE1  H  N N 276 
MET HE2  H  N N 277 
MET HE3  H  N N 278 
MET HXT  H  N N 279 
PHE N    N  N N 280 
PHE CA   C  N S 281 
PHE C    C  N N 282 
PHE O    O  N N 283 
PHE CB   C  N N 284 
PHE CG   C  Y N 285 
PHE CD1  C  Y N 286 
PHE CD2  C  Y N 287 
PHE CE1  C  Y N 288 
PHE CE2  C  Y N 289 
PHE CZ   C  Y N 290 
PHE OXT  O  N N 291 
PHE H    H  N N 292 
PHE H2   H  N N 293 
PHE HA   H  N N 294 
PHE HB2  H  N N 295 
PHE HB3  H  N N 296 
PHE HD1  H  N N 297 
PHE HD2  H  N N 298 
PHE HE1  H  N N 299 
PHE HE2  H  N N 300 
PHE HZ   H  N N 301 
PHE HXT  H  N N 302 
PRO N    N  N N 303 
PRO CA   C  N S 304 
PRO C    C  N N 305 
PRO O    O  N N 306 
PRO CB   C  N N 307 
PRO CG   C  N N 308 
PRO CD   C  N N 309 
PRO OXT  O  N N 310 
PRO H    H  N N 311 
PRO HA   H  N N 312 
PRO HB2  H  N N 313 
PRO HB3  H  N N 314 
PRO HG2  H  N N 315 
PRO HG3  H  N N 316 
PRO HD2  H  N N 317 
PRO HD3  H  N N 318 
PRO HXT  H  N N 319 
SER N    N  N N 320 
SER CA   C  N S 321 
SER C    C  N N 322 
SER O    O  N N 323 
SER CB   C  N N 324 
SER OG   O  N N 325 
SER OXT  O  N N 326 
SER H    H  N N 327 
SER H2   H  N N 328 
SER HA   H  N N 329 
SER HB2  H  N N 330 
SER HB3  H  N N 331 
SER HG   H  N N 332 
SER HXT  H  N N 333 
THR N    N  N N 334 
THR CA   C  N S 335 
THR C    C  N N 336 
THR O    O  N N 337 
THR CB   C  N R 338 
THR OG1  O  N N 339 
THR CG2  C  N N 340 
THR OXT  O  N N 341 
THR H    H  N N 342 
THR H2   H  N N 343 
THR HA   H  N N 344 
THR HB   H  N N 345 
THR HG1  H  N N 346 
THR HG21 H  N N 347 
THR HG22 H  N N 348 
THR HG23 H  N N 349 
THR HXT  H  N N 350 
TRP N    N  N N 351 
TRP CA   C  N S 352 
TRP C    C  N N 353 
TRP O    O  N N 354 
TRP CB   C  N N 355 
TRP CG   C  Y N 356 
TRP CD1  C  Y N 357 
TRP CD2  C  Y N 358 
TRP NE1  N  Y N 359 
TRP CE2  C  Y N 360 
TRP CE3  C  Y N 361 
TRP CZ2  C  Y N 362 
TRP CZ3  C  Y N 363 
TRP CH2  C  Y N 364 
TRP OXT  O  N N 365 
TRP H    H  N N 366 
TRP H2   H  N N 367 
TRP HA   H  N N 368 
TRP HB2  H  N N 369 
TRP HB3  H  N N 370 
TRP HD1  H  N N 371 
TRP HE1  H  N N 372 
TRP HE3  H  N N 373 
TRP HZ2  H  N N 374 
TRP HZ3  H  N N 375 
TRP HH2  H  N N 376 
TRP HXT  H  N N 377 
TYR N    N  N N 378 
TYR CA   C  N S 379 
TYR C    C  N N 380 
TYR O    O  N N 381 
TYR CB   C  N N 382 
TYR CG   C  Y N 383 
TYR CD1  C  Y N 384 
TYR CD2  C  Y N 385 
TYR CE1  C  Y N 386 
TYR CE2  C  Y N 387 
TYR CZ   C  Y N 388 
TYR OH   O  N N 389 
TYR OXT  O  N N 390 
TYR H    H  N N 391 
TYR H2   H  N N 392 
TYR HA   H  N N 393 
TYR HB2  H  N N 394 
TYR HB3  H  N N 395 
TYR HD1  H  N N 396 
TYR HD2  H  N N 397 
TYR HE1  H  N N 398 
TYR HE2  H  N N 399 
TYR HH   H  N N 400 
TYR HXT  H  N N 401 
VAL N    N  N N 402 
VAL CA   C  N S 403 
VAL C    C  N N 404 
VAL O    O  N N 405 
VAL CB   C  N N 406 
VAL CG1  C  N N 407 
VAL CG2  C  N N 408 
VAL OXT  O  N N 409 
VAL H    H  N N 410 
VAL H2   H  N N 411 
VAL HA   H  N N 412 
VAL HB   H  N N 413 
VAL HG11 H  N N 414 
VAL HG12 H  N N 415 
VAL HG13 H  N N 416 
VAL HG21 H  N N 417 
VAL HG22 H  N N 418 
VAL HG23 H  N N 419 
VAL HXT  H  N N 420 
# 
loop_
_chem_comp_bond.comp_id 
_chem_comp_bond.atom_id_1 
_chem_comp_bond.atom_id_2 
_chem_comp_bond.value_order 
_chem_comp_bond.pdbx_aromatic_flag 
_chem_comp_bond.pdbx_stereo_config 
_chem_comp_bond.pdbx_ordinal 
ALA N   CA   sing N N 1   
ALA N   H    sing N N 2   
ALA N   H2   sing N N 3   
ALA CA  C    sing N N 4   
ALA CA  CB   sing N N 5   
ALA CA  HA   sing N N 6   
ALA C   O    doub N N 7   
ALA C   OXT  sing N N 8   
ALA CB  HB1  sing N N 9   
ALA CB  HB2  sing N N 10  
ALA CB  HB3  sing N N 11  
ALA OXT HXT  sing N N 12  
ARG N   CA   sing N N 13  
ARG N   H    sing N N 14  
ARG N   H2   sing N N 15  
ARG CA  C    sing N N 16  
ARG CA  CB   sing N N 17  
ARG CA  HA   sing N N 18  
ARG C   O    doub N N 19  
ARG C   OXT  sing N N 20  
ARG CB  CG   sing N N 21  
ARG CB  HB2  sing N N 22  
ARG CB  HB3  sing N N 23  
ARG CG  CD   sing N N 24  
ARG CG  HG2  sing N N 25  
ARG CG  HG3  sing N N 26  
ARG CD  NE   sing N N 27  
ARG CD  HD2  sing N N 28  
ARG CD  HD3  sing N N 29  
ARG NE  CZ   sing N N 30  
ARG NE  HE   sing N N 31  
ARG CZ  NH1  sing N N 32  
ARG CZ  NH2  doub N N 33  
ARG NH1 HH11 sing N N 34  
ARG NH1 HH12 sing N N 35  
ARG NH2 HH21 sing N N 36  
ARG NH2 HH22 sing N N 37  
ARG OXT HXT  sing N N 38  
ASN N   CA   sing N N 39  
ASN N   H    sing N N 40  
ASN N   H2   sing N N 41  
ASN CA  C    sing N N 42  
ASN CA  CB   sing N N 43  
ASN CA  HA   sing N N 44  
ASN C   O    doub N N 45  
ASN C   OXT  sing N N 46  
ASN CB  CG   sing N N 47  
ASN CB  HB2  sing N N 48  
ASN CB  HB3  sing N N 49  
ASN CG  OD1  doub N N 50  
ASN CG  ND2  sing N N 51  
ASN ND2 HD21 sing N N 52  
ASN ND2 HD22 sing N N 53  
ASN OXT HXT  sing N N 54  
ASP N   CA   sing N N 55  
ASP N   H    sing N N 56  
ASP N   H2   sing N N 57  
ASP CA  C    sing N N 58  
ASP CA  CB   sing N N 59  
ASP CA  HA   sing N N 60  
ASP C   O    doub N N 61  
ASP C   OXT  sing N N 62  
ASP CB  CG   sing N N 63  
ASP CB  HB2  sing N N 64  
ASP CB  HB3  sing N N 65  
ASP CG  OD1  doub N N 66  
ASP CG  OD2  sing N N 67  
ASP OD2 HD2  sing N N 68  
ASP OXT HXT  sing N N 69  
CYS N   CA   sing N N 70  
CYS N   H    sing N N 71  
CYS N   H2   sing N N 72  
CYS CA  C    sing N N 73  
CYS CA  CB   sing N N 74  
CYS CA  HA   sing N N 75  
CYS C   O    doub N N 76  
CYS C   OXT  sing N N 77  
CYS CB  SG   sing N N 78  
CYS CB  HB2  sing N N 79  
CYS CB  HB3  sing N N 80  
CYS SG  HG   sing N N 81  
CYS OXT HXT  sing N N 82  
GLN N   CA   sing N N 83  
GLN N   H    sing N N 84  
GLN N   H2   sing N N 85  
GLN CA  C    sing N N 86  
GLN CA  CB   sing N N 87  
GLN CA  HA   sing N N 88  
GLN C   O    doub N N 89  
GLN C   OXT  sing N N 90  
GLN CB  CG   sing N N 91  
GLN CB  HB2  sing N N 92  
GLN CB  HB3  sing N N 93  
GLN CG  CD   sing N N 94  
GLN CG  HG2  sing N N 95  
GLN CG  HG3  sing N N 96  
GLN CD  OE1  doub N N 97  
GLN CD  NE2  sing N N 98  
GLN NE2 HE21 sing N N 99  
GLN NE2 HE22 sing N N 100 
GLN OXT HXT  sing N N 101 
GLU N   CA   sing N N 102 
GLU N   H    sing N N 103 
GLU N   H2   sing N N 104 
GLU CA  C    sing N N 105 
GLU CA  CB   sing N N 106 
GLU CA  HA   sing N N 107 
GLU C   O    doub N N 108 
GLU C   OXT  sing N N 109 
GLU CB  CG   sing N N 110 
GLU CB  HB2  sing N N 111 
GLU CB  HB3  sing N N 112 
GLU CG  CD   sing N N 113 
GLU CG  HG2  sing N N 114 
GLU CG  HG3  sing N N 115 
GLU CD  OE1  doub N N 116 
GLU CD  OE2  sing N N 117 
GLU OE2 HE2  sing N N 118 
GLU OXT HXT  sing N N 119 
GLY N   CA   sing N N 120 
GLY N   H    sing N N 121 
GLY N   H2   sing N N 122 
GLY CA  C    sing N N 123 
GLY CA  HA2  sing N N 124 
GLY CA  HA3  sing N N 125 
GLY C   O    doub N N 126 
GLY C   OXT  sing N N 127 
GLY OXT HXT  sing N N 128 
GOL C1  O1   sing N N 129 
GOL C1  C2   sing N N 130 
GOL C1  H11  sing N N 131 
GOL C1  H12  sing N N 132 
GOL O1  HO1  sing N N 133 
GOL C2  O2   sing N N 134 
GOL C2  C3   sing N N 135 
GOL C2  H2   sing N N 136 
GOL O2  HO2  sing N N 137 
GOL C3  O3   sing N N 138 
GOL C3  H31  sing N N 139 
GOL C3  H32  sing N N 140 
GOL O3  HO3  sing N N 141 
HH8 BR1 C1   sing N N 142 
HH8 C1  C2   doub Y N 143 
HH8 C1  C8   sing Y N 144 
HH8 C2  C3   sing Y N 145 
HH8 C7  C8   sing Y N 146 
HH8 C7  C6   doub Y N 147 
HH8 C8  C4   doub Y N 148 
HH8 C3  N1   doub Y N 149 
HH8 C6  C5   sing Y N 150 
HH8 C4  N1   sing Y N 151 
HH8 C4  N2   sing Y N 152 
HH8 C5  N2   doub Y N 153 
HH8 C5  H1   sing N N 154 
HH8 C6  H2   sing N N 155 
HH8 C7  H3   sing N N 156 
HH8 C3  H4   sing N N 157 
HH8 C2  H5   sing N N 158 
HIS N   CA   sing N N 159 
HIS N   H    sing N N 160 
HIS N   H2   sing N N 161 
HIS CA  C    sing N N 162 
HIS CA  CB   sing N N 163 
HIS CA  HA   sing N N 164 
HIS C   O    doub N N 165 
HIS C   OXT  sing N N 166 
HIS CB  CG   sing N N 167 
HIS CB  HB2  sing N N 168 
HIS CB  HB3  sing N N 169 
HIS CG  ND1  sing Y N 170 
HIS CG  CD2  doub Y N 171 
HIS ND1 CE1  doub Y N 172 
HIS ND1 HD1  sing N N 173 
HIS CD2 NE2  sing Y N 174 
HIS CD2 HD2  sing N N 175 
HIS CE1 NE2  sing Y N 176 
HIS CE1 HE1  sing N N 177 
HIS NE2 HE2  sing N N 178 
HIS OXT HXT  sing N N 179 
HOH O   H1   sing N N 180 
HOH O   H2   sing N N 181 
ILE N   CA   sing N N 182 
ILE N   H    sing N N 183 
ILE N   H2   sing N N 184 
ILE CA  C    sing N N 185 
ILE CA  CB   sing N N 186 
ILE CA  HA   sing N N 187 
ILE C   O    doub N N 188 
ILE C   OXT  sing N N 189 
ILE CB  CG1  sing N N 190 
ILE CB  CG2  sing N N 191 
ILE CB  HB   sing N N 192 
ILE CG1 CD1  sing N N 193 
ILE CG1 HG12 sing N N 194 
ILE CG1 HG13 sing N N 195 
ILE CG2 HG21 sing N N 196 
ILE CG2 HG22 sing N N 197 
ILE CG2 HG23 sing N N 198 
ILE CD1 HD11 sing N N 199 
ILE CD1 HD12 sing N N 200 
ILE CD1 HD13 sing N N 201 
ILE OXT HXT  sing N N 202 
LEU N   CA   sing N N 203 
LEU N   H    sing N N 204 
LEU N   H2   sing N N 205 
LEU CA  C    sing N N 206 
LEU CA  CB   sing N N 207 
LEU CA  HA   sing N N 208 
LEU C   O    doub N N 209 
LEU C   OXT  sing N N 210 
LEU CB  CG   sing N N 211 
LEU CB  HB2  sing N N 212 
LEU CB  HB3  sing N N 213 
LEU CG  CD1  sing N N 214 
LEU CG  CD2  sing N N 215 
LEU CG  HG   sing N N 216 
LEU CD1 HD11 sing N N 217 
LEU CD1 HD12 sing N N 218 
LEU CD1 HD13 sing N N 219 
LEU CD2 HD21 sing N N 220 
LEU CD2 HD22 sing N N 221 
LEU CD2 HD23 sing N N 222 
LEU OXT HXT  sing N N 223 
LYS N   CA   sing N N 224 
LYS N   H    sing N N 225 
LYS N   H2   sing N N 226 
LYS CA  C    sing N N 227 
LYS CA  CB   sing N N 228 
LYS CA  HA   sing N N 229 
LYS C   O    doub N N 230 
LYS C   OXT  sing N N 231 
LYS CB  CG   sing N N 232 
LYS CB  HB2  sing N N 233 
LYS CB  HB3  sing N N 234 
LYS CG  CD   sing N N 235 
LYS CG  HG2  sing N N 236 
LYS CG  HG3  sing N N 237 
LYS CD  CE   sing N N 238 
LYS CD  HD2  sing N N 239 
LYS CD  HD3  sing N N 240 
LYS CE  NZ   sing N N 241 
LYS CE  HE2  sing N N 242 
LYS CE  HE3  sing N N 243 
LYS NZ  HZ1  sing N N 244 
LYS NZ  HZ2  sing N N 245 
LYS NZ  HZ3  sing N N 246 
LYS OXT HXT  sing N N 247 
MET N   CA   sing N N 248 
MET N   H    sing N N 249 
MET N   H2   sing N N 250 
MET CA  C    sing N N 251 
MET CA  CB   sing N N 252 
MET CA  HA   sing N N 253 
MET C   O    doub N N 254 
MET C   OXT  sing N N 255 
MET CB  CG   sing N N 256 
MET CB  HB2  sing N N 257 
MET CB  HB3  sing N N 258 
MET CG  SD   sing N N 259 
MET CG  HG2  sing N N 260 
MET CG  HG3  sing N N 261 
MET SD  CE   sing N N 262 
MET CE  HE1  sing N N 263 
MET CE  HE2  sing N N 264 
MET CE  HE3  sing N N 265 
MET OXT HXT  sing N N 266 
PHE N   CA   sing N N 267 
PHE N   H    sing N N 268 
PHE N   H2   sing N N 269 
PHE CA  C    sing N N 270 
PHE CA  CB   sing N N 271 
PHE CA  HA   sing N N 272 
PHE C   O    doub N N 273 
PHE C   OXT  sing N N 274 
PHE CB  CG   sing N N 275 
PHE CB  HB2  sing N N 276 
PHE CB  HB3  sing N N 277 
PHE CG  CD1  doub Y N 278 
PHE CG  CD2  sing Y N 279 
PHE CD1 CE1  sing Y N 280 
PHE CD1 HD1  sing N N 281 
PHE CD2 CE2  doub Y N 282 
PHE CD2 HD2  sing N N 283 
PHE CE1 CZ   doub Y N 284 
PHE CE1 HE1  sing N N 285 
PHE CE2 CZ   sing Y N 286 
PHE CE2 HE2  sing N N 287 
PHE CZ  HZ   sing N N 288 
PHE OXT HXT  sing N N 289 
PRO N   CA   sing N N 290 
PRO N   CD   sing N N 291 
PRO N   H    sing N N 292 
PRO CA  C    sing N N 293 
PRO CA  CB   sing N N 294 
PRO CA  HA   sing N N 295 
PRO C   O    doub N N 296 
PRO C   OXT  sing N N 297 
PRO CB  CG   sing N N 298 
PRO CB  HB2  sing N N 299 
PRO CB  HB3  sing N N 300 
PRO CG  CD   sing N N 301 
PRO CG  HG2  sing N N 302 
PRO CG  HG3  sing N N 303 
PRO CD  HD2  sing N N 304 
PRO CD  HD3  sing N N 305 
PRO OXT HXT  sing N N 306 
SER N   CA   sing N N 307 
SER N   H    sing N N 308 
SER N   H2   sing N N 309 
SER CA  C    sing N N 310 
SER CA  CB   sing N N 311 
SER CA  HA   sing N N 312 
SER C   O    doub N N 313 
SER C   OXT  sing N N 314 
SER CB  OG   sing N N 315 
SER CB  HB2  sing N N 316 
SER CB  HB3  sing N N 317 
SER OG  HG   sing N N 318 
SER OXT HXT  sing N N 319 
THR N   CA   sing N N 320 
THR N   H    sing N N 321 
THR N   H2   sing N N 322 
THR CA  C    sing N N 323 
THR CA  CB   sing N N 324 
THR CA  HA   sing N N 325 
THR C   O    doub N N 326 
THR C   OXT  sing N N 327 
THR CB  OG1  sing N N 328 
THR CB  CG2  sing N N 329 
THR CB  HB   sing N N 330 
THR OG1 HG1  sing N N 331 
THR CG2 HG21 sing N N 332 
THR CG2 HG22 sing N N 333 
THR CG2 HG23 sing N N 334 
THR OXT HXT  sing N N 335 
TRP N   CA   sing N N 336 
TRP N   H    sing N N 337 
TRP N   H2   sing N N 338 
TRP CA  C    sing N N 339 
TRP CA  CB   sing N N 340 
TRP CA  HA   sing N N 341 
TRP C   O    doub N N 342 
TRP C   OXT  sing N N 343 
TRP CB  CG   sing N N 344 
TRP CB  HB2  sing N N 345 
TRP CB  HB3  sing N N 346 
TRP CG  CD1  doub Y N 347 
TRP CG  CD2  sing Y N 348 
TRP CD1 NE1  sing Y N 349 
TRP CD1 HD1  sing N N 350 
TRP CD2 CE2  doub Y N 351 
TRP CD2 CE3  sing Y N 352 
TRP NE1 CE2  sing Y N 353 
TRP NE1 HE1  sing N N 354 
TRP CE2 CZ2  sing Y N 355 
TRP CE3 CZ3  doub Y N 356 
TRP CE3 HE3  sing N N 357 
TRP CZ2 CH2  doub Y N 358 
TRP CZ2 HZ2  sing N N 359 
TRP CZ3 CH2  sing Y N 360 
TRP CZ3 HZ3  sing N N 361 
TRP CH2 HH2  sing N N 362 
TRP OXT HXT  sing N N 363 
TYR N   CA   sing N N 364 
TYR N   H    sing N N 365 
TYR N   H2   sing N N 366 
TYR CA  C    sing N N 367 
TYR CA  CB   sing N N 368 
TYR CA  HA   sing N N 369 
TYR C   O    doub N N 370 
TYR C   OXT  sing N N 371 
TYR CB  CG   sing N N 372 
TYR CB  HB2  sing N N 373 
TYR CB  HB3  sing N N 374 
TYR CG  CD1  doub Y N 375 
TYR CG  CD2  sing Y N 376 
TYR CD1 CE1  sing Y N 377 
TYR CD1 HD1  sing N N 378 
TYR CD2 CE2  doub Y N 379 
TYR CD2 HD2  sing N N 380 
TYR CE1 CZ   doub Y N 381 
TYR CE1 HE1  sing N N 382 
TYR CE2 CZ   sing Y N 383 
TYR CE2 HE2  sing N N 384 
TYR CZ  OH   sing N N 385 
TYR OH  HH   sing N N 386 
TYR OXT HXT  sing N N 387 
VAL N   CA   sing N N 388 
VAL N   H    sing N N 389 
VAL N   H2   sing N N 390 
VAL CA  C    sing N N 391 
VAL CA  CB   sing N N 392 
VAL CA  HA   sing N N 393 
VAL C   O    doub N N 394 
VAL C   OXT  sing N N 395 
VAL CB  CG1  sing N N 396 
VAL CB  CG2  sing N N 397 
VAL CB  HB   sing N N 398 
VAL CG1 HG11 sing N N 399 
VAL CG1 HG12 sing N N 400 
VAL CG1 HG13 sing N N 401 
VAL CG2 HG21 sing N N 402 
VAL CG2 HG22 sing N N 403 
VAL CG2 HG23 sing N N 404 
VAL OXT HXT  sing N N 405 
# 
loop_
_pdbx_audit_support.funding_organization 
_pdbx_audit_support.country 
_pdbx_audit_support.grant_number 
_pdbx_audit_support.ordinal 
'Cancer Research UK' 'United Kingdom' C57659/A27310 1 
'Cancer Research UK' 'United Kingdom' C1362/A20263  2 
'Cancer Research UK' 'United Kingdom' C2215/A21421  3 
# 
_pdbx_entity_instance_feature.ordinal        1 
_pdbx_entity_instance_feature.comp_id        HH8 
_pdbx_entity_instance_feature.asym_id        ? 
_pdbx_entity_instance_feature.seq_num        ? 
_pdbx_entity_instance_feature.auth_comp_id   HH8 
_pdbx_entity_instance_feature.auth_asym_id   ? 
_pdbx_entity_instance_feature.auth_seq_num   ? 
_pdbx_entity_instance_feature.feature_type   'SUBJECT OF INVESTIGATION' 
_pdbx_entity_instance_feature.details        ? 
# 
_pdbx_initial_refinement_model.id               1 
_pdbx_initial_refinement_model.entity_id_list   ? 
_pdbx_initial_refinement_model.type             'experimental model' 
_pdbx_initial_refinement_model.source_name      PDB 
_pdbx_initial_refinement_model.accession_code   5LRQ 
_pdbx_initial_refinement_model.details          ? 
# 
_atom_sites.entry_id                    7ZAJ 
_atom_sites.Cartn_transf_matrix[1][1]   ? 
_atom_sites.Cartn_transf_matrix[1][2]   ? 
_atom_sites.Cartn_transf_matrix[1][3]   ? 
_atom_sites.Cartn_transf_matrix[2][1]   ? 
_atom_sites.Cartn_transf_matrix[2][2]   ? 
_atom_sites.Cartn_transf_matrix[2][3]   ? 
_atom_sites.Cartn_transf_matrix[3][1]   ? 
_atom_sites.Cartn_transf_matrix[3][2]   ? 
_atom_sites.Cartn_transf_matrix[3][3]   ? 
_atom_sites.Cartn_transf_vector[1]      ? 
_atom_sites.Cartn_transf_vector[2]      ? 
_atom_sites.Cartn_transf_vector[3]      ? 
_atom_sites.fract_transf_matrix[1][1]   0.00005841 
_atom_sites.fract_transf_matrix[1][2]   0.01592038 
_atom_sites.fract_transf_matrix[1][3]   -0.02099040 
_atom_sites.fract_transf_matrix[2][1]   0.01149419 
_atom_sites.fract_transf_matrix[2][2]   0.01590894 
_atom_sites.fract_transf_matrix[2][3]   0.01209828 
_atom_sites.fract_transf_matrix[3][1]   0.01091126 
_atom_sites.fract_transf_matrix[3][2]   -0.00501429 
_atom_sites.fract_transf_matrix[3][3]   -0.00377277 
_atom_sites.fract_transf_vector[1]      -0.311111 
_atom_sites.fract_transf_vector[2]      0.073423 
_atom_sites.fract_transf_vector[3]      -0.120346 
_atom_sites.solution_primary            ? 
_atom_sites.solution_secondary          ? 
_atom_sites.solution_hydrogens          ? 
_atom_sites.special_details             ? 
# 
loop_
_atom_type.symbol 
_atom_type.pdbx_scat_Z 
_atom_type.pdbx_N_electrons 
_atom_type.scat_Cromer_Mann_a1 
_atom_type.scat_Cromer_Mann_b1 
_atom_type.scat_Cromer_Mann_a2 
_atom_type.scat_Cromer_Mann_b2 
_atom_type.scat_Cromer_Mann_a3 
_atom_type.scat_Cromer_Mann_b3 
_atom_type.scat_Cromer_Mann_a4 
_atom_type.scat_Cromer_Mann_b4 
_atom_type.scat_Cromer_Mann_c 
BR 35 35 17.182 2.172  5.237 16.580 5.639 0.261  3.986 41.433 0.001   
C  6  6  2.310  20.844 1.020 10.208 1.589 0.569  0.865 51.651 0.216   
N  7  7  12.222 0.006  3.135 9.893  2.014 28.997 1.167 0.583  -11.538 
O  8  8  3.049  13.277 2.287 5.701  1.546 0.324  0.867 32.909 0.251   
S  16 16 6.905  1.468  5.203 22.215 1.438 0.254  1.586 56.172 1.042   
# 
loop_
_atom_site.group_PDB 
_atom_site.id 
_atom_site.type_symbol 
_atom_site.label_atom_id 
_atom_site.label_alt_id 
_atom_site.label_comp_id 
_atom_site.label_asym_id 
_atom_site.label_entity_id 
_atom_site.label_seq_id 
_atom_site.pdbx_PDB_ins_code 
_atom_site.Cartn_x 
_atom_site.Cartn_y 
_atom_site.Cartn_z 
_atom_site.occupancy 
_atom_site.B_iso_or_equiv 
_atom_site.pdbx_formal_charge 
_atom_site.auth_seq_id 
_atom_site.auth_comp_id 
_atom_site.auth_asym_id 
_atom_site.auth_atom_id 
_atom_site.pdbx_PDB_model_num 
_atom_site.calc_flag 
ATOM   1    N  N   . GLY A 1 1   ? -13.842 -8.620  -11.609 1.000 24.929 ? 40  GLY AAA N   1 ? 
ATOM   2    C  CA  . GLY A 1 1   ? -12.681 -9.488  -11.987 1.000 16.325 ? 40  GLY AAA CA  1 ? 
ATOM   3    C  C   . GLY A 1 1   ? -13.037 -10.947 -11.687 1.000 12.736 ? 40  GLY AAA C   1 ? 
ATOM   4    O  O   . GLY A 1 1   ? -14.193 -11.267 -11.351 1.000 13.558 ? 40  GLY AAA O   1 ? 
ATOM   5    N  N   . SER A 1 2   ? -12.024 -11.784 -11.632 1.000 13.504 ? 41  SER AAA N   1 ? 
ATOM   6    C  CA  . SER A 1 2   ? -12.194 -13.215 -11.424 1.000 10.574 ? 41  SER AAA CA  1 ? 
ATOM   7    C  C   . SER A 1 2   ? -12.712 -13.521 -10.037 1.000 9.927  ? 41  SER AAA C   1 ? 
ATOM   8    O  O   . SER A 1 2   ? -12.236 -12.961 -9.049  1.000 10.116 ? 41  SER AAA O   1 ? 
ATOM   9    C  CB  . SER A 1 2   ? -10.885 -13.944 -11.598 1.000 10.952 ? 41  SER AAA CB  1 ? 
ATOM   10   O  OG  . SER A 1 2   ? -11.026 -15.310 -11.215 1.000 10.899 ? 41  SER AAA OG  1 ? 
ATOM   11   N  N   . HIS A 1 3   ? -13.630 -14.466 -9.936  1.000 9.901  ? 42  HIS AAA N   1 ? 
ATOM   12   C  CA  . HIS A 1 3   ? -14.115 -14.971 -8.674  1.000 11.132 ? 42  HIS AAA CA  1 ? 
ATOM   13   C  C   . HIS A 1 3   ? -13.028 -15.617 -7.828  1.000 9.887  ? 42  HIS AAA C   1 ? 
ATOM   14   O  O   . HIS A 1 3   ? -13.208 -15.792 -6.623  1.000 12.517 ? 42  HIS AAA O   1 ? 
ATOM   15   C  CB  . HIS A 1 3   ? -15.280 -15.959 -8.892  1.000 13.608 ? 42  HIS AAA CB  1 ? 
ATOM   16   C  CG  . HIS A 1 3   ? -14.817 -17.308 -9.312  1.000 15.487 ? 42  HIS AAA CG  1 ? 
ATOM   17   N  ND1 . HIS A 1 3   ? -14.294 -17.542 -10.520 1.000 14.139 ? 42  HIS AAA ND1 1 ? 
ATOM   18   C  CD2 . HIS A 1 3   ? -14.833 -18.524 -8.709  1.000 19.077 ? 42  HIS AAA CD2 1 ? 
ATOM   19   C  CE1 . HIS A 1 3   ? -13.992 -18.830 -10.722 1.000 18.803 ? 42  HIS AAA CE1 1 ? 
ATOM   20   N  NE2 . HIS A 1 3   ? -14.296 -19.414 -9.600  1.000 19.110 ? 42  HIS AAA NE2 1 ? 
ATOM   21   N  N   . MET A 1 4   ? -11.878 -15.955 -8.408  1.000 9.379  ? 43  MET AAA N   1 ? 
ATOM   22   C  CA  . MET A 1 4   ? -10.796 -16.562 -7.643  1.000 9.855  ? 43  MET AAA CA  1 ? 
ATOM   23   C  C   . MET A 1 4   ? -9.900  -15.544 -6.949  1.000 9.144  ? 43  MET AAA C   1 ? 
ATOM   24   O  O   . MET A 1 4   ? -9.109  -15.948 -6.103  1.000 11.728 ? 43  MET AAA O   1 ? 
ATOM   25   C  CB  . MET A 1 4   ? -9.958  -17.466 -8.531  1.000 11.381 ? 43  MET AAA CB  1 ? 
ATOM   26   C  CG  . MET A 1 4   ? -10.824 -18.595 -9.080  1.000 12.602 ? 43  MET AAA CG  1 ? 
ATOM   27   S  SD  . MET A 1 4   ? -10.011 -20.001 -9.701  1.000 19.088 ? 43  MET AAA SD  1 ? 
ATOM   28   C  CE  . MET A 1 4   ? -8.750  -19.252 -10.680 1.000 19.688 ? 43  MET AAA CE  1 ? 
ATOM   29   N  N   . ASN A 1 5   ? -10.012 -14.267 -7.267  1.000 8.225  ? 44  ASN AAA N   1 ? 
ATOM   30   C  CA  . ASN A 1 5   ? -9.326  -13.214 -6.526  1.000 8.717  ? 44  ASN AAA CA  1 ? 
ATOM   31   C  C   . ASN A 1 5   ? -10.283 -12.680 -5.473  1.000 9.120  ? 44  ASN AAA C   1 ? 
ATOM   32   O  O   . ASN A 1 5   ? -11.487 -12.562 -5.732  1.000 10.161 ? 44  ASN AAA O   1 ? 
ATOM   33   C  CB  . ASN A 1 5   ? -8.929  -12.077 -7.429  1.000 9.906  ? 44  ASN AAA CB  1 ? 
ATOM   34   C  CG  . ASN A 1 5   ? -7.772  -12.435 -8.321  1.000 9.523  ? 44  ASN AAA CG  1 ? 
ATOM   35   O  OD1 . ASN A 1 5   ? -6.799  -13.023 -7.923  1.000 11.874 ? 44  ASN AAA OD1 1 ? 
ATOM   36   N  ND2 . ASN A 1 5   ? -7.875  -11.985 -9.566  1.000 10.226 ? 44  ASN AAA ND2 1 ? 
ATOM   37   N  N   . PRO A 1 6   ? -9.823  -12.318 -4.269  1.000 8.639  ? 45  PRO AAA N   1 ? 
ATOM   38   C  CA  . PRO A 1 6   ? -10.734 -11.810 -3.249  1.000 8.912  ? 45  PRO AAA CA  1 ? 
ATOM   39   C  C   . PRO A 1 6   ? -11.160 -10.409 -3.606  1.000 8.732  ? 45  PRO AAA C   1 ? 
ATOM   40   O  O   . PRO A 1 6   ? -10.514 -9.716  -4.407  1.000 9.240  ? 45  PRO AAA O   1 ? 
ATOM   41   C  CB  . PRO A 1 6   ? -9.819  -11.778 -2.008  1.000 9.532  ? 45  PRO AAA CB  1 ? 
ATOM   42   C  CG  . PRO A 1 6   ? -8.446  -11.566 -2.571  1.000 10.246 ? 45  PRO AAA CG  1 ? 
ATOM   43   C  CD  . PRO A 1 6   ? -8.424  -12.395 -3.841  1.000 9.542  ? 45  PRO AAA CD  1 ? 
ATOM   44   N  N   . PRO A 1 7   ? -12.202 -9.898  -2.938  1.000 9.066  ? 46  PRO AAA N   1 ? 
ATOM   45   C  CA  . PRO A 1 7   ? -12.525 -8.491  -3.048  1.000 9.517  ? 46  PRO AAA CA  1 ? 
ATOM   46   C  C   . PRO A 1 7   ? -11.317 -7.697  -2.587  1.000 9.054  ? 46  PRO AAA C   1 ? 
ATOM   47   O  O   . PRO A 1 7   ? -10.599 -8.128  -1.701  1.000 9.841  ? 46  PRO AAA O   1 ? 
ATOM   48   C  CB  . PRO A 1 7   ? -13.712 -8.294  -2.065  1.000 10.901 ? 46  PRO AAA CB  1 ? 
ATOM   49   C  CG  . PRO A 1 7   ? -13.551 -9.417  -1.082  1.000 11.672 ? 46  PRO AAA CG  1 ? 
ATOM   50   C  CD  . PRO A 1 7   ? -13.036 -10.575 -1.920  1.000 10.108 ? 46  PRO AAA CD  1 ? 
ATOM   51   N  N   . PRO A 1 8   ? -11.087 -6.502  -3.148  1.000 9.944  ? 47  PRO AAA N   1 ? 
ATOM   52   C  CA  . PRO A 1 8   ? -9.976  -5.691  -2.669  1.000 10.606 ? 47  PRO AAA CA  1 ? 
ATOM   53   C  C   . PRO A 1 8   ? -10.246 -5.208  -1.252  1.000 10.273 ? 47  PRO AAA C   1 ? 
ATOM   54   O  O   . PRO A 1 8   ? -11.370 -5.287  -0.712  1.000 10.992 ? 47  PRO AAA O   1 ? 
ATOM   55   C  CB  . PRO A 1 8   ? -9.991  -4.516  -3.680  1.000 13.567 ? 47  PRO AAA CB  1 ? 
ATOM   56   C  CG  . PRO A 1 8   ? -11.451 -4.360  -4.010  1.000 14.525 ? 47  PRO AAA CG  1 ? 
ATOM   57   C  CD  . PRO A 1 8   ? -11.925 -5.798  -4.144  1.000 12.309 ? 47  PRO AAA CD  1 ? 
ATOM   58   N  N   . PRO A 1 9   ? -9.231  -4.674  -0.565  1.000 8.750  ? 48  PRO AAA N   1 ? 
ATOM   59   C  CA  . PRO A 1 9   ? -9.480  -4.080  0.732   1.000 9.464  ? 48  PRO AAA CA  1 ? 
ATOM   60   C  C   . PRO A 1 9   ? -10.479 -2.919  0.579   1.000 10.248 ? 48  PRO AAA C   1 ? 
ATOM   61   O  O   . PRO A 1 9   ? -10.528 -2.247  -0.402  1.000 11.109 ? 48  PRO AAA O   1 ? 
ATOM   62   C  CB  . PRO A 1 9   ? -8.124  -3.567  1.190   1.000 9.682  ? 48  PRO AAA CB  1 ? 
ATOM   63   C  CG  . PRO A 1 9   ? -7.122  -4.366  0.333   1.000 10.538 ? 48  PRO AAA CG  1 ? 
ATOM   64   C  CD  . PRO A 1 9   ? -7.820  -4.547  -1.000  1.000 9.294  ? 48  PRO AAA CD  1 ? 
ATOM   65   N  N   . GLU A 1 10  ? -11.286 -2.755  1.631   1.000 11.427 ? 49  GLU AAA N   1 ? 
ATOM   66   C  CA  . GLU A 1 10  ? -12.282 -1.695  1.801   1.000 15.010 ? 49  GLU AAA CA  1 ? 
ATOM   67   C  C   . GLU A 1 10  ? -11.679 -0.307  1.485   1.000 11.951 ? 49  GLU AAA C   1 ? 
ATOM   68   O  O   . GLU A 1 10  ? -10.652 -0.012  2.055   1.000 10.952 ? 49  GLU AAA O   1 ? 
ATOM   69   C  CB  . GLU A 1 10  ? -12.730 -1.707  3.300   1.000 15.189 ? 49  GLU AAA CB  1 ? 
ATOM   70   C  CG  . GLU A 1 10  ? -13.940 -0.872  3.516   1.000 19.248 ? 49  GLU AAA CG  1 ? 
ATOM   71   C  CD  . GLU A 1 10  ? -14.392 -1.262  4.875   1.000 18.218 ? 49  GLU AAA CD  1 ? 
ATOM   72   O  OE1 . GLU A 1 10  ? -15.275 -2.128  4.903   1.000 20.274 ? 49  GLU AAA OE1 1 ? 
ATOM   73   O  OE2 . GLU A 1 10  ? -13.889 -0.692  5.853   1.000 16.968 ? 49  GLU AAA OE2 1 ? 
ATOM   74   N  N   . THR A 1 11  ? -12.320 0.540   0.688   1.000 12.011 ? 50  THR AAA N   1 ? 
ATOM   75   C  CA  . THR A 1 11  ? -11.916 1.943   0.548   1.000 12.217 ? 50  THR AAA CA  1 ? 
ATOM   76   C  C   . THR A 1 11  ? -13.048 2.930   0.880   1.000 10.642 ? 50  THR AAA C   1 ? 
ATOM   77   O  O   . THR A 1 11  ? -12.799 4.126   0.904   1.000 13.051 ? 50  THR AAA O   1 ? 
ATOM   78   C  CB  . THR A 1 11  ? -11.409 2.180   -0.874  1.000 12.785 ? 50  THR AAA CB  1 ? 
ATOM   79   O  OG1 . THR A 1 11  ? -12.455 1.659   -1.704  1.000 17.350 ? 50  THR AAA OG1 1 ? 
ATOM   80   C  CG2 . THR A 1 11  ? -10.137 1.401   -1.144  1.000 13.036 ? 50  THR AAA CG2 1 ? 
ATOM   81   N  N   A SER A 1 12  ? -14.232 2.422   1.215   0.500 10.502 ? 51  SER AAA N   1 ? 
ATOM   82   N  N   B SER A 1 12  ? -14.246 2.432   1.147   0.500 11.058 ? 51  SER AAA N   1 ? 
ATOM   83   C  CA  A SER A 1 12  ? -15.365 3.246   1.611   0.500 11.045 ? 51  SER AAA CA  1 ? 
ATOM   84   C  CA  B SER A 1 12  ? -15.424 3.211   1.495   0.500 11.878 ? 51  SER AAA CA  1 ? 
ATOM   85   C  C   A SER A 1 12  ? -16.238 2.447   2.573   0.500 11.653 ? 51  SER AAA C   1 ? 
ATOM   86   C  C   B SER A 1 12  ? -16.048 2.441   2.646   0.500 12.051 ? 51  SER AAA C   1 ? 
ATOM   87   O  O   A SER A 1 12  ? -16.624 1.278   2.327   0.500 11.902 ? 51  SER AAA O   1 ? 
ATOM   88   O  O   B SER A 1 12  ? -16.079 1.221   2.577   0.500 13.604 ? 51  SER AAA O   1 ? 
ATOM   89   C  CB  A SER A 1 12  ? -16.163 3.741   0.414   0.500 12.242 ? 51  SER AAA CB  1 ? 
ATOM   90   C  CB  B SER A 1 12  ? -16.361 3.260   0.275   0.500 12.572 ? 51  SER AAA CB  1 ? 
ATOM   91   O  OG  A SER A 1 12  ? -17.520 3.982   0.781   0.500 13.425 ? 51  SER AAA OG  1 ? 
ATOM   92   O  OG  B SER A 1 12  ? -15.898 4.297   -0.585  0.500 17.131 ? 51  SER AAA OG  1 ? 
ATOM   93   N  N   . ASN A 1 13  ? -16.550 3.119   3.686   1.000 10.433 ? 52  ASN AAA N   1 ? 
ATOM   94   C  CA  . ASN A 1 13  ? -17.380 2.472   4.684   1.000 11.178 ? 52  ASN AAA CA  1 ? 
ATOM   95   C  C   . ASN A 1 13  ? -17.921 3.545   5.597   1.000 9.473  ? 52  ASN AAA C   1 ? 
ATOM   96   O  O   . ASN A 1 13  ? -17.147 4.076   6.411   1.000 10.031 ? 52  ASN AAA O   1 ? 
ATOM   97   C  CB  . ASN A 1 13  ? -16.594 1.491   5.550   1.000 14.555 ? 52  ASN AAA CB  1 ? 
ATOM   98   C  CG  . ASN A 1 13  ? -17.494 0.748   6.518   1.000 16.621 ? 52  ASN AAA CG  1 ? 
ATOM   99   O  OD1 . ASN A 1 13  ? -18.634 1.142   6.775   1.000 17.015 ? 52  ASN AAA OD1 1 ? 
ATOM   100  N  ND2 . ASN A 1 13  ? -16.988 -0.380  7.009   1.000 21.584 ? 52  ASN AAA ND2 1 ? 
ATOM   101  N  N   . PRO A 1 14  ? -19.197 3.952   5.494   1.000 9.117  ? 53  PRO AAA N   1 ? 
ATOM   102  C  CA  . PRO A 1 14  ? -19.717 5.001   6.360   1.000 10.356 ? 53  PRO AAA CA  1 ? 
ATOM   103  C  C   . PRO A 1 14  ? -19.555 4.711   7.840   1.000 10.591 ? 53  PRO AAA C   1 ? 
ATOM   104  O  O   . PRO A 1 14  ? -19.641 5.663   8.616   1.000 14.584 ? 53  PRO AAA O   1 ? 
ATOM   105  C  CB  . PRO A 1 14  ? -21.210 5.091   5.988   1.000 11.693 ? 53  PRO AAA CB  1 ? 
ATOM   106  C  CG  . PRO A 1 14  ? -21.217 4.648   4.553   1.000 12.070 ? 53  PRO AAA CG  1 ? 
ATOM   107  C  CD  . PRO A 1 14  ? -20.212 3.511   4.512   1.000 10.673 ? 53  PRO AAA CD  1 ? 
ATOM   108  N  N   . ASN A 1 15  ? -19.400 3.469   8.255   1.000 10.186 ? 54  ASN AAA N   1 ? 
ATOM   109  C  CA  . ASN A 1 15  ? -19.286 3.105   9.666   1.000 12.529 ? 54  ASN AAA CA  1 ? 
ATOM   110  C  C   . ASN A 1 15  ? -17.895 3.385   10.225  1.000 13.629 ? 54  ASN AAA C   1 ? 
ATOM   111  O  O   . ASN A 1 15  ? -17.701 3.424   11.459  1.000 14.592 ? 54  ASN AAA O   1 ? 
ATOM   112  C  CB  . ASN A 1 15  ? -19.576 1.616   9.856   1.000 16.087 ? 54  ASN AAA CB  1 ? 
ATOM   113  C  CG  . ASN A 1 15  ? -21.031 1.294   9.594   1.000 18.458 ? 54  ASN AAA CG  1 ? 
ATOM   114  O  OD1 . ASN A 1 15  ? -21.879 2.106   9.868   1.000 18.142 ? 54  ASN AAA OD1 1 ? 
ATOM   115  N  ND2 . ASN A 1 15  ? -21.320 0.113   9.073   1.000 23.083 ? 54  ASN AAA ND2 1 ? 
ATOM   116  N  N   . LYS A 1 16  ? -16.908 3.500   9.384   1.000 11.407 ? 55  LYS AAA N   1 ? 
ATOM   117  C  CA  . LYS A 1 16  ? -15.593 3.674   9.956   1.000 13.097 ? 55  LYS AAA CA  1 ? 
ATOM   118  C  C   . LYS A 1 16  ? -15.267 5.130   10.198  1.000 11.116 ? 55  LYS AAA C   1 ? 
ATOM   119  O  O   . LYS A 1 16  ? -15.492 6.026   9.372   1.000 11.302 ? 55  LYS AAA O   1 ? 
ATOM   120  C  CB  . LYS A 1 16  ? -14.590 3.262   8.932   1.000 13.687 ? 55  LYS AAA CB  1 ? 
ATOM   121  C  CG  . LYS A 1 16  ? -13.195 3.313   9.571   1.000 14.715 ? 55  LYS AAA CG  1 ? 
ATOM   122  C  CD  . LYS A 1 16  ? -12.097 2.932   8.661   1.000 12.476 ? 55  LYS AAA CD  1 ? 
ATOM   123  C  CE  . LYS A 1 16  ? -10.647 3.152   9.048   1.000 10.708 ? 55  LYS AAA CE  1 ? 
ATOM   124  N  NZ  . LYS A 1 16  ? -10.322 4.519   9.492   1.000 9.493  ? 55  LYS AAA NZ  1 ? 
ATOM   125  N  N   . PRO A 1 17  ? -14.649 5.408   11.360  1.000 11.524 ? 56  PRO AAA N   1 ? 
ATOM   126  C  CA  . PRO A 1 17  ? -14.346 6.807   11.667  1.000 11.623 ? 56  PRO AAA CA  1 ? 
ATOM   127  C  C   . PRO A 1 17  ? -13.179 7.306   10.806  1.000 9.357  ? 56  PRO AAA C   1 ? 
ATOM   128  O  O   . PRO A 1 17  ? -12.231 6.558   10.501  1.000 11.408 ? 56  PRO AAA O   1 ? 
ATOM   129  C  CB  . PRO A 1 17  ? -14.129 6.818   13.189  1.000 14.643 ? 56  PRO AAA CB  1 ? 
ATOM   130  C  CG  . PRO A 1 17  ? -13.651 5.421   13.467  1.000 16.017 ? 56  PRO AAA CG  1 ? 
ATOM   131  C  CD  . PRO A 1 17  ? -14.271 4.474   12.444  1.000 13.217 ? 56  PRO AAA CD  1 ? 
ATOM   132  N  N   . LYS A 1 18  ? -13.236 8.592   10.503  1.000 9.535  ? 57  LYS AAA N   1 ? 
ATOM   133  C  CA  . LYS A 1 18  ? -12.190 9.135   9.658   1.000 9.401  ? 57  LYS AAA CA  1 ? 
ATOM   134  C  C   . LYS A 1 18  ? -12.080 10.619  9.914   1.000 9.648  ? 57  LYS AAA C   1 ? 
ATOM   135  O  O   . LYS A 1 18  ? -13.031 11.243  10.443  1.000 10.517 ? 57  LYS AAA O   1 ? 
ATOM   136  C  CB  . LYS A 1 18  ? -12.456 8.926   8.162   1.000 10.842 ? 57  LYS AAA CB  1 ? 
ATOM   137  C  CG  . LYS A 1 18  ? -13.703 9.641   7.685   1.000 11.605 ? 57  LYS AAA CG  1 ? 
ATOM   138  C  CD  . LYS A 1 18  ? -14.807 8.676   7.659   1.000 13.921 ? 57  LYS AAA CD  1 ? 
ATOM   139  C  CE  . LYS A 1 18  ? -14.651 7.557   6.619   1.000 13.542 ? 57  LYS AAA CE  1 ? 
ATOM   140  N  NZ  . LYS A 1 18  ? -15.806 6.619   6.683   1.000 11.217 ? 57  LYS AAA NZ  1 ? 
ATOM   141  N  N   . ARG A 1 19  ? -10.956 11.187  9.531   1.000 10.539 ? 58  ARG AAA N   1 ? 
ATOM   142  C  CA  . ARG A 1 19  ? -10.790 12.616  9.661   1.000 11.655 ? 58  ARG AAA CA  1 ? 
ATOM   143  C  C   . ARG A 1 19  ? -9.682  13.012  8.697   1.000 12.118 ? 58  ARG AAA C   1 ? 
ATOM   144  O  O   . ARG A 1 19  ? -8.927  12.161  8.207   1.000 17.462 ? 58  ARG AAA O   1 ? 
ATOM   145  C  CB  . ARG A 1 19  ? -10.631 13.057  11.127  1.000 14.624 ? 58  ARG AAA CB  1 ? 
ATOM   146  C  CG  . ARG A 1 19  ? -9.352  12.502  11.700  1.000 14.299 ? 58  ARG AAA CG  1 ? 
ATOM   147  C  CD  . ARG A 1 19  ? -9.131  12.902  13.141  1.000 11.219 ? 58  ARG AAA CD  1 ? 
ATOM   148  N  NE  . ARG A 1 19  ? -7.969  12.141  13.396  1.000 11.345 ? 58  ARG AAA NE  1 ? 
ATOM   149  C  CZ  . ARG A 1 19  ? -7.106  12.343  14.309  1.000 12.062 ? 58  ARG AAA CZ  1 ? 
ATOM   150  N  NH1 . ARG A 1 19  ? -7.221  13.337  15.165  1.000 15.808 ? 58  ARG AAA NH1 1 ? 
ATOM   151  N  NH2 . ARG A 1 19  ? -6.005  11.606  14.314  1.000 14.740 ? 58  ARG AAA NH2 1 ? 
ATOM   152  N  N   . GLN A 1 20  ? -9.587  14.305  8.414   1.000 11.996 ? 59  GLN AAA N   1 ? 
ATOM   153  C  CA  . GLN A 1 20  ? -8.363  14.740  7.796   1.000 14.939 ? 59  GLN AAA CA  1 ? 
ATOM   154  C  C   . GLN A 1 20  ? -7.393  15.160  8.907   1.000 15.084 ? 59  GLN AAA C   1 ? 
ATOM   155  O  O   . GLN A 1 20  ? -7.781  15.635  9.984   1.000 17.448 ? 59  GLN AAA O   1 ? 
ATOM   156  C  CB  . GLN A 1 20  ? -8.729  15.903  6.904   1.000 18.541 ? 59  GLN AAA CB  1 ? 
ATOM   157  C  CG  . GLN A 1 20  ? -9.581  15.477  5.725   1.000 21.220 ? 59  GLN AAA CG  1 ? 
ATOM   158  C  CD  . GLN A 1 20  ? -9.824  16.517  4.663   1.000 28.184 ? 59  GLN AAA CD  1 ? 
ATOM   159  O  OE1 . GLN A 1 20  ? -8.889  17.091  4.102   1.000 32.345 ? 59  GLN AAA OE1 1 ? 
ATOM   160  N  NE2 . GLN A 1 20  ? -11.092 16.729  4.342   1.000 30.168 ? 59  GLN AAA NE2 1 ? 
ATOM   161  N  N   . THR A 1 21  ? -6.096  14.888  8.713   1.000 13.346 ? 60  THR AAA N   1 ? 
ATOM   162  C  CA  . THR A 1 21  ? -5.038  15.504  9.503   1.000 11.863 ? 60  THR AAA CA  1 ? 
ATOM   163  C  C   . THR A 1 21  ? -3.971  16.055  8.542   1.000 10.879 ? 60  THR AAA C   1 ? 
ATOM   164  O  O   . THR A 1 21  ? -3.868  15.648  7.355   1.000 11.805 ? 60  THR AAA O   1 ? 
ATOM   165  C  CB  . THR A 1 21  ? -4.446  14.538  10.541  1.000 13.629 ? 60  THR AAA CB  1 ? 
ATOM   166  O  OG1 . THR A 1 21  ? -3.581  13.630  9.835   1.000 13.212 ? 60  THR AAA OG1 1 ? 
ATOM   167  C  CG2 . THR A 1 21  ? -5.502  13.777  11.318  1.000 14.446 ? 60  THR AAA CG2 1 ? 
ATOM   168  N  N   . ASN A 1 22  ? -3.149  17.000  9.044   1.000 10.982 ? 61  ASN AAA N   1 ? 
ATOM   169  C  CA  . ASN A 1 22  ? -2.043  17.491  8.202   1.000 10.514 ? 61  ASN AAA CA  1 ? 
ATOM   170  C  C   . ASN A 1 22  ? -1.082  16.349  7.856   1.000 9.716  ? 61  ASN AAA C   1 ? 
ATOM   171  O  O   . ASN A 1 22  ? -0.477  16.365  6.799   1.000 9.745  ? 61  ASN AAA O   1 ? 
ATOM   172  C  CB  . ASN A 1 22  ? -1.275  18.675  8.829   1.000 11.230 ? 61  ASN AAA CB  1 ? 
ATOM   173  C  CG  . ASN A 1 22  ? -0.563  18.294  10.108  1.000 12.103 ? 61  ASN AAA CG  1 ? 
ATOM   174  O  OD1 . ASN A 1 22  ? -1.100  17.655  11.018  1.000 14.716 ? 61  ASN AAA OD1 1 ? 
ATOM   175  N  ND2 . ASN A 1 22  ? 0.717   18.622  10.168  1.000 12.968 ? 61  ASN AAA ND2 1 ? 
ATOM   176  N  N   . GLN A 1 23  ? -0.982  15.335  8.722   1.000 9.195  ? 62  GLN AAA N   1 ? 
ATOM   177  C  CA  . GLN A 1 23  ? -0.112  14.198  8.417   1.000 8.438  ? 62  GLN AAA CA  1 ? 
ATOM   178  C  C   . GLN A 1 23  ? -0.674  13.361  7.260   1.000 8.169  ? 62  GLN AAA C   1 ? 
ATOM   179  O  O   . GLN A 1 23  ? 0.067   12.917  6.393   1.000 8.321  ? 62  GLN AAA O   1 ? 
ATOM   180  C  CB  . GLN A 1 23  ? 0.074   13.341  9.667   1.000 9.176  ? 62  GLN AAA CB  1 ? 
ATOM   181  C  CG  . GLN A 1 23  ? 0.850   14.082  10.748  1.000 9.327  ? 62  GLN AAA CG  1 ? 
ATOM   182  C  CD  . GLN A 1 23  ? 1.145   13.191  11.908  1.000 9.453  ? 62  GLN AAA CD  1 ? 
ATOM   183  O  OE1 . GLN A 1 23  ? 0.382   12.274  12.222  1.000 10.647 ? 62  GLN AAA OE1 1 ? 
ATOM   184  N  NE2 . GLN A 1 23  ? 2.263   13.431  12.579  1.000 10.778 ? 62  GLN AAA NE2 1 ? 
ATOM   185  N  N   . LEU A 1 24  ? -1.983  13.137  7.281   1.000 8.549  ? 63  LEU AAA N   1 ? 
ATOM   186  C  CA  . LEU A 1 24  ? -2.615  12.396  6.180   1.000 8.186  ? 63  LEU AAA CA  1 ? 
ATOM   187  C  C   . LEU A 1 24  ? -2.516  13.177  4.873   1.000 8.784  ? 63  LEU AAA C   1 ? 
ATOM   188  O  O   . LEU A 1 24  ? -2.317  12.586  3.812   1.000 9.117  ? 63  LEU AAA O   1 ? 
ATOM   189  C  CB  . LEU A 1 24  ? -4.059  12.044  6.526   1.000 9.520  ? 63  LEU AAA CB  1 ? 
ATOM   190  C  CG  . LEU A 1 24  ? -4.164  10.885  7.520   1.000 8.919  ? 63  LEU AAA CG  1 ? 
ATOM   191  C  CD1 . LEU A 1 24  ? -5.569  10.844  8.135   1.000 9.862  ? 63  LEU AAA CD1 1 ? 
ATOM   192  C  CD2 . LEU A 1 24  ? -3.852  9.553   6.829   1.000 9.426  ? 63  LEU AAA CD2 1 ? 
ATOM   193  N  N   . GLN A 1 25  ? -2.619  14.501  4.929   1.000 9.593  ? 64  GLN AAA N   1 ? 
ATOM   194  C  CA  . GLN A 1 25  ? -2.455  15.310  3.734   1.000 10.639 ? 64  GLN AAA CA  1 ? 
ATOM   195  C  C   . GLN A 1 25  ? -1.043  15.152  3.170   1.000 10.066 ? 64  GLN AAA C   1 ? 
ATOM   196  O  O   . GLN A 1 25  ? -0.865  14.995  1.970   1.000 10.872 ? 64  GLN AAA O   1 ? 
ATOM   197  C  CB  . GLN A 1 25  ? -2.758  16.773  4.055   1.000 11.822 ? 64  GLN AAA CB  1 ? 
ATOM   198  C  CG  . GLN A 1 25  ? -4.240  17.024  4.381   1.000 17.809 ? 64  GLN AAA CG  1 ? 
ATOM   199  C  CD  . GLN A 1 25  ? -4.582  18.404  4.907   0.500 18.216 ? 64  GLN AAA CD  1 ? 
ATOM   200  O  OE1 . GLN A 1 25  ? -3.838  19.035  5.651   0.500 19.579 ? 64  GLN AAA OE1 1 ? 
ATOM   201  N  NE2 . GLN A 1 25  ? -5.770  18.873  4.565   0.500 21.098 ? 64  GLN AAA NE2 1 ? 
ATOM   202  N  N   . TYR A 1 26  ? -0.037  15.147  4.053   1.000 9.140  ? 65  TYR AAA N   1 ? 
ATOM   203  C  CA  . TYR A 1 26  ? 1.329   14.884  3.628   1.000 9.511  ? 65  TYR AAA CA  1 ? 
ATOM   204  C  C   . TYR A 1 26  ? 1.490   13.488  3.024   1.000 8.742  ? 65  TYR AAA C   1 ? 
ATOM   205  O  O   . TYR A 1 26  ? 2.201   13.310  2.018   1.000 9.300  ? 65  TYR AAA O   1 ? 
ATOM   206  C  CB  . TYR A 1 26  ? 2.280   15.064  4.800   1.000 9.598  ? 65  TYR AAA CB  1 ? 
ATOM   207  C  CG  . TYR A 1 26  ? 3.742   14.726  4.592   1.000 9.688  ? 65  TYR AAA CG  1 ? 
ATOM   208  C  CD1 . TYR A 1 26  ? 4.245   13.448  4.826   1.000 9.749  ? 65  TYR AAA CD1 1 ? 
ATOM   209  C  CD2 . TYR A 1 26  ? 4.644   15.718  4.219   1.000 10.234 ? 65  TYR AAA CD2 1 ? 
ATOM   210  C  CE1 . TYR A 1 26  ? 5.586   13.149  4.687   1.000 10.489 ? 65  TYR AAA CE1 1 ? 
ATOM   211  C  CE2 . TYR A 1 26  ? 5.994   15.437  4.075   1.000 10.837 ? 65  TYR AAA CE2 1 ? 
ATOM   212  C  CZ  . TYR A 1 26  ? 6.472   14.148  4.304   1.000 10.355 ? 65  TYR AAA CZ  1 ? 
ATOM   213  O  OH  . TYR A 1 26  ? 7.818   13.879  4.150   1.000 11.783 ? 65  TYR AAA OH  1 ? 
ATOM   214  N  N   . LEU A 1 27  ? 0.839   12.497  3.632   1.000 8.372  ? 66  LEU AAA N   1 ? 
ATOM   215  C  CA  . LEU A 1 27  ? 0.927   11.149  3.088   1.000 8.287  ? 66  LEU AAA CA  1 ? 
ATOM   216  C  C   . LEU A 1 27  ? 0.398   11.064  1.652   1.000 8.478  ? 66  LEU AAA C   1 ? 
ATOM   217  O  O   . LEU A 1 27  ? 0.924   10.270  0.862   1.000 9.767  ? 66  LEU AAA O   1 ? 
ATOM   218  C  CB  . LEU A 1 27  ? 0.205   10.181  4.012   1.000 8.326  ? 66  LEU AAA CB  1 ? 
ATOM   219  C  CG  . LEU A 1 27  ? 1.059   9.749   5.198   1.000 9.326  ? 66  LEU AAA CG  1 ? 
ATOM   220  C  CD1 . LEU A 1 27  ? 0.255   9.300   6.392   1.000 10.860 ? 66  LEU AAA CD1 1 ? 
ATOM   221  C  CD2 . LEU A 1 27  ? 2.018   8.630   4.825   1.000 12.844 ? 66  LEU AAA CD2 1 ? 
ATOM   222  N  N   . LEU A 1 28  ? -0.600  11.850  1.326   1.000 8.263  ? 67  LEU AAA N   1 ? 
ATOM   223  C  CA  . LEU A 1 28  ? -1.106  11.870  -0.048  1.000 9.528  ? 67  LEU AAA CA  1 ? 
ATOM   224  C  C   . LEU A 1 28  ? -0.219  12.733  -0.953  1.000 10.545 ? 67  LEU AAA C   1 ? 
ATOM   225  O  O   . LEU A 1 28  ? 0.226   12.286  -2.016  1.000 11.375 ? 67  LEU AAA O   1 ? 
ATOM   226  C  CB  . LEU A 1 28  ? -2.549  12.375  -0.066  1.000 10.699 ? 67  LEU AAA CB  1 ? 
ATOM   227  C  CG  . LEU A 1 28  ? -3.179  12.444  -1.466  1.000 13.084 ? 67  LEU AAA CG  1 ? 
ATOM   228  C  CD1 . LEU A 1 28  ? -3.078  11.127  -2.256  1.000 12.768 ? 67  LEU AAA CD1 1 ? 
ATOM   229  C  CD2 . LEU A 1 28  ? -4.621  12.914  -1.341  1.000 16.110 ? 67  LEU AAA CD2 1 ? 
ATOM   230  N  N   . ARG A 1 29  ? 0.025   13.984  -0.554  1.000 10.832 ? 68  ARG AAA N   1 ? 
ATOM   231  C  CA  . ARG A 1 29  ? 0.629   14.994  -1.433  1.000 12.089 ? 68  ARG AAA CA  1 ? 
ATOM   232  C  C   . ARG A 1 29  ? 2.112   14.769  -1.591  1.000 12.169 ? 68  ARG AAA C   1 ? 
ATOM   233  O  O   . ARG A 1 29  ? 2.646   15.190  -2.640  1.000 14.630 ? 68  ARG AAA O   1 ? 
ATOM   234  C  CB  . ARG A 1 29  ? 0.355   16.388  -0.852  1.000 14.799 ? 68  ARG AAA CB  1 ? 
ATOM   235  C  CG  . ARG A 1 29  ? -1.128  16.708  -0.872  1.000 18.198 ? 68  ARG AAA CG  1 ? 
ATOM   236  C  CD  . ARG A 1 29  ? -1.324  18.072  -0.230  1.000 24.651 ? 68  ARG AAA CD  1 ? 
ATOM   237  N  NE  . ARG A 1 29  ? -2.676  18.601  -0.323  0.500 24.627 ? 68  ARG AAA NE  1 ? 
ATOM   238  C  CZ  . ARG A 1 29  ? -3.009  19.732  -0.939  0.500 26.407 ? 68  ARG AAA CZ  1 ? 
ATOM   239  N  NH1 . ARG A 1 29  ? -2.082  20.477  -1.520  0.500 29.164 ? 68  ARG AAA NH1 1 ? 
ATOM   240  N  NH2 . ARG A 1 29  ? -4.272  20.120  -0.966  0.500 27.249 ? 68  ARG AAA NH2 1 ? 
ATOM   241  N  N   . VAL A 1 30  ? 2.799   14.218  -0.607  1.000 11.065 ? 69  VAL AAA N   1 ? 
ATOM   242  C  CA  . VAL A 1 30  ? 4.218   13.988  -0.681  1.000 11.725 ? 69  VAL AAA CA  1 ? 
ATOM   243  C  C   . VAL A 1 30  ? 4.530   12.499  -0.805  1.000 11.797 ? 69  VAL AAA C   1 ? 
ATOM   244  O  O   . VAL A 1 30  ? 5.231   12.077  -1.743  1.000 13.107 ? 69  VAL AAA O   1 ? 
ATOM   245  C  CB  . VAL A 1 30  ? 4.952   14.646  0.505   1.000 12.159 ? 69  VAL AAA CB  1 ? 
ATOM   246  C  CG1 . VAL A 1 30  ? 6.429   14.294  0.506   1.000 13.255 ? 69  VAL AAA CG1 1 ? 
ATOM   247  C  CG2 . VAL A 1 30  ? 4.743   16.164  0.561   1.000 12.897 ? 69  VAL AAA CG2 1 ? 
ATOM   248  N  N   . VAL A 1 31  ? 4.081   11.679  0.142   1.000 10.675 ? 70  VAL AAA N   1 ? 
ATOM   249  C  CA  . VAL A 1 31  ? 4.557   10.299  0.193   1.000 10.419 ? 70  VAL AAA CA  1 ? 
ATOM   250  C  C   . VAL A 1 31  ? 4.004   9.492   -0.994  1.000 10.253 ? 70  VAL AAA C   1 ? 
ATOM   251  O  O   . VAL A 1 31  ? 4.772   8.911   -1.798  1.000 11.088 ? 70  VAL AAA O   1 ? 
ATOM   252  C  CB  . VAL A 1 31  ? 4.282   9.650   1.553   1.000 10.392 ? 70  VAL AAA CB  1 ? 
ATOM   253  C  CG1 . VAL A 1 31  ? 4.785   8.203   1.551   1.000 11.093 ? 70  VAL AAA CG1 1 ? 
ATOM   254  C  CG2 . VAL A 1 31  ? 4.862   10.456  2.719   1.000 11.387 ? 70  VAL AAA CG2 1 ? 
ATOM   255  N  N   A LEU A 1 32  ? 2.677   9.401   -1.106  0.500 10.116 ? 71  LEU AAA N   1 ? 
ATOM   256  N  N   B LEU A 1 32  ? 2.659   9.383   -1.079  0.500 9.907  ? 71  LEU AAA N   1 ? 
ATOM   257  C  CA  A LEU A 1 32  ? 2.171   8.558   -2.177  0.500 10.846 ? 71  LEU AAA CA  1 ? 
ATOM   258  C  CA  B LEU A 1 32  ? 2.027   8.609   -2.149  0.500 10.584 ? 71  LEU AAA CA  1 ? 
ATOM   259  C  C   A LEU A 1 32  ? 2.496   9.170   -3.548  0.500 11.120 ? 71  LEU AAA C   1 ? 
ATOM   260  C  C   B LEU A 1 32  ? 2.512   9.151   -3.500  0.500 10.969 ? 71  LEU AAA C   1 ? 
ATOM   261  O  O   A LEU A 1 32  ? 2.763   8.482   -4.540  0.500 11.135 ? 71  LEU AAA O   1 ? 
ATOM   262  O  O   B LEU A 1 32  ? 2.965   8.367   -4.366  0.500 11.227 ? 71  LEU AAA O   1 ? 
ATOM   263  C  CB  A LEU A 1 32  ? 0.668   8.412   -1.984  0.500 11.133 ? 71  LEU AAA CB  1 ? 
ATOM   264  C  CB  B LEU A 1 32  ? 0.495   8.670   -2.005  0.500 10.699 ? 71  LEU AAA CB  1 ? 
ATOM   265  C  CG  A LEU A 1 32  ? -0.006  7.673   -3.143  0.500 12.104 ? 71  LEU AAA CG  1 ? 
ATOM   266  C  CG  B LEU A 1 32  ? -0.332  7.679   -2.846  0.500 10.897 ? 71  LEU AAA CG  1 ? 
ATOM   267  C  CD1 A LEU A 1 32  ? 0.138   6.165   -2.971  0.500 13.387 ? 71  LEU AAA CD1 1 ? 
ATOM   268  C  CD1 B LEU A 1 32  ? -0.515  8.196   -4.254  0.500 10.742 ? 71  LEU AAA CD1 1 ? 
ATOM   269  C  CD2 A LEU A 1 32  ? -1.471  8.052   -3.249  0.500 14.218 ? 71  LEU AAA CD2 1 ? 
ATOM   270  C  CD2 B LEU A 1 32  ? 0.283   6.276   -2.875  0.500 12.161 ? 71  LEU AAA CD2 1 ? 
ATOM   271  N  N   . LYS A 1 33  ? 2.492   10.485  -3.655  1.000 12.627 ? 72  LYS AAA N   1 ? 
ATOM   272  C  CA  . LYS A 1 33  ? 2.841   11.122  -4.927  1.000 14.774 ? 72  LYS AAA CA  1 ? 
ATOM   273  C  C   . LYS A 1 33  ? 4.243   10.735  -5.397  1.000 13.974 ? 72  LYS AAA C   1 ? 
ATOM   274  O  O   . LYS A 1 33  ? 4.447   10.404  -6.572  1.000 15.434 ? 72  LYS AAA O   1 ? 
ATOM   275  C  CB  . LYS A 1 33  ? 2.778   12.646  -4.782  1.000 17.884 ? 72  LYS AAA CB  1 ? 
ATOM   276  C  CG  . LYS A 1 33  ? 3.076   13.457  -6.044  0.500 17.360 ? 72  LYS AAA CG  1 ? 
ATOM   277  C  CD  . LYS A 1 33  ? 3.371   14.920  -5.775  0.500 19.714 ? 72  LYS AAA CD  1 ? 
ATOM   278  C  CE  . LYS A 1 33  ? 4.765   15.165  -5.228  0.500 21.697 ? 72  LYS AAA CE  1 ? 
ATOM   279  N  NZ  . LYS A 1 33  ? 5.781   15.344  -6.299  0.500 22.064 ? 72  LYS AAA NZ  1 ? 
ATOM   280  N  N   A THR A 1 34  ? 5.229   10.717  -4.485  0.500 13.028 ? 73  THR AAA N   1 ? 
ATOM   281  N  N   B THR A 1 34  ? 5.186   10.774  -4.480  0.500 12.903 ? 73  THR AAA N   1 ? 
ATOM   282  C  CA  A THR A 1 34  ? 6.633   10.388  -4.742  0.500 13.508 ? 73  THR AAA CA  1 ? 
ATOM   283  C  CA  B THR A 1 34  ? 6.525   10.435  -4.877  0.500 12.968 ? 73  THR AAA CA  1 ? 
ATOM   284  C  C   A THR A 1 34  ? 6.840   8.896   -5.038  0.500 10.934 ? 73  THR AAA C   1 ? 
ATOM   285  C  C   B THR A 1 34  ? 6.616   8.953   -5.207  0.500 11.147 ? 73  THR AAA C   1 ? 
ATOM   286  O  O   A THR A 1 34  ? 7.640   8.482   -5.879  0.500 10.207 ? 73  THR AAA O   1 ? 
ATOM   287  O  O   B THR A 1 34  ? 7.135   8.654   -6.280  0.500 10.192 ? 73  THR AAA O   1 ? 
ATOM   288  C  CB  A THR A 1 34  ? 7.481   10.740  -3.511  0.500 14.766 ? 73  THR AAA CB  1 ? 
ATOM   289  C  CB  B THR A 1 34  ? 7.517   11.078  -3.913  0.500 14.007 ? 73  THR AAA CB  1 ? 
ATOM   290  O  OG1 A THR A 1 34  ? 7.584   12.140  -3.272  0.500 16.771 ? 73  THR AAA OG1 1 ? 
ATOM   291  O  OG1 B THR A 1 34  ? 7.636   10.348  -2.692  0.500 13.908 ? 73  THR AAA OG1 1 ? 
ATOM   292  C  CG2 A THR A 1 34  ? 8.894   10.205  -3.584  0.500 15.828 ? 73  THR AAA CG2 1 ? 
ATOM   293  C  CG2 B THR A 1 34  ? 7.166   12.536  -3.684  0.500 15.399 ? 73  THR AAA CG2 1 ? 
ATOM   294  N  N   . LEU A 1 35  ? 6.095   8.053   -4.335  1.000 10.595 ? 74  LEU AAA N   1 ? 
ATOM   295  C  CA  . LEU A 1 35  ? 6.244   6.618   -4.590  1.000 10.616 ? 74  LEU AAA CA  1 ? 
ATOM   296  C  C   . LEU A 1 35  ? 5.550   6.257   -5.898  1.000 9.984  ? 74  LEU AAA C   1 ? 
ATOM   297  O  O   . LEU A 1 35  ? 6.043   5.382   -6.594  1.000 10.870 ? 74  LEU AAA O   1 ? 
ATOM   298  C  CB  . LEU A 1 35  ? 5.710   5.780   -3.418  1.000 10.701 ? 74  LEU AAA CB  1 ? 
ATOM   299  C  CG  . LEU A 1 35  ? 6.777   5.341   -2.387  1.000 12.718 ? 74  LEU AAA CG  1 ? 
ATOM   300  C  CD1 . LEU A 1 35  ? 7.408   6.493   -1.601  1.000 14.109 ? 74  LEU AAA CD1 1 ? 
ATOM   301  C  CD2 . LEU A 1 35  ? 6.189   4.267   -1.438  1.000 12.827 ? 74  LEU AAA CD2 1 ? 
ATOM   302  N  N   . TRP A 1 36  ? 4.439   6.865   -6.195  1.000 9.930  ? 75  TRP AAA N   1 ? 
ATOM   303  C  CA  . TRP A 1 36  ? 3.607   6.435   -7.314  1.000 10.891 ? 75  TRP AAA CA  1 ? 
ATOM   304  C  C   . TRP A 1 36  ? 4.375   6.578   -8.621  1.000 11.419 ? 75  TRP AAA C   1 ? 
ATOM   305  O  O   . TRP A 1 36  ? 4.175   5.779   -9.557  1.000 12.317 ? 75  TRP AAA O   1 ? 
ATOM   306  C  CB  . TRP A 1 36  ? 2.314   7.232   -7.370  1.000 11.770 ? 75  TRP AAA CB  1 ? 
ATOM   307  C  CG  . TRP A 1 36  ? 1.273   6.751   -8.328  1.000 11.502 ? 75  TRP AAA CG  1 ? 
ATOM   308  C  CD1 . TRP A 1 36  ? 1.090   7.115   -9.642  1.000 13.370 ? 75  TRP AAA CD1 1 ? 
ATOM   309  C  CD2 . TRP A 1 36  ? 0.276   5.744   -8.057  1.000 10.228 ? 75  TRP AAA CD2 1 ? 
ATOM   310  N  NE1 . TRP A 1 36  ? 0.034   6.447   -10.167 1.000 13.492 ? 75  TRP AAA NE1 1 ? 
ATOM   311  C  CE2 . TRP A 1 36  ? -0.489  5.590   -9.220  1.000 10.123 ? 75  TRP AAA CE2 1 ? 
ATOM   312  C  CE3 . TRP A 1 36  ? -0.069  4.983   -6.938  1.000 9.899  ? 75  TRP AAA CE3 1 ? 
ATOM   313  C  CZ2 . TRP A 1 36  ? -1.530  4.698   -9.332  1.000 11.446 ? 75  TRP AAA CZ2 1 ? 
ATOM   314  C  CZ3 . TRP A 1 36  ? -1.136  4.126   -7.032  1.000 10.819 ? 75  TRP AAA CZ3 1 ? 
ATOM   315  C  CH2 . TRP A 1 36  ? -1.858  3.982   -8.202  1.000 11.026 ? 75  TRP AAA CH2 1 ? 
ATOM   316  N  N   . LYS A 1 37  ? 5.230   7.610   -8.711  1.000 11.394 ? 76  LYS AAA N   1 ? 
ATOM   317  C  CA  . LYS A 1 37  ? 5.926   7.897   -9.969  1.000 11.782 ? 76  LYS AAA CA  1 ? 
ATOM   318  C  C   . LYS A 1 37  ? 7.296   7.257   -9.979  1.000 12.993 ? 76  LYS AAA C   1 ? 
ATOM   319  O  O   . LYS A 1 37  ? 8.032   7.388   -10.986 1.000 14.317 ? 76  LYS AAA O   1 ? 
ATOM   320  C  CB  . LYS A 1 37  ? 6.005   9.401   -10.240 1.000 14.977 ? 76  LYS AAA CB  1 ? 
ATOM   321  C  CG  . LYS A 1 37  ? 6.807   10.168  -9.224  1.000 15.137 ? 76  LYS AAA CG  1 ? 
ATOM   322  C  CD  . LYS A 1 37  ? 6.840   11.642  -9.635  1.000 18.462 ? 76  LYS AAA CD  1 ? 
ATOM   323  C  CE  . LYS A 1 37  ? 7.471   12.523  -8.578  1.000 24.055 ? 76  LYS AAA CE  1 ? 
ATOM   324  N  NZ  . LYS A 1 37  ? 8.947   12.432  -8.573  1.000 28.174 ? 76  LYS AAA NZ  1 ? 
ATOM   325  N  N   . HIS A 1 38  ? 7.663   6.477   -8.969  1.000 12.610 ? 77  HIS AAA N   1 ? 
ATOM   326  C  CA  . HIS A 1 38  ? 8.935   5.802   -9.018  1.000 12.860 ? 77  HIS AAA CA  1 ? 
ATOM   327  C  C   . HIS A 1 38  ? 8.913   4.813   -10.181 1.000 11.811 ? 77  HIS AAA C   1 ? 
ATOM   328  O  O   . HIS A 1 38  ? 7.904   4.214   -10.480 1.000 12.511 ? 77  HIS AAA O   1 ? 
ATOM   329  C  CB  . HIS A 1 38  ? 9.163   5.068   -7.703  1.000 13.834 ? 77  HIS AAA CB  1 ? 
ATOM   330  C  CG  . HIS A 1 38  ? 10.523  4.544   -7.532  1.000 14.194 ? 77  HIS AAA CG  1 ? 
ATOM   331  N  ND1 . HIS A 1 38  ? 10.982  3.367   -8.108  1.000 12.241 ? 77  HIS AAA ND1 1 ? 
ATOM   332  C  CD2 . HIS A 1 38  ? 11.552  5.069   -6.838  1.000 17.220 ? 77  HIS AAA CD2 1 ? 
ATOM   333  C  CE1 . HIS A 1 38  ? 12.214  3.158   -7.744  1.000 14.374 ? 77  HIS AAA CE1 1 ? 
ATOM   334  N  NE2 . HIS A 1 38  ? 12.598  4.230   -6.988  1.000 17.128 ? 77  HIS AAA NE2 1 ? 
ATOM   335  N  N   . GLN A 1 39  ? 10.074  4.589   -10.814 1.000 12.301 ? 78  GLN AAA N   1 ? 
ATOM   336  C  CA  . GLN A 1 39  ? 10.144  3.681   -11.942 1.000 11.725 ? 78  GLN AAA CA  1 ? 
ATOM   337  C  C   . GLN A 1 39  ? 9.713   2.240   -11.606 1.000 10.171 ? 78  GLN AAA C   1 ? 
ATOM   338  O  O   . GLN A 1 39  ? 9.284   1.490   -12.480 1.000 10.335 ? 78  GLN AAA O   1 ? 
ATOM   339  C  CB  . GLN A 1 39  ? 11.541  3.698   -12.538 1.000 14.059 ? 78  GLN AAA CB  1 ? 
ATOM   340  C  CG  . GLN A 1 39  ? 12.567  3.161   -11.594 1.000 17.530 ? 78  GLN AAA CG  1 ? 
ATOM   341  C  CD  . GLN A 1 39  ? 13.887  3.130   -12.330 1.000 18.668 ? 78  GLN AAA CD  1 ? 
ATOM   342  O  OE1 . GLN A 1 39  ? 14.116  2.328   -13.249 1.000 20.161 ? 78  GLN AAA OE1 1 ? 
ATOM   343  N  NE2 . GLN A 1 39  ? 14.777  4.030   -11.956 1.000 22.067 ? 78  GLN AAA NE2 1 ? 
ATOM   344  N  N   . PHE A 1 40  ? 9.795   1.869   -10.312 1.000 9.866  ? 79  PHE AAA N   1 ? 
ATOM   345  C  CA  . PHE A 1 40  ? 9.448   0.520   -9.871  1.000 9.426  ? 79  PHE AAA CA  1 ? 
ATOM   346  C  C   . PHE A 1 40  ? 8.069   0.445   -9.208  1.000 8.954  ? 79  PHE AAA C   1 ? 
ATOM   347  O  O   . PHE A 1 40  ? 7.734   -0.620  -8.628  1.000 9.301  ? 79  PHE AAA O   1 ? 
ATOM   348  C  CB  . PHE A 1 40  ? 10.549  -0.026  -8.956  1.000 10.294 ? 79  PHE AAA CB  1 ? 
ATOM   349  C  CG  . PHE A 1 40  ? 11.903  -0.303  -9.572  1.000 10.710 ? 79  PHE AAA CG  1 ? 
ATOM   350  C  CD1 . PHE A 1 40  ? 12.071  -0.527  -10.946 1.000 11.684 ? 79  PHE AAA CD1 1 ? 
ATOM   351  C  CD2 . PHE A 1 40  ? 13.018  -0.424  -8.743  1.000 12.748 ? 79  PHE AAA CD2 1 ? 
ATOM   352  C  CE1 . PHE A 1 40  ? 13.321  -0.854  -11.448 1.000 12.640 ? 79  PHE AAA CE1 1 ? 
ATOM   353  C  CE2 . PHE A 1 40  ? 14.261  -0.731  -9.263  1.000 15.284 ? 79  PHE AAA CE2 1 ? 
ATOM   354  C  CZ  . PHE A 1 40  ? 14.409  -0.917  -10.621 1.000 14.525 ? 79  PHE AAA CZ  1 ? 
ATOM   355  N  N   . ALA A 1 41  ? 7.251   1.473   -9.297  1.000 9.194  ? 80  ALA AAA N   1 ? 
ATOM   356  C  CA  . ALA A 1 41  ? 5.955   1.497   -8.642  1.000 9.452  ? 80  ALA AAA CA  1 ? 
ATOM   357  C  C   . ALA A 1 41  ? 4.912   0.625   -9.296  1.000 8.821  ? 80  ALA AAA C   1 ? 
ATOM   358  O  O   . ALA A 1 41  ? 3.968   0.147   -8.627  1.000 8.427  ? 80  ALA AAA O   1 ? 
ATOM   359  C  CB  . ALA A 1 41  ? 5.448   2.900   -8.544  1.000 11.339 ? 80  ALA AAA CB  1 ? 
ATOM   360  N  N   . TRP A 1 42  ? 5.000   0.433   -10.620 1.000 9.004  ? 81  TRP AAA N   1 ? 
ATOM   361  C  CA  . TRP A 1 42  ? 3.883   -0.127  -11.378 1.000 9.715  ? 81  TRP AAA CA  1 ? 
ATOM   362  C  C   . TRP A 1 42  ? 3.358   -1.455  -10.844 1.000 8.464  ? 81  TRP AAA C   1 ? 
ATOM   363  O  O   . TRP A 1 42  ? 2.155   -1.641  -10.875 1.000 8.930  ? 81  TRP AAA O   1 ? 
ATOM   364  C  CB  . TRP A 1 42  ? 4.145   -0.110  -12.896 1.000 10.860 ? 81  TRP AAA CB  1 ? 
ATOM   365  C  CG  . TRP A 1 42  ? 5.356   -0.884  -13.263 1.000 10.804 ? 81  TRP AAA CG  1 ? 
ATOM   366  C  CD1 . TRP A 1 42  ? 6.651   -0.453  -13.312 1.000 11.537 ? 81  TRP AAA CD1 1 ? 
ATOM   367  C  CD2 . TRP A 1 42  ? 5.406   -2.280  -13.550 1.000 10.508 ? 81  TRP AAA CD2 1 ? 
ATOM   368  N  NE1 . TRP A 1 42  ? 7.477   -1.467  -13.653 1.000 11.823 ? 81  TRP AAA NE1 1 ? 
ATOM   369  C  CE2 . TRP A 1 42  ? 6.755   -2.620  -13.778 1.000 10.149 ? 81  TRP AAA CE2 1 ? 
ATOM   370  C  CE3 . TRP A 1 42  ? 4.423   -3.271  -13.628 1.000 10.880 ? 81  TRP AAA CE3 1 ? 
ATOM   371  C  CZ2 . TRP A 1 42  ? 7.153   -3.893  -14.143 1.000 13.257 ? 81  TRP AAA CZ2 1 ? 
ATOM   372  C  CZ3 . TRP A 1 42  ? 4.821   -4.541  -13.976 1.000 12.297 ? 81  TRP AAA CZ3 1 ? 
ATOM   373  C  CH2 . TRP A 1 42  ? 6.158   -4.847  -14.222 1.000 11.974 ? 81  TRP AAA CH2 1 ? 
ATOM   374  N  N   . PRO A 1 43  ? 4.159   -2.415  -10.391 1.000 7.883  ? 82  PRO AAA N   1 ? 
ATOM   375  C  CA  . PRO A 1 43  ? 3.564   -3.660  -9.896  1.000 7.894  ? 82  PRO AAA CA  1 ? 
ATOM   376  C  C   . PRO A 1 43  ? 2.702   -3.507  -8.657  1.000 6.799  ? 82  PRO AAA C   1 ? 
ATOM   377  O  O   . PRO A 1 43  ? 1.960   -4.436  -8.297  1.000 7.636  ? 82  PRO AAA O   1 ? 
ATOM   378  C  CB  . PRO A 1 43  ? 4.776   -4.502  -9.552  1.000 7.886  ? 82  PRO AAA CB  1 ? 
ATOM   379  C  CG  . PRO A 1 43  ? 5.937   -3.900  -10.325 1.000 8.508  ? 82  PRO AAA CG  1 ? 
ATOM   380  C  CD  . PRO A 1 43  ? 5.625   -2.425  -10.262 1.000 7.939  ? 82  PRO AAA CD  1 ? 
ATOM   381  N  N   . PHE A 1 44  ? 2.873   -2.359  -7.973  1.000 7.034  ? 83  PHE AAA N   1 ? 
ATOM   382  C  CA  . PHE A 1 44  ? 2.251   -2.111  -6.702  1.000 6.899  ? 83  PHE AAA CA  1 ? 
ATOM   383  C  C   . PHE A 1 44  ? 1.105   -1.133  -6.814  1.000 7.405  ? 83  PHE AAA C   1 ? 
ATOM   384  O  O   . PHE A 1 44  ? 0.516   -0.739  -5.786  1.000 8.901  ? 83  PHE AAA O   1 ? 
ATOM   385  C  CB  . PHE A 1 44  ? 3.293   -1.593  -5.714  1.000 8.091  ? 83  PHE AAA CB  1 ? 
ATOM   386  C  CG  . PHE A 1 44  ? 4.458   -2.511  -5.548  1.000 7.626  ? 83  PHE AAA CG  1 ? 
ATOM   387  C  CD1 . PHE A 1 44  ? 4.351   -3.648  -4.741  1.000 9.120  ? 83  PHE AAA CD1 1 ? 
ATOM   388  C  CD2 . PHE A 1 44  ? 5.623   -2.299  -6.259  1.000 8.226  ? 83  PHE AAA CD2 1 ? 
ATOM   389  C  CE1 . PHE A 1 44  ? 5.405   -4.548  -4.647  1.000 10.966 ? 83  PHE AAA CE1 1 ? 
ATOM   390  C  CE2 . PHE A 1 44  ? 6.665   -3.209  -6.150  1.000 9.718  ? 83  PHE AAA CE2 1 ? 
ATOM   391  C  CZ  . PHE A 1 44  ? 6.566   -4.313  -5.331  1.000 10.899 ? 83  PHE AAA CZ  1 ? 
ATOM   392  N  N   . GLN A 1 45  ? 0.689   -0.773  -8.041  1.000 7.680  ? 84  GLN AAA N   1 ? 
ATOM   393  C  CA  . GLN A 1 45  ? -0.337  0.249   -8.211  1.000 7.647  ? 84  GLN AAA CA  1 ? 
ATOM   394  C  C   . GLN A 1 45  ? -1.760  -0.342  -8.235  1.000 7.941  ? 84  GLN AAA C   1 ? 
ATOM   395  O  O   . GLN A 1 45  ? -2.718  0.425   -8.356  1.000 9.143  ? 84  GLN AAA O   1 ? 
ATOM   396  C  CB  . GLN A 1 45  ? -0.083  1.025   -9.514  1.000 9.150  ? 84  GLN AAA CB  1 ? 
ATOM   397  C  CG  . GLN A 1 45  ? 1.062   2.009   -9.346  1.000 9.768  ? 84  GLN AAA CG  1 ? 
ATOM   398  C  CD  . GLN A 1 45  ? 1.423   2.673   -10.661 1.000 10.182 ? 84  GLN AAA CD  1 ? 
ATOM   399  O  OE1 . GLN A 1 45  ? 1.053   2.207   -11.733 1.000 12.373 ? 84  GLN AAA OE1 1 ? 
ATOM   400  N  NE2 . GLN A 1 45  ? 2.166   3.759   -10.599 1.000 12.338 ? 84  GLN AAA NE2 1 ? 
ATOM   401  N  N   . GLN A 1 46  ? -1.893  -1.658  -8.080  1.000 8.055  ? 85  GLN AAA N   1 ? 
ATOM   402  C  CA  . GLN A 1 46  ? -3.202  -2.307  -8.049  1.000 8.451  ? 85  GLN AAA CA  1 ? 
ATOM   403  C  C   . GLN A 1 46  ? -3.014  -3.610  -7.291  1.000 8.154  ? 85  GLN AAA C   1 ? 
ATOM   404  O  O   . GLN A 1 46  ? -1.895  -4.079  -7.143  1.000 7.790  ? 85  GLN AAA O   1 ? 
ATOM   405  C  CB  . GLN A 1 46  ? -3.718  -2.554  -9.478  1.000 9.509  ? 85  GLN AAA CB  1 ? 
ATOM   406  C  CG  . GLN A 1 46  ? -2.790  -3.370  -10.367 1.000 10.810 ? 85  GLN AAA CG  1 ? 
ATOM   407  C  CD  . GLN A 1 46  ? -1.621  -2.566  -10.890 1.000 11.062 ? 85  GLN AAA CD  1 ? 
ATOM   408  O  OE1 . GLN A 1 46  ? -1.834  -1.429  -11.350 1.000 12.587 ? 85  GLN AAA OE1 1 ? 
ATOM   409  N  NE2 . GLN A 1 46  ? -0.411  -3.123  -10.777 1.000 11.382 ? 85  GLN AAA NE2 1 ? 
ATOM   410  N  N   . PRO A 1 47  ? -4.117  -4.234  -6.814  1.000 8.106  ? 86  PRO AAA N   1 ? 
ATOM   411  C  CA  . PRO A 1 47  ? -4.017  -5.526  -6.136  1.000 8.750  ? 86  PRO AAA CA  1 ? 
ATOM   412  C  C   . PRO A 1 47  ? -3.306  -6.551  -6.993  1.000 8.260  ? 86  PRO AAA C   1 ? 
ATOM   413  O  O   . PRO A 1 47  ? -3.454  -6.583  -8.220  1.000 9.039  ? 86  PRO AAA O   1 ? 
ATOM   414  C  CB  . PRO A 1 47  ? -5.488  -5.928  -5.878  1.000 10.005 ? 86  PRO AAA CB  1 ? 
ATOM   415  C  CG  . PRO A 1 47  ? -6.164  -4.584  -5.730  1.000 10.657 ? 86  PRO AAA CG  1 ? 
ATOM   416  C  CD  . PRO A 1 47  ? -5.482  -3.680  -6.737  1.000 10.053 ? 86  PRO AAA CD  1 ? 
ATOM   417  N  N   . VAL A 1 48  ? -2.611  -7.482  -6.350  1.000 8.843  ? 87  VAL AAA N   1 ? 
ATOM   418  C  CA  . VAL A 1 48  ? -2.043  -8.623  -7.023  1.000 9.175  ? 87  VAL AAA CA  1 ? 
ATOM   419  C  C   . VAL A 1 48  ? -3.174  -9.446  -7.656  1.000 9.381  ? 87  VAL AAA C   1 ? 
ATOM   420  O  O   . VAL A 1 48  ? -4.099  -9.909  -6.955  1.000 9.968  ? 87  VAL AAA O   1 ? 
ATOM   421  C  CB  . VAL A 1 48  ? -1.195  -9.473  -6.060  1.000 9.601  ? 87  VAL AAA CB  1 ? 
ATOM   422  C  CG1 . VAL A 1 48  ? -0.800  -10.830 -6.647  1.000 11.065 ? 87  VAL AAA CG1 1 ? 
ATOM   423  C  CG2 . VAL A 1 48  ? 0.013   -8.706  -5.570  1.000 10.777 ? 87  VAL AAA CG2 1 ? 
ATOM   424  N  N   . ASP A 1 49  ? -3.091  -9.666  -8.966  1.000 9.584  ? 88  ASP AAA N   1 ? 
ATOM   425  C  CA  . ASP A 1 49  ? -4.087  -10.467 -9.660  1.000 9.537  ? 88  ASP AAA CA  1 ? 
ATOM   426  C  C   . ASP A 1 49  ? -3.481  -11.863 -9.766  1.000 8.865  ? 88  ASP AAA C   1 ? 
ATOM   427  O  O   . ASP A 1 49  ? -2.724  -12.150 -10.686 1.000 8.908  ? 88  ASP AAA O   1 ? 
ATOM   428  C  CB  . ASP A 1 49  ? -4.404  -9.866  -11.018 1.000 11.253 ? 88  ASP AAA CB  1 ? 
ATOM   429  C  CG  . ASP A 1 49  ? -5.393  -10.689 -11.835 1.000 11.941 ? 88  ASP AAA CG  1 ? 
ATOM   430  O  OD1 . ASP A 1 49  ? -5.666  -11.871 -11.526 1.000 11.433 ? 88  ASP AAA OD1 1 ? 
ATOM   431  O  OD2 . ASP A 1 49  ? -5.905  -10.103 -12.831 1.000 15.454 ? 88  ASP AAA OD2 1 ? 
ATOM   432  N  N   . ALA A 1 50  ? -3.793  -12.707 -8.773  1.000 10.012 ? 89  ALA AAA N   1 ? 
ATOM   433  C  CA  . ALA A 1 50  ? -3.144  -13.990 -8.670  1.000 9.116  ? 89  ALA AAA CA  1 ? 
ATOM   434  C  C   . ALA A 1 50  ? -3.579  -14.915 -9.814  1.000 9.400  ? 89  ALA AAA C   1 ? 
ATOM   435  O  O   . ALA A 1 50  ? -2.865  -15.888 -10.150 1.000 10.298 ? 89  ALA AAA O   1 ? 
ATOM   436  C  CB  . ALA A 1 50  ? -3.487  -14.577 -7.309  1.000 11.469 ? 89  ALA AAA CB  1 ? 
ATOM   437  N  N   . VAL A 1 51  ? -4.723  -14.681 -10.415 1.000 10.070 ? 90  VAL AAA N   1 ? 
ATOM   438  C  CA  . VAL A 1 51  ? -5.129  -15.501 -11.539 1.000 10.706 ? 90  VAL AAA CA  1 ? 
ATOM   439  C  C   . VAL A 1 51  ? -4.264  -15.160 -12.744 1.000 9.857  ? 90  VAL AAA C   1 ? 
ATOM   440  O  O   . VAL A 1 51  ? -3.680  -16.041 -13.348 1.000 11.568 ? 90  VAL AAA O   1 ? 
ATOM   441  C  CB  . VAL A 1 51  ? -6.625  -15.278 -11.842 1.000 11.639 ? 90  VAL AAA CB  1 ? 
ATOM   442  C  CG1 . VAL A 1 51  ? -7.062  -16.056 -13.087 1.000 15.025 ? 90  VAL AAA CG1 1 ? 
ATOM   443  C  CG2 . VAL A 1 51  ? -7.467  -15.680 -10.641 1.000 13.759 ? 90  VAL AAA CG2 1 ? 
ATOM   444  N  N   . LYS A 1 52  ? -4.210  -13.883 -13.111 1.000 10.245 ? 91  LYS AAA N   1 ? 
ATOM   445  C  CA  . LYS A 1 52  ? -3.434  -13.507 -14.282 1.000 10.521 ? 91  LYS AAA CA  1 ? 
ATOM   446  C  C   . LYS A 1 52  ? -1.967  -13.869 -14.142 1.000 10.147 ? 91  LYS AAA C   1 ? 
ATOM   447  O  O   . LYS A 1 52  ? -1.297  -14.226 -15.116 1.000 11.540 ? 91  LYS AAA O   1 ? 
ATOM   448  C  CB  . LYS A 1 52  ? -3.574  -12.034 -14.575 1.000 12.934 ? 91  LYS AAA CB  1 ? 
ATOM   449  C  CG  . LYS A 1 52  ? -2.990  -11.684 -15.943 1.000 16.687 ? 91  LYS AAA CG  1 ? 
ATOM   450  C  CD  . LYS A 1 52  ? -3.446  -10.346 -16.459 1.000 19.395 ? 91  LYS AAA CD  1 ? 
ATOM   451  C  CE  . LYS A 1 52  ? -3.104  -9.319  -15.408 1.000 24.279 ? 91  LYS AAA CE  1 ? 
ATOM   452  N  NZ  . LYS A 1 52  ? -1.639  -9.166  -15.226 1.000 31.480 ? 91  LYS AAA NZ  1 ? 
ATOM   453  N  N   . LEU A 1 53  ? -1.431  -13.777 -12.936 1.000 9.679  ? 92  LEU AAA N   1 ? 
ATOM   454  C  CA  . LEU A 1 53  ? -0.023  -14.032 -12.648 1.000 11.113 ? 92  LEU AAA CA  1 ? 
ATOM   455  C  C   . LEU A 1 53  ? 0.257   -15.510 -12.373 1.000 11.108 ? 92  LEU AAA C   1 ? 
ATOM   456  O  O   . LEU A 1 53  ? 1.421   -15.870 -12.101 1.000 11.820 ? 92  LEU AAA O   1 ? 
ATOM   457  C  CB  . LEU A 1 53  ? 0.456   -13.144 -11.496 1.000 12.972 ? 92  LEU AAA CB  1 ? 
ATOM   458  C  CG  . LEU A 1 53  ? 0.331   -11.657 -11.821 1.000 15.392 ? 92  LEU AAA CG  1 ? 
ATOM   459  C  CD1 . LEU A 1 53  ? 0.736   -10.767 -10.667 1.000 18.602 ? 92  LEU AAA CD1 1 ? 
ATOM   460  C  CD2 . LEU A 1 53  ? 1.009   -11.305 -13.154 1.000 19.719 ? 92  LEU AAA CD2 1 ? 
ATOM   461  N  N   . ASN A 1 54  ? -0.773  -16.353 -12.398 1.000 10.506 ? 93  ASN AAA N   1 ? 
ATOM   462  C  CA  . ASN A 1 54  ? -0.619  -17.786 -12.112 1.000 11.953 ? 93  ASN AAA CA  1 ? 
ATOM   463  C  C   . ASN A 1 54  ? 0.090   -18.022 -10.777 1.000 11.597 ? 93  ASN AAA C   1 ? 
ATOM   464  O  O   . ASN A 1 54  ? 1.085   -18.752 -10.700 1.000 13.107 ? 93  ASN AAA O   1 ? 
ATOM   465  C  CB  . ASN A 1 54  ? 0.079   -18.530 -13.261 1.000 14.865 ? 93  ASN AAA CB  1 ? 
ATOM   466  C  CG  . ASN A 1 54  ? 0.037   -20.040 -13.063 1.000 19.153 ? 93  ASN AAA CG  1 ? 
ATOM   467  O  OD1 . ASN A 1 54  ? -0.935  -20.603 -12.540 1.000 22.028 ? 93  ASN AAA OD1 1 ? 
ATOM   468  N  ND2 . ASN A 1 54  ? 1.107   -20.713 -13.466 1.000 23.290 ? 93  ASN AAA ND2 1 ? 
ATOM   469  N  N   . LEU A 1 55  ? -0.461  -17.412 -9.734  1.000 9.983  ? 94  LEU AAA N   1 ? 
ATOM   470  C  CA  . LEU A 1 55  ? 0.040   -17.541 -8.381  1.000 9.798  ? 94  LEU AAA CA  1 ? 
ATOM   471  C  C   . LEU A 1 55  ? -1.113  -18.090 -7.550  1.000 7.946  ? 94  LEU AAA C   1 ? 
ATOM   472  O  O   . LEU A 1 55  ? -1.660  -17.391 -6.701  1.000 8.533  ? 94  LEU AAA O   1 ? 
ATOM   473  C  CB  . LEU A 1 55  ? 0.474   -16.182 -7.806  1.000 10.263 ? 94  LEU AAA CB  1 ? 
ATOM   474  C  CG  . LEU A 1 55  ? 1.467   -15.350 -8.614  1.000 13.038 ? 94  LEU AAA CG  1 ? 
ATOM   475  C  CD1 . LEU A 1 55  ? 1.696   -13.972 -7.982  1.000 14.315 ? 94  LEU AAA CD1 1 ? 
ATOM   476  C  CD2 . LEU A 1 55  ? 2.784   -16.083 -8.759  1.000 16.104 ? 94  LEU AAA CD2 1 ? 
ATOM   477  N  N   . PRO A 1 56  ? -1.539  -19.366 -7.752  1.000 8.823  ? 95  PRO AAA N   1 ? 
ATOM   478  C  CA  . PRO A 1 56  ? -2.743  -19.836 -7.100  1.000 9.327  ? 95  PRO AAA CA  1 ? 
ATOM   479  C  C   . PRO A 1 56  ? -2.636  -19.866 -5.587  1.000 8.641  ? 95  PRO AAA C   1 ? 
ATOM   480  O  O   . PRO A 1 56  ? -3.667  -19.843 -4.927  1.000 10.801 ? 95  PRO AAA O   1 ? 
ATOM   481  C  CB  . PRO A 1 56  ? -2.959  -21.231 -7.710  1.000 10.732 ? 95  PRO AAA CB  1 ? 
ATOM   482  C  CG  . PRO A 1 56  ? -1.639  -21.638 -8.185  1.000 11.811 ? 95  PRO AAA CG  1 ? 
ATOM   483  C  CD  . PRO A 1 56  ? -1.040  -20.338 -8.726  1.000 10.765 ? 95  PRO AAA CD  1 ? 
ATOM   484  N  N   . ASP A 1 57  ? -1.444  -19.920 -5.023  1.000 8.391  ? 96  ASP AAA N   1 ? 
ATOM   485  C  CA  . ASP A 1 57  ? -1.277  -19.933 -3.585  1.000 9.513  ? 96  ASP AAA CA  1 ? 
ATOM   486  C  C   . ASP A 1 57  ? -1.199  -18.526 -2.982  1.000 8.382  ? 96  ASP AAA C   1 ? 
ATOM   487  O  O   . ASP A 1 57  ? -1.094  -18.408 -1.775  1.000 9.556  ? 96  ASP AAA O   1 ? 
ATOM   488  C  CB  . ASP A 1 57  ? -0.025  -20.706 -3.152  1.000 10.279 ? 96  ASP AAA CB  1 ? 
ATOM   489  C  CG  . ASP A 1 57  ? 1.278   -20.080 -3.619  1.000 11.468 ? 96  ASP AAA CG  1 ? 
ATOM   490  O  OD1 . ASP A 1 57  ? 1.277   -19.204 -4.547  1.000 11.398 ? 96  ASP AAA OD1 1 ? 
ATOM   491  O  OD2 . ASP A 1 57  ? 2.330   -20.444 -3.089  1.000 14.538 ? 96  ASP AAA OD2 1 ? 
ATOM   492  N  N   . TYR A 1 58  ? -1.260  -17.442 -3.798  1.000 7.835  ? 97  TYR AAA N   1 ? 
ATOM   493  C  CA  . TYR A 1 58  ? -0.919  -16.134 -3.253  1.000 8.073  ? 97  TYR AAA CA  1 ? 
ATOM   494  C  C   . TYR A 1 58  ? -1.798  -15.767 -2.048  1.000 8.223  ? 97  TYR AAA C   1 ? 
ATOM   495  O  O   . TYR A 1 58  ? -1.306  -15.337 -1.000  1.000 9.164  ? 97  TYR AAA O   1 ? 
ATOM   496  C  CB  . TYR A 1 58  ? -0.996  -15.043 -4.324  1.000 8.397  ? 97  TYR AAA CB  1 ? 
ATOM   497  C  CG  . TYR A 1 58  ? -0.512  -13.693 -3.792  1.000 7.916  ? 97  TYR AAA CG  1 ? 
ATOM   498  C  CD1 . TYR A 1 58  ? 0.848   -13.380 -3.770  1.000 8.459  ? 97  TYR AAA CD1 1 ? 
ATOM   499  C  CD2 . TYR A 1 58  ? -1.414  -12.754 -3.291  1.000 8.073  ? 97  TYR AAA CD2 1 ? 
ATOM   500  C  CE1 . TYR A 1 58  ? 1.297   -12.164 -3.293  1.000 8.167  ? 97  TYR AAA CE1 1 ? 
ATOM   501  C  CE2 . TYR A 1 58  ? -0.969  -11.527 -2.830  1.000 8.426  ? 97  TYR AAA CE2 1 ? 
ATOM   502  C  CZ  . TYR A 1 58  ? 0.369   -11.260 -2.788  1.000 7.950  ? 97  TYR AAA CZ  1 ? 
ATOM   503  O  OH  . TYR A 1 58  ? 0.777   -10.063 -2.253  1.000 9.033  ? 97  TYR AAA OH  1 ? 
ATOM   504  N  N   . TYR A 1 59  ? -3.107  -15.922 -2.231  1.000 8.545  ? 98  TYR AAA N   1 ? 
ATOM   505  C  CA  . TYR A 1 59  ? -4.065  -15.496 -1.214  1.000 9.688  ? 98  TYR AAA CA  1 ? 
ATOM   506  C  C   . TYR A 1 59  ? -4.315  -16.611 -0.201  1.000 11.639 ? 98  TYR AAA C   1 ? 
ATOM   507  O  O   . TYR A 1 59  ? -5.213  -16.429 0.618   1.000 16.331 ? 98  TYR AAA O   1 ? 
ATOM   508  C  CB  . TYR A 1 59  ? -5.334  -14.910 -1.851  1.000 10.637 ? 98  TYR AAA CB  1 ? 
ATOM   509  C  CG  . TYR A 1 59  ? -5.097  -13.582 -2.564  1.000 9.342  ? 98  TYR AAA CG  1 ? 
ATOM   510  C  CD1 . TYR A 1 59  ? -4.791  -12.452 -1.835  1.000 11.730 ? 98  TYR AAA CD1 1 ? 
ATOM   511  C  CD2 . TYR A 1 59  ? -5.132  -13.497 -3.949  1.000 10.123 ? 98  TYR AAA CD2 1 ? 
ATOM   512  C  CE1 . TYR A 1 59  ? -4.582  -11.233 -2.455  1.000 10.596 ? 98  TYR AAA CE1 1 ? 
ATOM   513  C  CE2 . TYR A 1 59  ? -4.939  -12.269 -4.570  1.000 10.381 ? 98  TYR AAA CE2 1 ? 
ATOM   514  C  CZ  . TYR A 1 59  ? -4.678  -11.125 -3.818  1.000 10.467 ? 98  TYR AAA CZ  1 ? 
ATOM   515  O  OH  . TYR A 1 59  ? -4.460  -9.867  -4.333  1.000 11.657 ? 98  TYR AAA OH  1 ? 
ATOM   516  N  N   . LYS A 1 60  ? -3.543  -17.714 -0.253  1.000 10.462 ? 99  LYS AAA N   1 ? 
ATOM   517  C  CA  . LYS A 1 60  ? -3.397  -18.662 0.844   1.000 12.811 ? 99  LYS AAA CA  1 ? 
ATOM   518  C  C   . LYS A 1 60  ? -2.277  -18.242 1.774   1.000 12.192 ? 99  LYS AAA C   1 ? 
ATOM   519  O  O   . LYS A 1 60  ? -2.305  -18.605 2.953   1.000 16.223 ? 99  LYS AAA O   1 ? 
ATOM   520  C  CB  . LYS A 1 60  ? -3.006  -20.059 0.345   1.000 15.136 ? 99  LYS AAA CB  1 ? 
ATOM   521  C  CG  . LYS A 1 60  ? -4.033  -20.682 -0.558  1.000 18.935 ? 99  LYS AAA CG  1 ? 
ATOM   522  C  CD  . LYS A 1 60  ? -5.270  -21.070 0.205   1.000 23.104 ? 99  LYS AAA CD  1 ? 
ATOM   523  C  CE  . LYS A 1 60  ? -6.386  -21.419 -0.749  1.000 26.116 ? 99  LYS AAA CE  1 ? 
ATOM   524  N  NZ  . LYS A 1 60  ? -7.678  -21.515 -0.025  1.000 27.128 ? 99  LYS AAA NZ  1 ? 
ATOM   525  N  N   A ILE A 1 61  ? -1.216  -17.547 1.283   0.500 10.620 ? 100 ILE AAA N   1 ? 
ATOM   526  N  N   B ILE A 1 61  ? -1.318  -17.531 1.242   0.500 11.148 ? 100 ILE AAA N   1 ? 
ATOM   527  C  CA  A ILE A 1 61  ? 0.018   -17.133 1.972   0.500 10.491 ? 100 ILE AAA CA  1 ? 
ATOM   528  C  CA  B ILE A 1 61  ? -0.226  -17.165 2.098   0.500 11.121 ? 100 ILE AAA CA  1 ? 
ATOM   529  C  C   A ILE A 1 61  ? -0.121  -15.693 2.480   0.500 8.879  ? 100 ILE AAA C   1 ? 
ATOM   530  C  C   B ILE A 1 61  ? -0.453  -15.748 2.604   0.500 9.599  ? 100 ILE AAA C   1 ? 
ATOM   531  O  O   A ILE A 1 61  ? 0.360   -15.341 3.562   0.500 8.361  ? 100 ILE AAA O   1 ? 
ATOM   532  O  O   B ILE A 1 61  ? -0.331  -15.480 3.798   0.500 11.441 ? 100 ILE AAA O   1 ? 
ATOM   533  C  CB  A ILE A 1 61  ? 1.237   -17.292 1.017   0.500 10.351 ? 100 ILE AAA CB  1 ? 
ATOM   534  C  CB  B ILE A 1 61  ? 1.074   -17.347 1.302   0.500 10.987 ? 100 ILE AAA CB  1 ? 
ATOM   535  C  CG1 A ILE A 1 61  ? 1.329   -18.707 0.422   0.500 12.042 ? 100 ILE AAA CG1 1 ? 
ATOM   536  C  CG1 B ILE A 1 61  ? 1.319   -18.833 1.024   0.500 12.353 ? 100 ILE AAA CG1 1 ? 
ATOM   537  C  CG2 A ILE A 1 61  ? 2.557   -16.799 1.626   0.500 11.349 ? 100 ILE AAA CG2 1 ? 
ATOM   538  C  CG2 B ILE A 1 61  ? 2.232   -16.706 2.034   0.500 13.306 ? 100 ILE AAA CG2 1 ? 
ATOM   539  C  CD1 A ILE A 1 61  ? 1.433   -19.834 1.448   0.500 13.577 ? 100 ILE AAA CD1 1 ? 
ATOM   540  C  CD1 B ILE A 1 61  ? 2.286   -19.093 -0.098  0.500 10.761 ? 100 ILE AAA CD1 1 ? 
ATOM   541  N  N   . ILE A 1 62  ? -0.775  -14.836 1.679   1.000 9.012  ? 101 ILE AAA N   1 ? 
ATOM   542  C  CA  . ILE A 1 62  ? -0.940  -13.423 1.987   1.000 8.690  ? 101 ILE AAA CA  1 ? 
ATOM   543  C  C   . ILE A 1 62  ? -2.398  -13.222 2.322   1.000 8.911  ? 101 ILE AAA C   1 ? 
ATOM   544  O  O   . ILE A 1 62  ? -3.262  -13.121 1.434   1.000 10.735 ? 101 ILE AAA O   1 ? 
ATOM   545  C  CB  . ILE A 1 62  ? -0.481  -12.578 0.793   1.000 8.983  ? 101 ILE AAA CB  1 ? 
ATOM   546  C  CG1 . ILE A 1 62  ? 0.997   -12.787 0.468   1.000 9.826  ? 101 ILE AAA CG1 1 ? 
ATOM   547  C  CG2 . ILE A 1 62  ? -0.780  -11.085 1.014   1.000 9.471  ? 101 ILE AAA CG2 1 ? 
ATOM   548  C  CD1 . ILE A 1 62  ? 1.928   -12.623 1.651   1.000 9.538  ? 101 ILE AAA CD1 1 ? 
ATOM   549  N  N   . LYS A 1 63  ? -2.659  -13.137 3.597   1.000 9.387  ? 102 LYS AAA N   1 ? 
ATOM   550  C  CA  . LYS A 1 63  ? -4.026  -13.027 4.068   1.000 11.172 ? 102 LYS AAA CA  1 ? 
ATOM   551  C  C   . LYS A 1 63  ? -4.380  -11.585 4.397   1.000 10.948 ? 102 LYS AAA C   1 ? 
ATOM   552  O  O   . LYS A 1 63  ? -5.566  -11.306 4.685   1.000 13.643 ? 102 LYS AAA O   1 ? 
ATOM   553  C  CB  . LYS A 1 63  ? -4.251  -13.936 5.269   1.000 13.252 ? 102 LYS AAA CB  1 ? 
ATOM   554  C  CG  . LYS A 1 63  ? -4.106  -15.426 5.006   1.000 17.249 ? 102 LYS AAA CG  1 ? 
ATOM   555  C  CD  . LYS A 1 63  ? -4.051  -16.268 6.252   1.000 22.992 ? 102 LYS AAA CD  1 ? 
ATOM   556  C  CE  . LYS A 1 63  ? -3.990  -17.744 5.927   1.000 27.074 ? 102 LYS AAA CE  1 ? 
ATOM   557  N  NZ  . LYS A 1 63  ? -5.279  -18.224 5.365   1.000 30.925 ? 102 LYS AAA NZ  1 ? 
ATOM   558  N  N   . THR A 1 64  ? -3.433  -10.634 4.342   1.000 10.191 ? 103 THR AAA N   1 ? 
ATOM   559  C  CA  . THR A 1 64  ? -3.774  -9.227  4.478   1.000 11.786 ? 103 THR AAA CA  1 ? 
ATOM   560  C  C   . THR A 1 64  ? -3.167  -8.480  3.299   1.000 10.183 ? 103 THR AAA C   1 ? 
ATOM   561  O  O   . THR A 1 64  ? -2.163  -7.775  3.381   1.000 9.518  ? 103 THR AAA O   1 ? 
ATOM   562  C  CB  . THR A 1 64  ? -3.431  -8.625  5.833   1.000 16.323 ? 103 THR AAA CB  1 ? 
ATOM   563  O  OG1 . THR A 1 64  ? -2.028  -8.580  5.935   1.000 21.091 ? 103 THR AAA OG1 1 ? 
ATOM   564  C  CG2 . THR A 1 64  ? -3.873  -9.501  6.973   1.000 17.320 ? 103 THR AAA CG2 1 ? 
ATOM   565  N  N   . PRO A 1 65  ? -3.776  -8.635  2.133   1.000 9.641  ? 104 PRO AAA N   1 ? 
ATOM   566  C  CA  . PRO A 1 65  ? -3.235  -7.997  0.929   1.000 10.108 ? 104 PRO AAA CA  1 ? 
ATOM   567  C  C   . PRO A 1 65  ? -3.292  -6.477  1.019   1.000 8.127  ? 104 PRO AAA C   1 ? 
ATOM   568  O  O   . PRO A 1 65  ? -4.206  -5.917  1.611   1.000 9.730  ? 104 PRO AAA O   1 ? 
ATOM   569  C  CB  . PRO A 1 65  ? -4.224  -8.414  -0.176  1.000 12.720 ? 104 PRO AAA CB  1 ? 
ATOM   570  C  CG  . PRO A 1 65  ? -5.115  -9.467  0.472   1.000 11.886 ? 104 PRO AAA CG  1 ? 
ATOM   571  C  CD  . PRO A 1 65  ? -5.072  -9.329  1.950   1.000 12.078 ? 104 PRO AAA CD  1 ? 
ATOM   572  N  N   . MET A 1 66  ? -2.347  -5.816  0.354   1.000 7.430  ? 105 MET AAA N   1 ? 
ATOM   573  C  CA  . MET A 1 66  ? -2.433  -4.363  0.276   1.000 7.578  ? 105 MET AAA CA  1 ? 
ATOM   574  C  C   . MET A 1 66  ? -1.630  -3.916  -0.932  1.000 7.477  ? 105 MET AAA C   1 ? 
ATOM   575  O  O   . MET A 1 66  ? -0.645  -4.585  -1.325  1.000 8.793  ? 105 MET AAA O   1 ? 
ATOM   576  C  CB  . MET A 1 66  ? -1.898  -3.735  1.576   1.000 8.471  ? 105 MET AAA CB  1 ? 
ATOM   577  C  CG  . MET A 1 66  ? -2.063  -2.226  1.659   1.000 8.957  ? 105 MET AAA CG  1 ? 
ATOM   578  S  SD  . MET A 1 66  ? -3.738  -1.597  1.358   1.000 8.336  ? 105 MET AAA SD  1 ? 
ATOM   579  C  CE  . MET A 1 66  ? -4.678  -2.483  2.622   1.000 10.211 ? 105 MET AAA CE  1 ? 
ATOM   580  N  N   . ASP A 1 67  ? -1.982  -2.768  -1.494  1.000 7.865  ? 106 ASP AAA N   1 ? 
ATOM   581  C  CA  . ASP A 1 67  ? -1.333  -2.228  -2.684  1.000 7.636  ? 106 ASP AAA CA  1 ? 
ATOM   582  C  C   . ASP A 1 67  ? -1.515  -0.714  -2.628  1.000 6.810  ? 106 ASP AAA C   1 ? 
ATOM   583  O  O   . ASP A 1 67  ? -2.384  -0.184  -1.931  1.000 6.913  ? 106 ASP AAA O   1 ? 
ATOM   584  C  CB  . ASP A 1 67  ? -1.934  -2.836  -3.965  1.000 8.324  ? 106 ASP AAA CB  1 ? 
ATOM   585  C  CG  . ASP A 1 67  ? -3.383  -2.413  -4.094  1.000 8.936  ? 106 ASP AAA CG  1 ? 
ATOM   586  O  OD1 . ASP A 1 67  ? -4.283  -3.005  -3.366  1.000 9.491  ? 106 ASP AAA OD1 1 ? 
ATOM   587  O  OD2 . ASP A 1 67  ? -3.646  -1.404  -4.806  1.000 9.293  ? 106 ASP AAA OD2 1 ? 
ATOM   588  N  N   . MET A 1 68  ? -0.709  -0.008  -3.455  1.000 7.248  ? 107 MET AAA N   1 ? 
ATOM   589  C  CA  . MET A 1 68  ? -0.769  1.443   -3.469  1.000 7.549  ? 107 MET AAA CA  1 ? 
ATOM   590  C  C   . MET A 1 68  ? -2.003  1.988   -4.157  1.000 7.454  ? 107 MET AAA C   1 ? 
ATOM   591  O  O   . MET A 1 68  ? -2.388  3.133   -3.843  1.000 8.235  ? 107 MET AAA O   1 ? 
ATOM   592  C  CB  . MET A 1 68  ? 0.444   2.083   -4.127  1.000 8.697  ? 107 MET AAA CB  1 ? 
ATOM   593  C  CG  . MET A 1 68  ? 1.733   1.861   -3.381  1.000 10.668 ? 107 MET AAA CG  1 ? 
ATOM   594  S  SD  . MET A 1 68  ? 3.012   3.048   -3.746  1.000 10.786 ? 107 MET AAA SD  1 ? 
ATOM   595  C  CE  . MET A 1 68  ? 3.351   2.671   -5.456  1.000 11.117 ? 107 MET AAA CE  1 ? 
ATOM   596  N  N   . GLY A 1 69  ? -2.658  1.238   -5.050  1.000 8.173  ? 108 GLY AAA N   1 ? 
ATOM   597  C  CA  . GLY A 1 69  ? -3.923  1.702   -5.586  1.000 9.181  ? 108 GLY AAA CA  1 ? 
ATOM   598  C  C   . GLY A 1 69  ? -4.979  1.849   -4.502  1.000 8.570  ? 108 GLY AAA C   1 ? 
ATOM   599  O  O   . GLY A 1 69  ? -5.721  2.830   -4.440  1.000 9.097  ? 108 GLY AAA O   1 ? 
ATOM   600  N  N   . THR A 1 70  ? -5.021  0.838   -3.633  1.000 7.860  ? 109 THR AAA N   1 ? 
ATOM   601  C  CA  . THR A 1 70  ? -5.937  0.874   -2.499  1.000 7.963  ? 109 THR AAA CA  1 ? 
ATOM   602  C  C   . THR A 1 70  ? -5.571  2.013   -1.559  1.000 7.245  ? 109 THR AAA C   1 ? 
ATOM   603  O  O   . THR A 1 70  ? -6.452  2.757   -1.083  1.000 7.713  ? 109 THR AAA O   1 ? 
ATOM   604  C  CB  . THR A 1 70  ? -5.863  -0.464  -1.747  1.000 8.433  ? 109 THR AAA CB  1 ? 
ATOM   605  O  OG1 . THR A 1 70  ? -6.356  -1.496  -2.625  1.000 9.751  ? 109 THR AAA OG1 1 ? 
ATOM   606  C  CG2 . THR A 1 70  ? -6.673  -0.421  -0.466  1.000 9.213  ? 109 THR AAA CG2 1 ? 
ATOM   607  N  N   . ILE A 1 71  ? -4.286  2.177   -1.239  1.000 7.268  ? 110 ILE AAA N   1 ? 
ATOM   608  C  CA  . ILE A 1 71  ? -3.867  3.282   -0.371  1.000 7.231  ? 110 ILE AAA CA  1 ? 
ATOM   609  C  C   . ILE A 1 71  ? -4.257  4.625   -0.976  1.000 7.246  ? 110 ILE AAA C   1 ? 
ATOM   610  O  O   . ILE A 1 71  ? -4.748  5.511   -0.271  1.000 7.644  ? 110 ILE AAA O   1 ? 
ATOM   611  C  CB  . ILE A 1 71  ? -2.369  3.202   -0.076  1.000 7.428  ? 110 ILE AAA CB  1 ? 
ATOM   612  C  CG1 . ILE A 1 71  ? -2.075  1.934   0.729   1.000 7.639  ? 110 ILE AAA CG1 1 ? 
ATOM   613  C  CG2 . ILE A 1 71  ? -1.903  4.433   0.677   1.000 8.780  ? 110 ILE AAA CG2 1 ? 
ATOM   614  C  CD1 . ILE A 1 71  ? -0.583  1.559   0.797   1.000 8.650  ? 110 ILE AAA CD1 1 ? 
ATOM   615  N  N   . LYS A 1 72  ? -3.996  4.806   -2.285  1.000 7.829  ? 111 LYS AAA N   1 ? 
ATOM   616  C  CA  . LYS A 1 72  ? -4.362  6.048   -2.950  1.000 9.314  ? 111 LYS AAA CA  1 ? 
ATOM   617  C  C   . LYS A 1 72  ? -5.847  6.337   -2.789  1.000 8.923  ? 111 LYS AAA C   1 ? 
ATOM   618  O  O   . LYS A 1 72  ? -6.254  7.472   -2.501  1.000 9.688  ? 111 LYS AAA O   1 ? 
ATOM   619  C  CB  . LYS A 1 72  ? -3.961  5.958   -4.419  1.000 10.115 ? 111 LYS AAA CB  1 ? 
ATOM   620  C  CG  . LYS A 1 72  ? -4.258  7.205   -5.253  1.000 11.985 ? 111 LYS AAA CG  1 ? 
ATOM   621  C  CD  . LYS A 1 72  ? -3.652  7.015   -6.636  1.000 13.665 ? 111 LYS AAA CD  1 ? 
ATOM   622  C  CE  . LYS A 1 72  ? -3.624  8.266   -7.502  1.000 20.804 ? 111 LYS AAA CE  1 ? 
ATOM   623  N  NZ  . LYS A 1 72  ? -4.990  8.438   -8.010  1.000 24.542 ? 111 LYS AAA NZ  1 ? 
ATOM   624  N  N   . LYS A 1 73  ? -6.679  5.332   -3.018  1.000 9.370  ? 112 LYS AAA N   1 ? 
ATOM   625  C  CA  . LYS A 1 73  ? -8.109  5.534   -2.867  1.000 10.019 ? 112 LYS AAA CA  1 ? 
ATOM   626  C  C   . LYS A 1 73  ? -8.486  5.820   -1.422  1.000 9.149  ? 112 LYS AAA C   1 ? 
ATOM   627  O  O   . LYS A 1 73  ? -9.362  6.684   -1.196  1.000 10.317 ? 112 LYS AAA O   1 ? 
ATOM   628  C  CB  . LYS A 1 73  ? -8.886  4.285   -3.301  1.000 12.211 ? 112 LYS AAA CB  1 ? 
ATOM   629  C  CG  . LYS A 1 73  ? -8.971  3.997   -4.788  1.000 18.097 ? 112 LYS AAA CG  1 ? 
ATOM   630  C  CD  . LYS A 1 73  ? -9.809  2.728   -5.032  1.000 22.411 ? 112 LYS AAA CD  1 ? 
ATOM   631  C  CE  . LYS A 1 73  ? -9.651  2.197   -6.436  1.000 27.901 ? 112 LYS AAA CE  1 ? 
ATOM   632  N  NZ  . LYS A 1 73  ? -10.049 3.236   -7.416  1.000 31.757 ? 112 LYS AAA NZ  1 ? 
ATOM   633  N  N   . ARG A 1 74  ? -7.858  5.145   -0.460  1.000 8.543  ? 113 ARG AAA N   1 ? 
ATOM   634  C  CA  . ARG A 1 74  ? -8.138  5.444   0.934   1.000 7.948  ? 113 ARG AAA CA  1 ? 
ATOM   635  C  C   . ARG A 1 74  ? -7.770  6.890   1.283   1.000 8.004  ? 113 ARG AAA C   1 ? 
ATOM   636  O  O   . ARG A 1 74  ? -8.502  7.558   2.008   1.000 9.961  ? 113 ARG AAA O   1 ? 
ATOM   637  C  CB  . ARG A 1 74  ? -7.420  4.468   1.863   1.000 7.597  ? 113 ARG AAA CB  1 ? 
ATOM   638  C  CG  . ARG A 1 74  ? -8.047  3.087   1.860   1.000 7.384  ? 113 ARG AAA CG  1 ? 
ATOM   639  C  CD  . ARG A 1 74  ? -7.313  2.102   2.734   1.000 7.932  ? 113 ARG AAA CD  1 ? 
ATOM   640  N  NE  . ARG A 1 74  ? -8.082  0.867   2.843   1.000 8.048  ? 113 ARG AAA NE  1 ? 
ATOM   641  C  CZ  . ARG A 1 74  ? -7.852  -0.082  3.716   1.000 8.330  ? 113 ARG AAA CZ  1 ? 
ATOM   642  N  NH1 . ARG A 1 74  ? -6.818  -0.070  4.522   1.000 9.556  ? 113 ARG AAA NH1 1 ? 
ATOM   643  N  NH2 . ARG A 1 74  ? -8.721  -1.081  3.804   1.000 10.657 ? 113 ARG AAA NH2 1 ? 
ATOM   644  N  N   . LEU A 1 75  ? -6.636  7.379   0.796   1.000 7.846  ? 114 LEU AAA N   1 ? 
ATOM   645  C  CA  . LEU A 1 75  ? -6.254  8.757   1.059   1.000 8.431  ? 114 LEU AAA CA  1 ? 
ATOM   646  C  C   . LEU A 1 75  ? -7.183  9.734   0.344   1.000 9.213  ? 114 LEU AAA C   1 ? 
ATOM   647  O  O   . LEU A 1 75  ? -7.658  10.714  0.954   1.000 10.754 ? 114 LEU AAA O   1 ? 
ATOM   648  C  CB  . LEU A 1 75  ? -4.815  9.000   0.616   1.000 8.017  ? 114 LEU AAA CB  1 ? 
ATOM   649  C  CG  . LEU A 1 75  ? -3.760  8.374   1.515   1.000 7.861  ? 114 LEU AAA CG  1 ? 
ATOM   650  C  CD1 . LEU A 1 75  ? -2.426  8.304   0.803   1.000 8.613  ? 114 LEU AAA CD1 1 ? 
ATOM   651  C  CD2 . LEU A 1 75  ? -3.638  9.075   2.863   1.000 9.024  ? 114 LEU AAA CD2 1 ? 
ATOM   652  N  N   . GLU A 1 76  ? -7.482  9.493   -0.928  1.000 9.057  ? 115 GLU AAA N   1 ? 
ATOM   653  C  CA  . GLU A 1 76  ? -8.328  10.416  -1.675  1.000 11.022 ? 115 GLU AAA CA  1 ? 
ATOM   654  C  C   . GLU A 1 76  ? -9.763  10.421  -1.153  1.000 11.266 ? 115 GLU AAA C   1 ? 
ATOM   655  O  O   . GLU A 1 76  ? -10.427 11.473  -1.222  1.000 14.416 ? 115 GLU AAA O   1 ? 
ATOM   656  C  CB  . GLU A 1 76  ? -8.288  10.071  -3.153  1.000 12.664 ? 115 GLU AAA CB  1 ? 
ATOM   657  C  CG  . GLU A 1 76  ? -6.934  10.363  -3.788  1.000 15.630 ? 115 GLU AAA CG  1 ? 
ATOM   658  C  CD  . GLU A 1 76  ? -6.821  9.864   -5.224  1.000 20.716 ? 115 GLU AAA CD  1 ? 
ATOM   659  O  OE1 . GLU A 1 76  ? -7.680  9.071   -5.627  1.000 23.798 ? 115 GLU AAA OE1 1 ? 
ATOM   660  O  OE2 . GLU A 1 76  ? -5.835  10.221  -5.876  1.000 26.223 ? 115 GLU AAA OE2 1 ? 
ATOM   661  N  N   . ASN A 1 77  ? -10.227 9.309   -0.594  1.000 12.144 ? 116 ASN AAA N   1 ? 
ATOM   662  C  CA  . ASN A 1 77  ? -11.583 9.206   -0.113  1.000 13.357 ? 116 ASN AAA CA  1 ? 
ATOM   663  C  C   . ASN A 1 77  ? -11.641 9.474   1.386   1.000 12.424 ? 116 ASN AAA C   1 ? 
ATOM   664  O  O   . ASN A 1 77  ? -12.695 9.195   1.993   1.000 15.753 ? 116 ASN AAA O   1 ? 
ATOM   665  C  CB  . ASN A 1 77  ? -12.112 7.768   -0.178  1.000 16.077 ? 116 ASN AAA CB  1 ? 
ATOM   666  C  CG  . ASN A 1 77  ? -12.308 7.198   -1.554  1.000 20.126 ? 116 ASN AAA CG  1 ? 
ATOM   667  O  OD1 . ASN A 1 77  ? -12.545 5.988   -1.694  1.000 22.888 ? 116 ASN AAA OD1 1 ? 
ATOM   668  N  ND2 . ASN A 1 77  ? -12.156 8.032   -2.571  1.000 19.419 ? 116 ASN AAA ND2 1 ? 
ATOM   669  N  N   . ASN A 1 78  ? -10.561 9.953   2.002   1.000 11.693 ? 117 ASN AAA N   1 ? 
ATOM   670  C  CA  . ASN A 1 78  ? -10.532 10.240  3.432   1.000 13.235 ? 117 ASN AAA CA  1 ? 
ATOM   671  C  C   . ASN A 1 78  ? -11.072 9.054   4.245   1.000 12.906 ? 117 ASN AAA C   1 ? 
ATOM   672  O  O   . ASN A 1 78  ? -11.996 9.182   5.083   1.000 17.014 ? 117 ASN AAA O   1 ? 
ATOM   673  C  CB  . ASN A 1 78  ? -11.124 11.635  3.758   1.000 18.102 ? 117 ASN AAA CB  1 ? 
ATOM   674  C  CG  . ASN A 1 78  ? -10.548 12.771  2.908   1.000 20.586 ? 117 ASN AAA CG  1 ? 
ATOM   675  O  OD1 . ASN A 1 78  ? -9.352  13.087  2.936   1.000 21.823 ? 117 ASN AAA OD1 1 ? 
ATOM   676  N  ND2 . ASN A 1 78  ? -11.413 13.398  2.120   1.000 25.722 ? 117 ASN AAA ND2 1 ? 
ATOM   677  N  N   . TYR A 1 79  ? -10.466 7.892   4.079   1.000 10.037 ? 118 TYR AAA N   1 ? 
ATOM   678  C  CA  . TYR A 1 79  ? -10.865 6.711   4.808   1.000 8.745  ? 118 TYR AAA CA  1 ? 
ATOM   679  C  C   . TYR A 1 79  ? -10.221 6.596   6.188   1.000 7.348  ? 118 TYR AAA C   1 ? 
ATOM   680  O  O   . TYR A 1 79  ? -10.729 5.892   7.023   1.000 8.264  ? 118 TYR AAA O   1 ? 
ATOM   681  C  CB  . TYR A 1 79  ? -10.471 5.516   3.927   1.000 9.758  ? 118 TYR AAA CB  1 ? 
ATOM   682  C  CG  . TYR A 1 79  ? -10.760 4.157   4.482   1.000 9.924  ? 118 TYR AAA CG  1 ? 
ATOM   683  C  CD1 . TYR A 1 79  ? -12.019 3.594   4.384   1.000 10.179 ? 118 TYR AAA CD1 1 ? 
ATOM   684  C  CD2 . TYR A 1 79  ? -9.758  3.436   5.084   1.000 10.658 ? 118 TYR AAA CD2 1 ? 
ATOM   685  C  CE1 . TYR A 1 79  ? -12.286 2.333   4.904   1.000 10.343 ? 118 TYR AAA CE1 1 ? 
ATOM   686  C  CE2 . TYR A 1 79  ? -9.984  2.170   5.571   1.000 11.132 ? 118 TYR AAA CE2 1 ? 
ATOM   687  C  CZ  . TYR A 1 79  ? -11.244 1.616   5.477   1.000 10.949 ? 118 TYR AAA CZ  1 ? 
ATOM   688  O  OH  . TYR A 1 79  ? -11.456 0.380   6.001   1.000 13.081 ? 118 TYR AAA OH  1 ? 
ATOM   689  N  N   . TYR A 1 80  ? -9.027  7.186   6.336   1.000 7.605  ? 119 TYR AAA N   1 ? 
ATOM   690  C  CA  . TYR A 1 80  ? -8.214  6.960   7.522   1.000 7.788  ? 119 TYR AAA CA  1 ? 
ATOM   691  C  C   . TYR A 1 80  ? -8.600  7.878   8.666   1.000 7.667  ? 119 TYR AAA C   1 ? 
ATOM   692  O  O   . TYR A 1 80  ? -9.035  9.012   8.439   1.000 8.878  ? 119 TYR AAA O   1 ? 
ATOM   693  C  CB  . TYR A 1 80  ? -6.739  7.194   7.171   1.000 7.780  ? 119 TYR AAA CB  1 ? 
ATOM   694  C  CG  . TYR A 1 80  ? -6.172  6.216   6.193   1.000 7.579  ? 119 TYR AAA CG  1 ? 
ATOM   695  C  CD1 . TYR A 1 80  ? -6.053  4.882   6.497   1.000 7.602  ? 119 TYR AAA CD1 1 ? 
ATOM   696  C  CD2 . TYR A 1 80  ? -5.713  6.652   4.952   1.000 7.785  ? 119 TYR AAA CD2 1 ? 
ATOM   697  C  CE1 . TYR A 1 80  ? -5.433  3.982   5.644   1.000 7.853  ? 119 TYR AAA CE1 1 ? 
ATOM   698  C  CE2 . TYR A 1 80  ? -5.099  5.769   4.089   1.000 7.836  ? 119 TYR AAA CE2 1 ? 
ATOM   699  C  CZ  . TYR A 1 80  ? -4.926  4.458   4.439   1.000 7.278  ? 119 TYR AAA CZ  1 ? 
ATOM   700  O  OH  . TYR A 1 80  ? -4.287  3.635   3.553   1.000 9.056  ? 119 TYR AAA OH  1 ? 
ATOM   701  N  N   . TRP A 1 81  ? -8.358  7.432   9.883   1.000 7.408  ? 120 TRP AAA N   1 ? 
ATOM   702  C  CA  . TRP A 1 81  ? -8.416  8.281   11.060  1.000 7.773  ? 120 TRP AAA CA  1 ? 
ATOM   703  C  C   . TRP A 1 81  ? -7.074  8.931   11.350  1.000 7.682  ? 120 TRP AAA C   1 ? 
ATOM   704  O  O   . TRP A 1 81  ? -7.032  10.064  11.843  1.000 9.034  ? 120 TRP AAA O   1 ? 
ATOM   705  C  CB  . TRP A 1 81  ? -8.881  7.454   12.281  1.000 8.754  ? 120 TRP AAA CB  1 ? 
ATOM   706  C  CG  . TRP A 1 81  ? -9.014  8.262   13.535  1.000 8.732  ? 120 TRP AAA CG  1 ? 
ATOM   707  C  CD1 . TRP A 1 81  ? -8.109  8.417   14.563  1.000 9.354  ? 120 TRP AAA CD1 1 ? 
ATOM   708  C  CD2 . TRP A 1 81  ? -10.099 9.157   13.835  1.000 8.008  ? 120 TRP AAA CD2 1 ? 
ATOM   709  N  NE1 . TRP A 1 81  ? -8.597  9.300   15.480  1.000 10.368 ? 120 TRP AAA NE1 1 ? 
ATOM   710  C  CE2 . TRP A 1 81  ? -9.796  9.791   15.066  1.000 8.985  ? 120 TRP AAA CE2 1 ? 
ATOM   711  C  CE3 . TRP A 1 81  ? -11.303 9.492   13.204  1.000 8.668  ? 120 TRP AAA CE3 1 ? 
ATOM   712  C  CZ2 . TRP A 1 81  ? -10.673 10.688  15.658  1.000 9.652  ? 120 TRP AAA CZ2 1 ? 
ATOM   713  C  CZ3 . TRP A 1 81  ? -12.172 10.371  13.798  1.000 9.590  ? 120 TRP AAA CZ3 1 ? 
ATOM   714  C  CH2 . TRP A 1 81  ? -11.850 10.971  15.020  1.000 10.581 ? 120 TRP AAA CH2 1 ? 
ATOM   715  N  N   . ASN A 1 82  ? -5.956  8.245   11.102  1.000 7.462  ? 121 ASN AAA N   1 ? 
ATOM   716  C  CA  . ASN A 1 82  ? -4.668  8.796   11.469  1.000 7.801  ? 121 ASN AAA CA  1 ? 
ATOM   717  C  C   . ASN A 1 82  ? -3.599  8.286   10.526  1.000 6.934  ? 121 ASN AAA C   1 ? 
ATOM   718  O  O   . ASN A 1 82  ? -3.786  7.384   9.683   1.000 7.823  ? 121 ASN AAA O   1 ? 
ATOM   719  C  CB  . ASN A 1 82  ? -4.352  8.562   12.942  1.000 8.507  ? 121 ASN AAA CB  1 ? 
ATOM   720  C  CG  . ASN A 1 82  ? -4.228  7.118   13.285  1.000 8.192  ? 121 ASN AAA CG  1 ? 
ATOM   721  O  OD1 . ASN A 1 82  ? -3.854  6.281   12.462  1.000 9.962  ? 121 ASN AAA OD1 1 ? 
ATOM   722  N  ND2 . ASN A 1 82  ? -4.508  6.767   14.530  1.000 10.041 ? 121 ASN AAA ND2 1 ? 
ATOM   723  N  N   . ALA A 1 83  ? -2.422  8.898   10.642  1.000 7.625  ? 122 ALA AAA N   1 ? 
ATOM   724  C  CA  . ALA A 1 83  ? -1.273  8.529   9.824   1.000 7.598  ? 122 ALA AAA CA  1 ? 
ATOM   725  C  C   . ALA A 1 83  ? -0.855  7.108   10.075  1.000 7.281  ? 122 ALA AAA C   1 ? 
ATOM   726  O  O   . ALA A 1 83  ? -0.458  6.419   9.108   1.000 7.626  ? 122 ALA AAA O   1 ? 
ATOM   727  C  CB  . ALA A 1 83  ? -0.112  9.449   10.086  1.000 9.950  ? 122 ALA AAA CB  1 ? 
ATOM   728  N  N   . GLN A 1 84  ? -0.921  6.644   11.302  1.000 7.779  ? 123 GLN AAA N   1 ? 
ATOM   729  C  CA  . GLN A 1 84  ? -0.509  5.301   11.619  1.000 8.511  ? 123 GLN AAA CA  1 ? 
ATOM   730  C  C   . GLN A 1 84  ? -1.275  4.268   10.781  1.000 7.214  ? 123 GLN AAA C   1 ? 
ATOM   731  O  O   . GLN A 1 84  ? -0.683  3.277   10.339  1.000 8.040  ? 123 GLN AAA O   1 ? 
ATOM   732  C  CB  . GLN A 1 84  ? -0.693  5.005   13.113  1.000 10.258 ? 123 GLN AAA CB  1 ? 
ATOM   733  C  CG  . GLN A 1 84  ? -0.136  3.637   13.519  1.000 14.238 ? 123 GLN AAA CG  1 ? 
ATOM   734  C  CD  . GLN A 1 84  ? 1.342   3.439   13.216  0.500 16.541 ? 123 GLN AAA CD  1 ? 
ATOM   735  O  OE1 . GLN A 1 84  ? 1.873   2.331   13.253  0.500 20.833 ? 123 GLN AAA OE1 1 ? 
ATOM   736  N  NE2 . GLN A 1 84  ? 2.058   4.504   12.891  0.500 20.501 ? 123 GLN AAA NE2 1 ? 
ATOM   737  N  N   . GLU A 1 85  ? -2.566  4.451   10.573  1.000 7.414  ? 124 GLU AAA N   1 ? 
ATOM   738  C  CA  . GLU A 1 85  ? -3.318  3.487   9.782   1.000 7.618  ? 124 GLU AAA CA  1 ? 
ATOM   739  C  C   . GLU A 1 85  ? -2.793  3.415   8.363   1.000 7.120  ? 124 GLU AAA C   1 ? 
ATOM   740  O  O   . GLU A 1 85  ? -2.725  2.317   7.772   1.000 8.095  ? 124 GLU AAA O   1 ? 
ATOM   741  C  CB  . GLU A 1 85  ? -4.796  3.879   9.753   1.000 8.104  ? 124 GLU AAA CB  1 ? 
ATOM   742  C  CG  . GLU A 1 85  ? -5.557  3.731   11.068  1.000 8.989  ? 124 GLU AAA CG  1 ? 
ATOM   743  C  CD  . GLU A 1 85  ? -7.019  4.119   11.000  1.000 9.530  ? 124 GLU AAA CD  1 ? 
ATOM   744  O  OE1 . GLU A 1 85  ? -7.773  3.757   11.972  1.000 11.639 ? 124 GLU AAA OE1 1 ? 
ATOM   745  O  OE2 . GLU A 1 85  ? -7.487  4.772   10.048  1.000 10.774 ? 124 GLU AAA OE2 1 ? 
ATOM   746  N  N   . CYS A 1 86  ? -2.449  4.561   7.790   1.000 6.814  ? 125 CYS AAA N   1 ? 
ATOM   747  C  CA  . CYS A 1 86  ? -1.930  4.574   6.428   1.000 6.900  ? 125 CYS AAA CA  1 ? 
ATOM   748  C  C   . CYS A 1 86  ? -0.508  4.006   6.345   1.000 6.233  ? 125 CYS AAA C   1 ? 
ATOM   749  O  O   . CYS A 1 86  ? -0.191  3.193   5.456   1.000 6.886  ? 125 CYS AAA O   1 ? 
ATOM   750  C  CB  . CYS A 1 86  ? -2.006  6.023   5.926   1.000 7.894  ? 125 CYS AAA CB  1 ? 
ATOM   751  S  SG  . CYS A 1 86  ? -1.300  6.232   4.295   1.000 8.902  ? 125 CYS AAA SG  1 ? 
ATOM   752  N  N   . ILE A 1 87  ? 0.358   4.398   7.291   1.000 6.743  ? 126 ILE AAA N   1 ? 
ATOM   753  C  CA  . ILE A 1 87  ? 1.689   3.841   7.348   1.000 6.960  ? 126 ILE AAA CA  1 ? 
ATOM   754  C  C   . ILE A 1 87  ? 1.660   2.333   7.481   1.000 7.086  ? 126 ILE AAA C   1 ? 
ATOM   755  O  O   . ILE A 1 87  ? 2.451   1.618   6.815   1.000 7.700  ? 126 ILE AAA O   1 ? 
ATOM   756  C  CB  . ILE A 1 87  ? 2.481   4.534   8.463   1.000 7.742  ? 126 ILE AAA CB  1 ? 
ATOM   757  C  CG1 . ILE A 1 87  ? 2.737   6.001   8.083   1.000 8.939  ? 126 ILE AAA CG1 1 ? 
ATOM   758  C  CG2 . ILE A 1 87  ? 3.795   3.795   8.732   1.000 9.267  ? 126 ILE AAA CG2 1 ? 
ATOM   759  C  CD1 . ILE A 1 87  ? 3.191   6.902   9.256   1.000 11.345 ? 126 ILE AAA CD1 1 ? 
ATOM   760  N  N   A GLN A 1 88  ? 0.721   1.827   8.275   0.500 7.374  ? 127 GLN AAA N   1 ? 
ATOM   761  N  N   B GLN A 1 88  ? 0.731   1.828   8.278   0.500 7.707  ? 127 GLN AAA N   1 ? 
ATOM   762  C  CA  A GLN A 1 88  ? 0.545   0.390   8.409   0.500 7.790  ? 127 GLN AAA CA  1 ? 
ATOM   763  C  CA  B GLN A 1 88  ? 0.625   0.390   8.400   0.500 8.455  ? 127 GLN AAA CA  1 ? 
ATOM   764  C  C   A GLN A 1 88  ? 0.242   -0.250  7.058   0.500 6.985  ? 127 GLN AAA C   1 ? 
ATOM   765  C  C   B GLN A 1 88  ? 0.258   -0.248  7.061   0.500 7.316  ? 127 GLN AAA C   1 ? 
ATOM   766  O  O   A GLN A 1 88  ? 0.733   -1.353  6.769   0.500 7.558  ? 127 GLN AAA O   1 ? 
ATOM   767  O  O   B GLN A 1 88  ? 0.765   -1.341  6.766   0.500 7.765  ? 127 GLN AAA O   1 ? 
ATOM   768  C  CB  A GLN A 1 88  ? -0.588  0.079   9.388   0.500 8.565  ? 127 GLN AAA CB  1 ? 
ATOM   769  C  CB  B GLN A 1 88  ? -0.321  0.025   9.538   0.500 10.077 ? 127 GLN AAA CB  1 ? 
ATOM   770  C  CG  A GLN A 1 88  ? -0.824  -1.412  9.545   0.500 11.802 ? 127 GLN AAA CG  1 ? 
ATOM   771  C  CG  B GLN A 1 88  ? -0.400  -1.473  9.786   0.500 14.577 ? 127 GLN AAA CG  1 ? 
ATOM   772  C  CD  A GLN A 1 88  ? 0.443   -2.117  9.972   0.500 12.280 ? 127 GLN AAA CD  1 ? 
ATOM   773  C  CD  B GLN A 1 88  ? -1.699  -1.854  10.452  0.500 17.932 ? 127 GLN AAA CD  1 ? 
ATOM   774  O  OE1 A GLN A 1 88  ? 0.977   -2.982  9.254   0.500 15.049 ? 127 GLN AAA OE1 1 ? 
ATOM   775  O  OE1 B GLN A 1 88  ? -2.537  -2.549  9.872   0.500 23.496 ? 127 GLN AAA OE1 1 ? 
ATOM   776  N  NE2 A GLN A 1 88  ? 0.958   -1.723  11.127  0.500 14.916 ? 127 GLN AAA NE2 1 ? 
ATOM   777  N  NE2 B GLN A 1 88  ? -1.878  -1.408  11.685  0.500 20.092 ? 127 GLN AAA NE2 1 ? 
ATOM   778  N  N   . ASP A 1 89  ? -0.601  0.392   6.265   1.000 7.220  ? 128 ASP AAA N   1 ? 
ATOM   779  C  CA  . ASP A 1 89  ? -0.919  -0.160  4.944   1.000 6.899  ? 128 ASP AAA CA  1 ? 
ATOM   780  C  C   . ASP A 1 89  ? 0.317   -0.228  4.076   1.000 6.386  ? 128 ASP AAA C   1 ? 
ATOM   781  O  O   . ASP A 1 89  ? 0.544   -1.249  3.392   1.000 6.746  ? 128 ASP AAA O   1 ? 
ATOM   782  C  CB  . ASP A 1 89  ? -2.034  0.626   4.282   1.000 7.230  ? 128 ASP AAA CB  1 ? 
ATOM   783  C  CG  . ASP A 1 89  ? -3.408  0.377   4.820   1.000 7.902  ? 128 ASP AAA CG  1 ? 
ATOM   784  O  OD1 . ASP A 1 89  ? -3.609  -0.594  5.548   1.000 9.027  ? 128 ASP AAA OD1 1 ? 
ATOM   785  O  OD2 . ASP A 1 89  ? -4.297  1.203   4.483   1.000 9.133  ? 128 ASP AAA OD2 1 ? 
ATOM   786  N  N   . PHE A 1 90  ? 1.132   0.820   4.056   1.000 6.449  ? 129 PHE AAA N   1 ? 
ATOM   787  C  CA  . PHE A 1 90  ? 2.363   0.724   3.289   1.000 7.119  ? 129 PHE AAA CA  1 ? 
ATOM   788  C  C   . PHE A 1 90  ? 3.245   -0.413  3.772   1.000 7.225  ? 129 PHE AAA C   1 ? 
ATOM   789  O  O   . PHE A 1 90  ? 3.797   -1.192  2.967   1.000 7.153  ? 129 PHE AAA O   1 ? 
ATOM   790  C  CB  . PHE A 1 90  ? 3.143   2.039   3.334   1.000 7.769  ? 129 PHE AAA CB  1 ? 
ATOM   791  C  CG  . PHE A 1 90  ? 2.652   3.121   2.401   1.000 7.943  ? 129 PHE AAA CG  1 ? 
ATOM   792  C  CD1 . PHE A 1 90  ? 3.073   3.104   1.067   1.000 9.125  ? 129 PHE AAA CD1 1 ? 
ATOM   793  C  CD2 . PHE A 1 90  ? 1.866   4.167   2.839   1.000 7.875  ? 129 PHE AAA CD2 1 ? 
ATOM   794  C  CE1 . PHE A 1 90  ? 2.670   4.127   0.212   1.000 10.296 ? 129 PHE AAA CE1 1 ? 
ATOM   795  C  CE2 . PHE A 1 90  ? 1.499   5.189   1.987   1.000 8.697  ? 129 PHE AAA CE2 1 ? 
ATOM   796  C  CZ  . PHE A 1 90  ? 1.891   5.155   0.658   1.000 9.882  ? 129 PHE AAA CZ  1 ? 
ATOM   797  N  N   . ASN A 1 91  ? 3.394   -0.505  5.078   1.000 7.568  ? 130 ASN AAA N   1 ? 
ATOM   798  C  CA  . ASN A 1 91  ? 4.258   -1.533  5.624   1.000 8.570  ? 130 ASN AAA CA  1 ? 
ATOM   799  C  C   . ASN A 1 91  ? 3.711   -2.939  5.351   1.000 8.406  ? 130 ASN AAA C   1 ? 
ATOM   800  O  O   . ASN A 1 91  ? 4.528   -3.860  5.060   1.000 8.852  ? 130 ASN AAA O   1 ? 
ATOM   801  C  CB  . ASN A 1 91  ? 4.494   -1.318  7.105   1.000 11.081 ? 130 ASN AAA CB  1 ? 
ATOM   802  C  CG  . ASN A 1 91  ? 5.515   -0.192  7.282   1.000 13.995 ? 130 ASN AAA CG  1 ? 
ATOM   803  O  OD1 . ASN A 1 91  ? 6.421   -0.014  6.451   1.000 21.047 ? 130 ASN AAA OD1 1 ? 
ATOM   804  N  ND2 . ASN A 1 91  ? 5.320   0.637   8.261   1.000 16.863 ? 130 ASN AAA ND2 1 ? 
ATOM   805  N  N   . THR A 1 92  ? 2.398   -3.102  5.354   1.000 8.056  ? 131 THR AAA N   1 ? 
ATOM   806  C  CA  . THR A 1 92  ? 1.815   -4.391  4.980   1.000 8.347  ? 131 THR AAA CA  1 ? 
ATOM   807  C  C   . THR A 1 92  ? 2.174   -4.721  3.538   1.000 7.308  ? 131 THR AAA C   1 ? 
ATOM   808  O  O   . THR A 1 92  ? 2.505   -5.880  3.203   1.000 7.298  ? 131 THR AAA O   1 ? 
ATOM   809  C  CB  . THR A 1 92  ? 0.288   -4.332  5.176   1.000 8.918  ? 131 THR AAA CB  1 ? 
ATOM   810  O  OG1 . THR A 1 92  ? 0.042   -4.203  6.585   1.000 10.840 ? 131 THR AAA OG1 1 ? 
ATOM   811  C  CG2 . THR A 1 92  ? -0.412  -5.580  4.675   1.000 9.783  ? 131 THR AAA CG2 1 ? 
ATOM   812  N  N   . MET A 1 93  ? 2.014   -3.748  2.644   1.000 6.590  ? 132 MET AAA N   1 ? 
ATOM   813  C  CA  . MET A 1 93  ? 2.354   -3.981  1.265   1.000 6.919  ? 132 MET AAA CA  1 ? 
ATOM   814  C  C   . MET A 1 93  ? 3.782   -4.472  1.095   1.000 6.975  ? 132 MET AAA C   1 ? 
ATOM   815  O  O   . MET A 1 93  ? 4.056   -5.457  0.367   1.000 7.038  ? 132 MET AAA O   1 ? 
ATOM   816  C  CB  . MET A 1 93  ? 2.114   -2.705  0.471   1.000 7.421  ? 132 MET AAA CB  1 ? 
ATOM   817  C  CG  . MET A 1 93  ? 2.453   -2.823  -1.009  1.000 8.146  ? 132 MET AAA CG  1 ? 
ATOM   818  S  SD  . MET A 1 93  ? 2.262   -1.259  -1.877  1.000 8.804  ? 132 MET AAA SD  1 ? 
ATOM   819  C  CE  . MET A 1 93  ? 3.794   -0.469  -1.381  1.000 12.944 ? 132 MET AAA CE  1 ? 
ATOM   820  N  N   . PHE A 1 94  ? 4.724   -3.796  1.719   1.000 6.804  ? 133 PHE AAA N   1 ? 
ATOM   821  C  CA  . PHE A 1 94  ? 6.128   -4.181  1.564   1.000 7.562  ? 133 PHE AAA CA  1 ? 
ATOM   822  C  C   . PHE A 1 94  ? 6.360   -5.561  2.177   1.000 7.956  ? 133 PHE AAA C   1 ? 
ATOM   823  O  O   . PHE A 1 94  ? 6.974   -6.423  1.520   1.000 8.150  ? 133 PHE AAA O   1 ? 
ATOM   824  C  CB  . PHE A 1 94  ? 7.054   -3.167  2.246   1.000 8.099  ? 133 PHE AAA CB  1 ? 
ATOM   825  C  CG  . PHE A 1 94  ? 7.020   -1.782  1.665   1.000 8.200  ? 133 PHE AAA CG  1 ? 
ATOM   826  C  CD1 . PHE A 1 94  ? 7.100   -1.612  0.293   1.000 10.225 ? 133 PHE AAA CD1 1 ? 
ATOM   827  C  CD2 . PHE A 1 94  ? 6.864   -0.655  2.444   1.000 10.243 ? 133 PHE AAA CD2 1 ? 
ATOM   828  C  CE1 . PHE A 1 94  ? 7.086   -0.347  -0.275  1.000 13.077 ? 133 PHE AAA CE1 1 ? 
ATOM   829  C  CE2 . PHE A 1 94  ? 6.830   0.618   1.848   1.000 10.956 ? 133 PHE AAA CE2 1 ? 
ATOM   830  C  CZ  . PHE A 1 94  ? 6.936   0.737   0.515   1.000 13.101 ? 133 PHE AAA CZ  1 ? 
ATOM   831  N  N   . THR A 1 95  ? 5.860   -5.771  3.399   1.000 8.001  ? 134 THR AAA N   1 ? 
ATOM   832  C  CA  A THR A 1 95  ? 6.174   -7.046  4.014   0.500 8.587  ? 134 THR AAA CA  1 ? 
ATOM   833  C  CA  B THR A 1 95  ? 6.032   -7.044  4.127   0.500 8.397  ? 134 THR AAA CA  1 ? 
ATOM   834  C  C   . THR A 1 95  ? 5.472   -8.209  3.308   1.000 7.372  ? 134 THR AAA C   1 ? 
ATOM   835  O  O   . THR A 1 95  ? 6.070   -9.297  3.246   1.000 8.016  ? 134 THR AAA O   1 ? 
ATOM   836  C  CB  A THR A 1 95  ? 5.917   -6.991  5.509   0.500 9.126  ? 134 THR AAA CB  1 ? 
ATOM   837  C  CB  B THR A 1 95  ? 5.405   -7.025  5.533   0.500 8.610  ? 134 THR AAA CB  1 ? 
ATOM   838  O  OG1 A THR A 1 95  ? 4.544   -6.649  5.667   0.500 10.048 ? 134 THR AAA OG1 1 ? 
ATOM   839  O  OG1 B THR A 1 95  ? 6.093   -6.026  6.275   0.500 9.954  ? 134 THR AAA OG1 1 ? 
ATOM   840  C  CG2 A THR A 1 95  ? 6.796   -5.973  6.198   0.500 10.030 ? 134 THR AAA CG2 1 ? 
ATOM   841  C  CG2 B THR A 1 95  ? 5.601   -8.312  6.310   0.500 9.794  ? 134 THR AAA CG2 1 ? 
ATOM   842  N  N   . ASN A 1 96  ? 4.290   -8.020  2.742   1.000 7.405  ? 135 ASN AAA N   1 ? 
ATOM   843  C  CA  . ASN A 1 96  ? 3.691   -9.093  1.941   1.000 7.318  ? 135 ASN AAA CA  1 ? 
ATOM   844  C  C   . ASN A 1 96  ? 4.642   -9.531  0.843   1.000 6.635  ? 135 ASN AAA C   1 ? 
ATOM   845  O  O   . ASN A 1 96  ? 4.781   -10.714 0.547   1.000 7.248  ? 135 ASN AAA O   1 ? 
ATOM   846  C  CB  . ASN A 1 96  ? 2.395   -8.626  1.311   1.000 8.008  ? 135 ASN AAA CB  1 ? 
ATOM   847  C  CG  . ASN A 1 96  ? 1.239   -8.469  2.273   1.000 7.954  ? 135 ASN AAA CG  1 ? 
ATOM   848  O  OD1 . ASN A 1 96  ? 1.285   -8.942  3.377   1.000 9.073  ? 135 ASN AAA OD1 1 ? 
ATOM   849  N  ND2 . ASN A 1 96  ? 0.197   -7.799  1.795   1.000 8.736  ? 135 ASN AAA ND2 1 ? 
ATOM   850  N  N   . CYS A 1 97  ? 5.243   -8.561  0.171   1.000 6.866  ? 136 CYS AAA N   1 ? 
ATOM   851  C  CA  . CYS A 1 97  ? 6.140   -8.872  -0.928  1.000 6.922  ? 136 CYS AAA CA  1 ? 
ATOM   852  C  C   . CYS A 1 97  ? 7.332   -9.686  -0.435  1.000 7.243  ? 136 CYS AAA C   1 ? 
ATOM   853  O  O   . CYS A 1 97  ? 7.732   -10.665 -1.060  1.000 7.335  ? 136 CYS AAA O   1 ? 
ATOM   854  C  CB  . CYS A 1 97  ? 6.592   -7.569  -1.565  1.000 7.762  ? 136 CYS AAA CB  1 ? 
ATOM   855  S  SG  . CYS A 1 97  ? 7.543   -7.781  -3.056  1.000 9.505  ? 136 CYS AAA SG  1 ? 
ATOM   856  N  N   . TYR A 1 98  ? 7.867   -9.288  0.723   1.000 7.342  ? 137 TYR AAA N   1 ? 
ATOM   857  C  CA  . TYR A 1 98  ? 9.045   -9.965  1.272   1.000 8.908  ? 137 TYR AAA CA  1 ? 
ATOM   858  C  C   . TYR A 1 98  ? 8.685   -11.349 1.811   1.000 9.374  ? 137 TYR AAA C   1 ? 
ATOM   859  O  O   . TYR A 1 98  ? 9.566   -12.243 1.827   1.000 11.939 ? 137 TYR AAA O   1 ? 
ATOM   860  C  CB  . TYR A 1 98  ? 9.683   -9.147  2.395   1.000 9.209  ? 137 TYR AAA CB  1 ? 
ATOM   861  C  CG  . TYR A 1 98  ? 10.008  -7.737  1.984   1.000 8.752  ? 137 TYR AAA CG  1 ? 
ATOM   862  C  CD1 . TYR A 1 98  ? 10.376  -7.396  0.691   1.000 9.323  ? 137 TYR AAA CD1 1 ? 
ATOM   863  C  CD2 . TYR A 1 98  ? 9.964   -6.731  2.935   1.000 8.759  ? 137 TYR AAA CD2 1 ? 
ATOM   864  C  CE1 . TYR A 1 98  ? 10.647  -6.094  0.341   1.000 9.982  ? 137 TYR AAA CE1 1 ? 
ATOM   865  C  CE2 . TYR A 1 98  ? 10.270  -5.424  2.606   1.000 9.429  ? 137 TYR AAA CE2 1 ? 
ATOM   866  C  CZ  . TYR A 1 98  ? 10.614  -5.095  1.295   1.000 9.550  ? 137 TYR AAA CZ  1 ? 
ATOM   867  O  OH  . TYR A 1 98  ? 10.871  -3.801  0.926   1.000 11.213 ? 137 TYR AAA OH  1 ? 
ATOM   868  N  N   . ILE A 1 99  ? 7.458   -11.549 2.285   1.000 8.659  ? 138 ILE AAA N   1 ? 
ATOM   869  C  CA  . ILE A 1 99  ? 7.006   -12.861 2.759   1.000 10.054 ? 138 ILE AAA CA  1 ? 
ATOM   870  C  C   . ILE A 1 99  ? 6.831   -13.804 1.584   1.000 9.471  ? 138 ILE AAA C   1 ? 
ATOM   871  O  O   . ILE A 1 99  ? 7.216   -14.985 1.654   1.000 11.360 ? 138 ILE AAA O   1 ? 
ATOM   872  C  CB  . ILE A 1 99  ? 5.691   -12.720 3.554   1.000 10.990 ? 138 ILE AAA CB  1 ? 
ATOM   873  C  CG1 . ILE A 1 99  ? 5.921   -12.020 4.888   1.000 13.266 ? 138 ILE AAA CG1 1 ? 
ATOM   874  C  CG2 . ILE A 1 99  ? 5.042   -14.089 3.728   1.000 13.667 ? 138 ILE AAA CG2 1 ? 
ATOM   875  C  CD1 . ILE A 1 99  ? 4.611   -11.653 5.573   1.000 17.656 ? 138 ILE AAA CD1 1 ? 
ATOM   876  N  N   . TYR A 1 100 ? 6.203   -13.354 0.508   1.000 8.613  ? 139 TYR AAA N   1 ? 
ATOM   877  C  CA  . TYR A 1 100 ? 5.828   -14.253 -0.572  1.000 8.626  ? 139 TYR AAA CA  1 ? 
ATOM   878  C  C   . TYR A 1 100 ? 7.010   -14.609 -1.448  1.000 7.913  ? 139 TYR AAA C   1 ? 
ATOM   879  O  O   . TYR A 1 100 ? 7.037   -15.719 -2.006  1.000 10.076 ? 139 TYR AAA O   1 ? 
ATOM   880  C  CB  . TYR A 1 100 ? 4.671   -13.638 -1.391  1.000 8.740  ? 139 TYR AAA CB  1 ? 
ATOM   881  C  CG  . TYR A 1 100 ? 4.165   -14.608 -2.420  1.000 8.747  ? 139 TYR AAA CG  1 ? 
ATOM   882  C  CD1 . TYR A 1 100 ? 3.374   -15.675 -2.036  1.000 8.874  ? 139 TYR AAA CD1 1 ? 
ATOM   883  C  CD2 . TYR A 1 100 ? 4.528   -14.495 -3.761  1.000 9.030  ? 139 TYR AAA CD2 1 ? 
ATOM   884  C  CE1 . TYR A 1 100 ? 2.932   -16.617 -2.961  1.000 9.418  ? 139 TYR AAA CE1 1 ? 
ATOM   885  C  CE2 . TYR A 1 100 ? 4.135   -15.436 -4.681  1.000 9.825  ? 139 TYR AAA CE2 1 ? 
ATOM   886  C  CZ  . TYR A 1 100 ? 3.323   -16.498 -4.282  1.000 9.660  ? 139 TYR AAA CZ  1 ? 
ATOM   887  O  OH  . TYR A 1 100 ? 2.949   -17.386 -5.250  1.000 11.295 ? 139 TYR AAA OH  1 ? 
ATOM   888  N  N   . ASN A 1 101 ? 7.930   -13.701 -1.631  1.000 8.417  ? 140 ASN AAA N   1 ? 
ATOM   889  C  CA  . ASN A 1 101 ? 8.970   -13.808 -2.664  1.000 8.477  ? 140 ASN AAA CA  1 ? 
ATOM   890  C  C   . ASN A 1 101 ? 10.354  -14.074 -2.064  1.000 10.127 ? 140 ASN AAA C   1 ? 
ATOM   891  O  O   . ASN A 1 101 ? 10.648  -13.705 -0.922  1.000 15.458 ? 140 ASN AAA O   1 ? 
ATOM   892  C  CB  . ASN A 1 101 ? 9.004   -12.536 -3.502  1.000 9.457  ? 140 ASN AAA CB  1 ? 
ATOM   893  C  CG  . ASN A 1 101 ? 7.704   -12.361 -4.228  1.000 8.521  ? 140 ASN AAA CG  1 ? 
ATOM   894  O  OD1 . ASN A 1 101 ? 7.441   -13.075 -5.231  1.000 9.251  ? 140 ASN AAA OD1 1 ? 
ATOM   895  N  ND2 . ASN A 1 101 ? 6.864   -11.454 -3.752  1.000 8.264  ? 140 ASN AAA ND2 1 ? 
ATOM   896  N  N   . LYS A 1 102 ? 11.327  -14.544 -2.850  1.000 11.964 ? 141 LYS AAA N   1 ? 
ATOM   897  C  CA  . LYS A 1 102 ? 12.669  -14.856 -2.377  1.000 12.559 ? 141 LYS AAA CA  1 ? 
ATOM   898  C  C   . LYS A 1 102 ? 13.492  -13.571 -2.328  1.000 11.162 ? 141 LYS AAA C   1 ? 
ATOM   899  O  O   . LYS A 1 102 ? 13.387  -12.669 -3.203  1.000 11.098 ? 141 LYS AAA O   1 ? 
ATOM   900  C  CB  . LYS A 1 102 ? 13.314  -15.851 -3.346  1.000 14.587 ? 141 LYS AAA CB  1 ? 
ATOM   901  C  CG  . LYS A 1 102 ? 12.763  -17.274 -3.278  1.000 23.626 ? 141 LYS AAA CG  1 ? 
ATOM   902  C  CD  . LYS A 1 102 ? 13.628  -18.302 -3.995  0.500 24.528 ? 141 LYS AAA CD  1 ? 
ATOM   903  C  CE  . LYS A 1 102 ? 12.835  -19.435 -4.615  0.500 27.827 ? 141 LYS AAA CE  1 ? 
ATOM   904  N  NZ  . LYS A 1 102 ? 12.031  -18.969 -5.772  1.000 31.769 ? 141 LYS AAA NZ  1 ? 
ATOM   905  N  N   . PRO A 1 103 ? 14.435  -13.449 -1.373  1.000 11.387 ? 142 PRO AAA N   1 ? 
ATOM   906  C  CA  . PRO A 1 103 ? 15.318  -12.300 -1.315  1.000 13.244 ? 142 PRO AAA CA  1 ? 
ATOM   907  C  C   . PRO A 1 103 ? 16.069  -12.191 -2.636  1.000 14.439 ? 142 PRO AAA C   1 ? 
ATOM   908  O  O   . PRO A 1 103 ? 16.456  -13.184 -3.245  1.000 16.663 ? 142 PRO AAA O   1 ? 
ATOM   909  C  CB  . PRO A 1 103 ? 16.301  -12.609 -0.152  1.000 15.342 ? 142 PRO AAA CB  1 ? 
ATOM   910  C  CG  . PRO A 1 103 ? 15.548  -13.558 0.707   1.000 16.890 ? 142 PRO AAA CG  1 ? 
ATOM   911  C  CD  . PRO A 1 103 ? 14.655  -14.362 -0.236  1.000 13.476 ? 142 PRO AAA CD  1 ? 
ATOM   912  N  N   . GLY A 1 104 ? 16.223  -10.960 -3.100  1.000 16.397 ? 143 GLY AAA N   1 ? 
ATOM   913  C  CA  . GLY A 1 104 ? 16.939  -10.798 -4.350  1.000 17.939 ? 143 GLY AAA CA  1 ? 
ATOM   914  C  C   . GLY A 1 104 ? 16.084  -10.997 -5.609  1.000 14.724 ? 143 GLY AAA C   1 ? 
ATOM   915  O  O   . GLY A 1 104 ? 16.577  -10.621 -6.689  1.000 17.356 ? 143 GLY AAA O   1 ? 
ATOM   916  N  N   . ASP A 1 105 ? 14.820  -11.470 -5.524  1.000 13.547 ? 144 ASP AAA N   1 ? 
ATOM   917  C  CA  . ASP A 1 105 ? 13.947  -11.498 -6.689  1.000 12.482 ? 144 ASP AAA CA  1 ? 
ATOM   918  C  C   . ASP A 1 105 ? 13.687  -10.083 -7.180  1.000 10.619 ? 144 ASP AAA C   1 ? 
ATOM   919  O  O   . ASP A 1 105 ? 13.659  -9.167  -6.354  1.000 10.289 ? 144 ASP AAA O   1 ? 
ATOM   920  C  CB  . ASP A 1 105 ? 12.567  -12.076 -6.329  1.000 13.346 ? 144 ASP AAA CB  1 ? 
ATOM   921  C  CG  . ASP A 1 105 ? 12.427  -13.586 -6.273  1.000 18.626 ? 144 ASP AAA CG  1 ? 
ATOM   922  O  OD1 . ASP A 1 105 ? 13.419  -14.299 -6.603  1.000 18.785 ? 144 ASP AAA OD1 1 ? 
ATOM   923  O  OD2 . ASP A 1 105 ? 11.336  -14.028 -5.805  1.000 20.014 ? 144 ASP AAA OD2 1 ? 
ATOM   924  N  N   . ASP A 1 106 ? 13.425  -9.920  -8.472  1.000 10.147 ? 145 ASP AAA N   1 ? 
ATOM   925  C  CA  . ASP A 1 106 ? 13.160  -8.592  -8.972  1.000 8.854  ? 145 ASP AAA CA  1 ? 
ATOM   926  C  C   . ASP A 1 106 ? 12.069  -7.852  -8.193  1.000 8.180  ? 145 ASP AAA C   1 ? 
ATOM   927  O  O   . ASP A 1 106 ? 12.227  -6.671  -7.899  1.000 8.824  ? 145 ASP AAA O   1 ? 
ATOM   928  C  CB  . ASP A 1 106 ? 12.772  -8.676  -10.433 1.000 10.036 ? 145 ASP AAA CB  1 ? 
ATOM   929  C  CG  . ASP A 1 106 ? 13.955  -8.962  -11.358 1.000 10.586 ? 145 ASP AAA CG  1 ? 
ATOM   930  O  OD1 . ASP A 1 106 ? 15.078  -8.893  -10.996 1.000 12.084 ? 145 ASP AAA OD1 1 ? 
ATOM   931  O  OD2 . ASP A 1 106 ? 13.612  -9.217  -12.545 1.000 12.783 ? 145 ASP AAA OD2 1 ? 
ATOM   932  N  N   . ILE A 1 107 ? 10.947  -8.529  -7.908  1.000 7.762  ? 146 ILE AAA N   1 ? 
ATOM   933  C  CA  . ILE A 1 107 ? 9.858   -7.818  -7.263  1.000 8.151  ? 146 ILE AAA CA  1 ? 
ATOM   934  C  C   . ILE A 1 107 ? 10.295  -7.338  -5.875  1.000 7.009  ? 146 ILE AAA C   1 ? 
ATOM   935  O  O   . ILE A 1 107 ? 9.836   -6.267  -5.431  1.000 7.441  ? 146 ILE AAA O   1 ? 
ATOM   936  C  CB  . ILE A 1 107 ? 8.587   -8.675  -7.199  1.000 8.498  ? 146 ILE AAA CB  1 ? 
ATOM   937  C  CG1 . ILE A 1 107 ? 7.351   -7.864  -6.826  1.000 9.255  ? 146 ILE AAA CG1 1 ? 
ATOM   938  C  CG2 . ILE A 1 107 ? 8.718   -9.898  -6.291  1.000 9.420  ? 146 ILE AAA CG2 1 ? 
ATOM   939  C  CD1 . ILE A 1 107 ? 6.848   -6.866  -7.878  1.000 10.331 ? 146 ILE AAA CD1 1 ? 
ATOM   940  N  N   . VAL A 1 108 ? 11.155  -8.105  -5.205  1.000 7.347  ? 147 VAL AAA N   1 ? 
ATOM   941  C  CA  . VAL A 1 108 ? 11.639  -7.705  -3.891  1.000 7.715  ? 147 VAL AAA CA  1 ? 
ATOM   942  C  C   . VAL A 1 108 ? 12.573  -6.509  -4.022  1.000 7.542  ? 147 VAL AAA C   1 ? 
ATOM   943  O  O   . VAL A 1 108 ? 12.479  -5.570  -3.236  1.000 8.013  ? 147 VAL AAA O   1 ? 
ATOM   944  C  CB  . VAL A 1 108 ? 12.347  -8.891  -3.224  1.000 8.137  ? 147 VAL AAA CB  1 ? 
ATOM   945  C  CG1 . VAL A 1 108 ? 13.079  -8.471  -1.942  1.000 9.802  ? 147 VAL AAA CG1 1 ? 
ATOM   946  C  CG2 . VAL A 1 108 ? 11.312  -9.966  -2.888  1.000 9.430  ? 147 VAL AAA CG2 1 ? 
ATOM   947  N  N   . LEU A 1 109 ? 13.495  -6.515  -4.997  1.000 7.928  ? 148 LEU AAA N   1 ? 
ATOM   948  C  CA  . LEU A 1 109 ? 14.337  -5.343  -5.205  1.000 9.018  ? 148 LEU AAA CA  1 ? 
ATOM   949  C  C   . LEU A 1 109 ? 13.484  -4.108  -5.478  1.000 8.813  ? 148 LEU AAA C   1 ? 
ATOM   950  O  O   . LEU A 1 109 ? 13.834  -3.000  -5.036  1.000 9.408  ? 148 LEU AAA O   1 ? 
ATOM   951  C  CB  . LEU A 1 109 ? 15.269  -5.585  -6.397  1.000 10.598 ? 148 LEU AAA CB  1 ? 
ATOM   952  C  CG  . LEU A 1 109 ? 16.303  -6.702  -6.193  1.000 12.894 ? 148 LEU AAA CG  1 ? 
ATOM   953  C  CD1 . LEU A 1 109 ? 17.072  -6.918  -7.491  1.000 17.248 ? 148 LEU AAA CD1 1 ? 
ATOM   954  C  CD2 . LEU A 1 109 ? 17.265  -6.424  -5.073  1.000 18.757 ? 148 LEU AAA CD2 1 ? 
ATOM   955  N  N   . MET A 1 110 ? 12.411  -4.261  -6.246  1.000 7.888  ? 149 MET AAA N   1 ? 
ATOM   956  C  CA  . MET A 1 110 ? 11.523  -3.154  -6.563  1.000 7.437  ? 149 MET AAA CA  1 ? 
ATOM   957  C  C   . MET A 1 110 ? 10.861  -2.613  -5.294  1.000 7.491  ? 149 MET AAA C   1 ? 
ATOM   958  O  O   . MET A 1 110 ? 10.862  -1.401  -5.033  1.000 7.966  ? 149 MET AAA O   1 ? 
ATOM   959  C  CB  . MET A 1 110 ? 10.510  -3.584  -7.631  1.000 7.399  ? 149 MET AAA CB  1 ? 
ATOM   960  C  CG  . MET A 1 110 ? 11.183  -3.876  -8.937  1.000 8.469  ? 149 MET AAA CG  1 ? 
ATOM   961  S  SD  . MET A 1 110 ? 10.095  -4.673  -10.134 1.000 10.350 ? 149 MET AAA SD  1 ? 
ATOM   962  C  CE  . MET A 1 110 ? 9.389   -3.224  -10.886 1.000 12.755 ? 149 MET AAA CE  1 ? 
ATOM   963  N  N   . ALA A 1 111 ? 10.295  -3.536  -4.499  1.000 7.193  ? 150 ALA AAA N   1 ? 
ATOM   964  C  CA  . ALA A 1 111 ? 9.716   -3.144  -3.214  1.000 7.504  ? 150 ALA AAA CA  1 ? 
ATOM   965  C  C   . ALA A 1 111 ? 10.722  -2.461  -2.305  1.000 7.348  ? 150 ALA AAA C   1 ? 
ATOM   966  O  O   . ALA A 1 111 ? 10.389  -1.463  -1.657  1.000 8.320  ? 150 ALA AAA O   1 ? 
ATOM   967  C  CB  . ALA A 1 111 ? 9.069   -4.326  -2.511  1.000 8.013  ? 150 ALA AAA CB  1 ? 
ATOM   968  N  N   . GLU A 1 112 ? 11.940  -2.986  -2.259  1.000 7.976  ? 151 GLU AAA N   1 ? 
ATOM   969  C  CA  . GLU A 1 112 ? 12.940  -2.410  -1.381  1.000 8.763  ? 151 GLU AAA CA  1 ? 
ATOM   970  C  C   . GLU A 1 112 ? 13.269  -0.990  -1.794  1.000 8.762  ? 151 GLU AAA C   1 ? 
ATOM   971  O  O   . GLU A 1 112 ? 13.540  -0.146  -0.932  1.000 9.345  ? 151 GLU AAA O   1 ? 
ATOM   972  C  CB  . GLU A 1 112 ? 14.194  -3.277  -1.383  1.000 9.544  ? 151 GLU AAA CB  1 ? 
ATOM   973  C  CG  . GLU A 1 112 ? 14.007  -4.525  -0.554  1.000 11.902 ? 151 GLU AAA CG  1 ? 
ATOM   974  C  CD  . GLU A 1 112 ? 15.136  -5.523  -0.546  1.000 15.976 ? 151 GLU AAA CD  1 ? 
ATOM   975  O  OE1 . GLU A 1 112 ? 15.841  -5.617  -1.555  1.000 19.089 ? 151 GLU AAA OE1 1 ? 
ATOM   976  O  OE2 . GLU A 1 112 ? 15.221  -6.279  0.447   1.000 22.717 ? 151 GLU AAA OE2 1 ? 
ATOM   977  N  N   . ALA A 1 113 ? 13.311  -0.707  -3.091  1.000 9.297  ? 152 ALA AAA N   1 ? 
ATOM   978  C  CA  . ALA A 1 113 ? 13.569  0.650   -3.540  1.000 8.944  ? 152 ALA AAA CA  1 ? 
ATOM   979  C  C   . ALA A 1 113 ? 12.466  1.595   -3.087  1.000 8.735  ? 152 ALA AAA C   1 ? 
ATOM   980  O  O   . ALA A 1 113 ? 12.724  2.745   -2.666  1.000 9.075  ? 152 ALA AAA O   1 ? 
ATOM   981  C  CB  . ALA A 1 113 ? 13.754  0.664   -5.034  1.000 10.785 ? 152 ALA AAA CB  1 ? 
ATOM   982  N  N   . LEU A 1 114 ? 11.220  1.147   -3.250  1.000 7.945  ? 153 LEU AAA N   1 ? 
ATOM   983  C  CA  . LEU A 1 114 ? 10.092  1.957   -2.796  1.000 8.793  ? 153 LEU AAA CA  1 ? 
ATOM   984  C  C   . LEU A 1 114 ? 10.143  2.174   -1.294  1.000 8.202  ? 153 LEU AAA C   1 ? 
ATOM   985  O  O   . LEU A 1 114 ? 9.839   3.273   -0.816  1.000 8.046  ? 153 LEU AAA O   1 ? 
ATOM   986  C  CB  . LEU A 1 114 ? 8.763   1.313   -3.176  1.000 9.000  ? 153 LEU AAA CB  1 ? 
ATOM   987  C  CG  . LEU A 1 114 ? 8.504   1.176   -4.667  1.000 11.851 ? 153 LEU AAA CG  1 ? 
ATOM   988  C  CD1 . LEU A 1 114 ? 7.285   0.336   -4.924  1.000 14.349 ? 153 LEU AAA CD1 1 ? 
ATOM   989  C  CD2 . LEU A 1 114 ? 8.339   2.497   -5.343  1.000 14.571 ? 153 LEU AAA CD2 1 ? 
ATOM   990  N  N   . GLU A 1 115 ? 10.490  1.129   -0.558  1.000 7.711  ? 154 GLU AAA N   1 ? 
ATOM   991  C  CA  . GLU A 1 115 ? 10.534  1.241   0.893   1.000 8.088  ? 154 GLU AAA CA  1 ? 
ATOM   992  C  C   . GLU A 1 115 ? 11.615  2.208   1.359   1.000 8.102  ? 154 GLU AAA C   1 ? 
ATOM   993  O  O   . GLU A 1 115 ? 11.412  2.949   2.325   1.000 8.766  ? 154 GLU AAA O   1 ? 
ATOM   994  C  CB  . GLU A 1 115 ? 10.707  -0.125  1.529   1.000 9.559  ? 154 GLU AAA CB  1 ? 
ATOM   995  C  CG  . GLU A 1 115 ? 10.579  -0.054  3.053   1.000 10.739 ? 154 GLU AAA CG  1 ? 
ATOM   996  C  CD  . GLU A 1 115 ? 10.712  -1.405  3.714   1.000 15.130 ? 154 GLU AAA CD  1 ? 
ATOM   997  O  OE1 . GLU A 1 115 ? 11.322  -2.323  3.158   1.000 15.654 ? 154 GLU AAA OE1 1 ? 
ATOM   998  O  OE2 . GLU A 1 115 ? 10.278  -1.473  4.911   1.000 20.890 ? 154 GLU AAA OE2 1 ? 
ATOM   999  N  N   . LYS A 1 116 ? 12.762  2.203   0.695   1.000 8.598  ? 155 LYS AAA N   1 ? 
ATOM   1000 C  CA  . LYS A 1 116 ? 13.835  3.137   1.009   1.000 9.189  ? 155 LYS AAA CA  1 ? 
ATOM   1001 C  C   . LYS A 1 116 ? 13.328  4.563   0.895   1.000 9.234  ? 155 LYS AAA C   1 ? 
ATOM   1002 O  O   . LYS A 1 116 ? 13.552  5.431   1.781   1.000 10.030 ? 155 LYS AAA O   1 ? 
ATOM   1003 C  CB  . LYS A 1 116 ? 15.064  2.866   0.162   1.000 10.683 ? 155 LYS AAA CB  1 ? 
ATOM   1004 C  CG  . LYS A 1 116 ? 16.201  3.835   0.397   1.000 12.374 ? 155 LYS AAA CG  1 ? 
ATOM   1005 C  CD  . LYS A 1 116 ? 17.425  3.459   -0.393  1.000 16.136 ? 155 LYS AAA CD  1 ? 
ATOM   1006 C  CE  . LYS A 1 116 ? 18.536  4.468   -0.213  1.000 18.786 ? 155 LYS AAA CE  1 ? 
ATOM   1007 N  NZ  . LYS A 1 116 ? 19.741  4.049   -0.958  1.000 24.952 ? 155 LYS AAA NZ  1 ? 
ATOM   1008 N  N   . LEU A 1 117 ? 12.653  4.862   -0.210  1.000 8.712  ? 156 LEU AAA N   1 ? 
ATOM   1009 C  CA  . LEU A 1 117 ? 12.083  6.179   -0.423  1.000 9.524  ? 156 LEU AAA CA  1 ? 
ATOM   1010 C  C   . LEU A 1 117 ? 11.016  6.501   0.600   1.000 8.186  ? 156 LEU AAA C   1 ? 
ATOM   1011 O  O   . LEU A 1 117 ? 10.961  7.610   1.140   1.000 9.233  ? 156 LEU AAA O   1 ? 
ATOM   1012 C  CB  . LEU A 1 117 ? 11.576  6.209   -1.869  1.000 11.096 ? 156 LEU AAA CB  1 ? 
ATOM   1013 C  CG  . LEU A 1 117 ? 10.935  7.494   -2.327  1.000 13.661 ? 156 LEU AAA CG  1 ? 
ATOM   1014 C  CD1 . LEU A 1 117 ? 11.863  8.695   -2.149  1.000 18.147 ? 156 LEU AAA CD1 1 ? 
ATOM   1015 C  CD2 . LEU A 1 117 ? 10.482  7.331   -3.769  1.000 16.115 ? 156 LEU AAA CD2 1 ? 
ATOM   1016 N  N   . PHE A 1 118 ? 10.155  5.522   0.893   1.000 7.796  ? 157 PHE AAA N   1 ? 
ATOM   1017 C  CA  . PHE A 1 118 ? 9.104   5.704   1.875   1.000 8.188  ? 157 PHE AAA CA  1 ? 
ATOM   1018 C  C   . PHE A 1 118 ? 9.685   6.107   3.224   1.000 7.949  ? 157 PHE AAA C   1 ? 
ATOM   1019 O  O   . PHE A 1 118 ? 9.194   7.064   3.827   1.000 9.008  ? 157 PHE AAA O   1 ? 
ATOM   1020 C  CB  . PHE A 1 118 ? 8.328   4.407   1.984   1.000 8.532  ? 157 PHE AAA CB  1 ? 
ATOM   1021 C  CG  . PHE A 1 118 ? 7.248   4.427   3.021   1.000 8.446  ? 157 PHE AAA CG  1 ? 
ATOM   1022 C  CD1 . PHE A 1 118 ? 6.060   5.106   2.800   1.000 9.316  ? 157 PHE AAA CD1 1 ? 
ATOM   1023 C  CD2 . PHE A 1 118 ? 7.400   3.736   4.208   1.000 11.568 ? 157 PHE AAA CD2 1 ? 
ATOM   1024 C  CE1 . PHE A 1 118 ? 5.062   5.126   3.776   1.000 10.754 ? 157 PHE AAA CE1 1 ? 
ATOM   1025 C  CE2 . PHE A 1 118 ? 6.372   3.744   5.154   1.000 13.429 ? 157 PHE AAA CE2 1 ? 
ATOM   1026 C  CZ  . PHE A 1 118 ? 5.221   4.436   4.927   1.000 13.965 ? 157 PHE AAA CZ  1 ? 
ATOM   1027 N  N   . LEU A 1 119 ? 10.703  5.409   3.666   1.000 8.098  ? 158 LEU AAA N   1 ? 
ATOM   1028 C  CA  . LEU A 1 119 ? 11.251  5.753   4.971   1.000 9.983  ? 158 LEU AAA CA  1 ? 
ATOM   1029 C  C   . LEU A 1 119 ? 11.866  7.146   4.952   1.000 9.248  ? 158 LEU AAA C   1 ? 
ATOM   1030 O  O   . LEU A 1 119 ? 11.682  7.933   5.926   1.000 10.645 ? 158 LEU AAA O   1 ? 
ATOM   1031 C  CB  . LEU A 1 119 ? 12.337  4.762   5.365   1.000 13.301 ? 158 LEU AAA CB  1 ? 
ATOM   1032 C  CG  . LEU A 1 119 ? 11.813  3.419   5.833   1.000 17.111 ? 158 LEU AAA CG  1 ? 
ATOM   1033 C  CD1 . LEU A 1 119 ? 13.008  2.538   6.179   1.000 21.831 ? 158 LEU AAA CD1 1 ? 
ATOM   1034 C  CD2 . LEU A 1 119 ? 10.903  3.588   7.061   1.000 19.758 ? 158 LEU AAA CD2 1 ? 
ATOM   1035 N  N   . GLN A 1 120 ? 12.524  7.551   3.873   1.000 9.623  ? 159 GLN AAA N   1 ? 
ATOM   1036 C  CA  . GLN A 1 120 ? 13.043  8.909   3.828   1.000 11.407 ? 159 GLN AAA CA  1 ? 
ATOM   1037 C  C   . GLN A 1 120 ? 11.905  9.915   3.944   1.000 10.980 ? 159 GLN AAA C   1 ? 
ATOM   1038 O  O   . GLN A 1 120 ? 12.040  10.955  4.654   1.000 12.756 ? 159 GLN AAA O   1 ? 
ATOM   1039 C  CB  . GLN A 1 120 ? 13.785  9.132   2.510   1.000 12.764 ? 159 GLN AAA CB  1 ? 
ATOM   1040 C  CG  . GLN A 1 120 ? 15.114  8.400   2.426   1.000 16.758 ? 159 GLN AAA CG  1 ? 
ATOM   1041 C  CD  . GLN A 1 120 ? 15.722  8.179   1.062   0.500 15.327 ? 159 GLN AAA CD  1 ? 
ATOM   1042 O  OE1 . GLN A 1 120 ? 15.053  7.847   0.082   0.500 18.378 ? 159 GLN AAA OE1 1 ? 
ATOM   1043 N  NE2 . GLN A 1 120 ? 17.035  8.319   0.996   0.500 18.121 ? 159 GLN AAA NE2 1 ? 
ATOM   1044 N  N   . LYS A 1 121 ? 10.784  9.658   3.300   1.000 9.937  ? 160 LYS AAA N   1 ? 
ATOM   1045 C  CA  . LYS A 1 121 ? 9.685   10.605  3.393   1.000 10.839 ? 160 LYS AAA CA  1 ? 
ATOM   1046 C  C   . LYS A 1 121 ? 9.014   10.570  4.751   1.000 9.796  ? 160 LYS AAA C   1 ? 
ATOM   1047 O  O   . LYS A 1 121 ? 8.593   11.628  5.280   1.000 11.094 ? 160 LYS AAA O   1 ? 
ATOM   1048 C  CB  . LYS A 1 121 ? 8.670   10.351  2.277   1.000 12.279 ? 160 LYS AAA CB  1 ? 
ATOM   1049 C  CG  . LYS A 1 121 ? 9.150   10.515  0.839   1.000 14.780 ? 160 LYS AAA CG  1 ? 
ATOM   1050 C  CD  . LYS A 1 121 ? 9.686   11.910  0.617   1.000 21.002 ? 160 LYS AAA CD  1 ? 
ATOM   1051 C  CE  . LYS A 1 121 ? 10.231  12.086  -0.780  1.000 27.775 ? 160 LYS AAA CE  1 ? 
ATOM   1052 N  NZ  . LYS A 1 121 ? 11.095  13.285  -0.906  1.000 33.245 ? 160 LYS AAA NZ  1 ? 
ATOM   1053 N  N   . ILE A 1 122 ? 8.884   9.413   5.381   1.000 9.410  ? 161 ILE AAA N   1 ? 
ATOM   1054 C  CA  . ILE A 1 122 ? 8.164   9.392   6.645   1.000 10.418 ? 161 ILE AAA CA  1 ? 
ATOM   1055 C  C   . ILE A 1 122 ? 9.013   9.999   7.753   1.000 10.426 ? 161 ILE AAA C   1 ? 
ATOM   1056 O  O   . ILE A 1 122 ? 8.465   10.503  8.726   1.000 11.498 ? 161 ILE AAA O   1 ? 
ATOM   1057 C  CB  . ILE A 1 122 ? 7.736   7.953   6.961   1.000 11.570 ? 161 ILE AAA CB  1 ? 
ATOM   1058 C  CG1 . ILE A 1 122 ? 6.305   7.842   7.458   1.000 17.053 ? 161 ILE AAA CG1 1 ? 
ATOM   1059 C  CG2 . ILE A 1 122 ? 8.744   7.061   7.612   1.000 16.239 ? 161 ILE AAA CG2 1 ? 
ATOM   1060 C  CD1 . ILE A 1 122 ? 5.338   8.229   6.326   1.000 16.016 ? 161 ILE AAA CD1 1 ? 
ATOM   1061 N  N   . ASN A 1 123 ? 10.332  9.995   7.602   1.000 10.502 ? 162 ASN AAA N   1 ? 
ATOM   1062 C  CA  . ASN A 1 123 ? 11.165  10.684  8.588   1.000 11.661 ? 162 ASN AAA CA  1 ? 
ATOM   1063 C  C   . ASN A 1 123 ? 10.820  12.162  8.626   1.000 11.564 ? 162 ASN AAA C   1 ? 
ATOM   1064 O  O   . ASN A 1 123 ? 11.098  12.805  9.665   1.000 12.748 ? 162 ASN AAA O   1 ? 
ATOM   1065 C  CB  . ASN A 1 123 ? 12.647  10.516  8.256   1.000 14.297 ? 162 ASN AAA CB  1 ? 
ATOM   1066 C  CG  . ASN A 1 123 ? 13.161  9.135   8.530   1.000 16.231 ? 162 ASN AAA CG  1 ? 
ATOM   1067 O  OD1 . ASN A 1 123 ? 12.552  8.371   9.237   1.000 17.307 ? 162 ASN AAA OD1 1 ? 
ATOM   1068 N  ND2 . ASN A 1 123 ? 14.318  8.844   7.979   1.000 21.412 ? 162 ASN AAA ND2 1 ? 
ATOM   1069 N  N   . GLU A 1 124 ? 10.245  12.726  7.570   1.000 11.384 ? 163 GLU AAA N   1 ? 
ATOM   1070 C  CA  . GLU A 1 124 ? 9.857   14.131  7.539   1.000 12.258 ? 163 GLU AAA CA  1 ? 
ATOM   1071 C  C   . GLU A 1 124 ? 8.345   14.333  7.673   1.000 12.067 ? 163 GLU AAA C   1 ? 
ATOM   1072 O  O   . GLU A 1 124 ? 7.868   15.430  7.440   1.000 12.820 ? 163 GLU AAA O   1 ? 
ATOM   1073 C  CB  . GLU A 1 124 ? 10.394  14.776  6.261   1.000 13.469 ? 163 GLU AAA CB  1 ? 
ATOM   1074 C  CG  . GLU A 1 124 ? 11.913  14.971  6.284   1.000 16.437 ? 163 GLU AAA CG  1 ? 
ATOM   1075 C  CD  . GLU A 1 124 ? 12.480  16.029  7.214   1.000 18.370 ? 163 GLU AAA CD  1 ? 
ATOM   1076 O  OE1 . GLU A 1 124 ? 11.703  16.645  7.943   1.000 20.692 ? 163 GLU AAA OE1 1 ? 
ATOM   1077 O  OE2 . GLU A 1 124 ? 13.729  16.197  7.222   1.000 22.907 ? 163 GLU AAA OE2 1 ? 
ATOM   1078 N  N   . LEU A 1 125 ? 7.634   13.280  8.075   1.000 10.946 ? 164 LEU AAA N   1 ? 
ATOM   1079 C  CA  . LEU A 1 125 ? 6.222   13.438  8.381   1.000 10.139 ? 164 LEU AAA CA  1 ? 
ATOM   1080 C  C   . LEU A 1 125 ? 6.079   14.586  9.360   1.000 9.949  ? 164 LEU AAA C   1 ? 
ATOM   1081 O  O   . LEU A 1 125 ? 6.732   14.587  10.398  1.000 9.755  ? 164 LEU AAA O   1 ? 
ATOM   1082 C  CB  . LEU A 1 125 ? 5.696   12.140  8.974   1.000 11.395 ? 164 LEU AAA CB  1 ? 
ATOM   1083 C  CG  . LEU A 1 125 ? 4.209   12.100  9.285   1.000 10.772 ? 164 LEU AAA CG  1 ? 
ATOM   1084 C  CD1 . LEU A 1 125 ? 3.369   11.952  7.993   1.000 14.019 ? 164 LEU AAA CD1 1 ? 
ATOM   1085 C  CD2 . LEU A 1 125 ? 3.899   11.004  10.319  1.000 12.426 ? 164 LEU AAA CD2 1 ? 
ATOM   1086 N  N   . PRO A 1 126 ? 5.228   15.576  9.082   1.000 10.141 ? 165 PRO AAA N   1 ? 
ATOM   1087 C  CA  . PRO A 1 126 ? 5.184   16.776  9.917   1.000 9.982  ? 165 PRO AAA CA  1 ? 
ATOM   1088 C  C   . PRO A 1 126 ? 4.573   16.469  11.261  1.000 9.922  ? 165 PRO AAA C   1 ? 
ATOM   1089 O  O   . PRO A 1 126 ? 3.705   15.602  11.417  1.000 10.843 ? 165 PRO AAA O   1 ? 
ATOM   1090 C  CB  . PRO A 1 126 ? 4.254   17.753  9.188   1.000 12.856 ? 165 PRO AAA CB  1 ? 
ATOM   1091 C  CG  . PRO A 1 126 ? 3.415   16.828  8.293   1.000 15.189 ? 165 PRO AAA CG  1 ? 
ATOM   1092 C  CD  . PRO A 1 126 ? 4.365   15.710  7.894   1.000 12.577 ? 165 PRO AAA CD  1 ? 
ATOM   1093 N  N   . THR A 1 127 ? 4.978   17.263  12.255  1.000 10.855 ? 166 THR AAA N   1 ? 
ATOM   1094 C  CA  . THR A 1 127 ? 4.291   17.286  13.539  1.000 11.710 ? 166 THR AAA CA  1 ? 
ATOM   1095 C  C   . THR A 1 127 ? 2.785   17.496  13.325  1.000 12.660 ? 166 THR AAA C   1 ? 
ATOM   1096 O  O   . THR A 1 127 ? 2.407   18.339  12.521  1.000 12.738 ? 166 THR AAA O   1 ? 
ATOM   1097 C  CB  . THR A 1 127 ? 4.865   18.420  14.422  1.000 13.660 ? 166 THR AAA CB  1 ? 
ATOM   1098 O  OG1 . THR A 1 127 ? 6.277   18.171  14.480  1.000 15.129 ? 166 THR AAA OG1 1 ? 
ATOM   1099 C  CG2 . THR A 1 127 ? 4.307   18.391  15.826  1.000 15.754 ? 166 THR AAA CG2 1 ? 
ATOM   1100 N  N   . GLU A 1 128 ? 1.966   16.729  14.036  1.000 13.466 ? 167 GLU AAA N   1 ? 
ATOM   1101 C  CA  . GLU A 1 128 ? 0.520   16.874  13.910  1.000 16.683 ? 167 GLU AAA CA  1 ? 
ATOM   1102 C  C   . GLU A 1 128 ? 0.125   18.233  14.478  1.000 18.133 ? 167 GLU AAA C   1 ? 
ATOM   1103 O  O   . GLU A 1 128 ? 0.537   18.568  15.601  1.000 22.129 ? 167 GLU AAA O   1 ? 
ATOM   1104 C  CB  . GLU A 1 128 ? -0.207  15.720  14.611  1.000 19.065 ? 167 GLU AAA CB  1 ? 
ATOM   1105 C  CG  . GLU A 1 128 ? -1.718  15.853  14.543  1.000 25.804 ? 167 GLU AAA CG  1 ? 
ATOM   1106 C  CD  . GLU A 1 128 ? -2.493  14.574  14.812  1.000 27.772 ? 167 GLU AAA CD  1 ? 
ATOM   1107 O  OE1 . GLU A 1 128 ? -1.910  13.649  15.421  1.000 28.562 ? 167 GLU AAA OE1 1 ? 
ATOM   1108 O  OE2 . GLU A 1 128 ? -3.683  14.509  14.421  1.000 33.092 ? 167 GLU AAA OE2 1 ? 
ATOM   1109 N  N   . GLU A 1 129 ? -0.670  19.001  13.722  1.000 18.825 ? 168 GLU AAA N   1 ? 
ATOM   1110 C  CA  . GLU A 1 129 ? -1.014  20.332  14.206  1.000 25.300 ? 168 GLU AAA CA  1 ? 
ATOM   1111 C  C   . GLU A 1 129 ? -2.532  20.571  14.212  1.000 35.381 ? 168 GLU AAA C   1 ? 
ATOM   1112 O  O   . GLU A 1 129 ? -3.332  19.640  14.355  1.000 37.449 ? 168 GLU AAA O   1 ? 
ATOM   1113 C  CB  . GLU A 1 129 ? -0.122  21.424  13.598  1.000 33.236 ? 168 GLU AAA CB  1 ? 
ATOM   1114 C  CG  . GLU A 1 129 ? -0.326  21.695  12.113  1.000 39.792 ? 168 GLU AAA CG  1 ? 
ATOM   1115 C  CD  . GLU A 1 129 ? 0.848   22.415  11.471  1.000 46.797 ? 168 GLU AAA CD  1 ? 
ATOM   1116 O  OE1 . GLU A 1 129 ? 1.807   22.745  12.202  1.000 49.723 ? 168 GLU AAA OE1 1 ? 
ATOM   1117 O  OE2 . GLU A 1 129 ? 0.807   22.645  10.241  1.000 52.296 ? 168 GLU AAA OE2 1 ? 
ATOM   1118 O  OXT . GLU A 1 129 ? -3.002  21.710  14.088  1.000 40.449 ? 168 GLU AAA OXT 1 ? 
HETATM 1119 C  C1  . GOL B 2 .   ? 3.270   8.424   13.447  1.000 39.968 ? 201 GOL AAA C1  1 ? 
HETATM 1120 O  O1  . GOL B 2 .   ? 2.175   7.599   13.063  1.000 42.663 ? 201 GOL AAA O1  1 ? 
HETATM 1121 C  C2  . GOL B 2 .   ? 4.580   7.737   13.148  1.000 40.210 ? 201 GOL AAA C2  1 ? 
HETATM 1122 O  O2  . GOL B 2 .   ? 5.086   8.153   11.882  1.000 40.043 ? 201 GOL AAA O2  1 ? 
HETATM 1123 C  C3  . GOL B 2 .   ? 5.633   7.971   14.196  1.000 38.797 ? 201 GOL AAA C3  1 ? 
HETATM 1124 O  O3  . GOL B 2 .   ? 6.905   7.538   13.728  1.000 41.548 ? 201 GOL AAA O3  1 ? 
HETATM 1125 C  C4  . HH8 C 3 .   ? 4.160   -9.831  -6.253  1.000 9.374  ? 202 HH8 AAA C4  1 ? 
HETATM 1126 C  C5  . HH8 C 3 .   ? 4.887   -11.969 -6.765  1.000 10.723 ? 202 HH8 AAA C5  1 ? 
HETATM 1127 C  C6  . HH8 C 3 .   ? 4.681   -11.791 -8.136  1.000 11.409 ? 202 HH8 AAA C6  1 ? 
HETATM 1128 C  C7  . HH8 C 3 .   ? 4.187   -10.599 -8.546  1.000 10.703 ? 202 HH8 AAA C7  1 ? 
HETATM 1129 C  C8  . HH8 C 3 .   ? 3.919   -9.580  -7.609  1.000 9.378  ? 202 HH8 AAA C8  1 ? 
HETATM 1130 N  N1  . HH8 C 3 .   ? 3.903   -8.922  -5.296  1.000 10.208 ? 202 HH8 AAA N1  1 ? 
HETATM 1131 N  N2  . HH8 C 3 .   ? 4.648   -11.033 -5.845  1.000 10.215 ? 202 HH8 AAA N2  1 ? 
HETATM 1132 C  C3  . HH8 C 3 .   ? 3.467   -7.730  -5.663  1.000 11.248 ? 202 HH8 AAA C3  1 ? 
HETATM 1133 BR BR1 . HH8 C 3 .   ? 3.015   -7.888  -9.745  1.000 13.225 ? 202 HH8 AAA BR1 1 ? 
HETATM 1134 C  C1  . HH8 C 3 .   ? 3.418   -8.293  -7.940  1.000 10.676 ? 202 HH8 AAA C1  1 ? 
HETATM 1135 C  C2  . HH8 C 3 .   ? 3.195   -7.372  -6.984  1.000 11.037 ? 202 HH8 AAA C2  1 ? 
HETATM 1136 C  C4  . HH8 D 3 .   ? 7.240   -9.889  -11.428 1.000 14.508 ? 203 HH8 AAA C4  1 ? 
HETATM 1137 C  C5  . HH8 D 3 .   ? 8.650   -8.129  -11.014 1.000 13.164 ? 203 HH8 AAA C5  1 ? 
HETATM 1138 C  C6  . HH8 D 3 .   ? 7.718   -7.189  -11.501 1.000 13.257 ? 203 HH8 AAA C6  1 ? 
HETATM 1139 C  C7  . HH8 D 3 .   ? 6.511   -7.636  -11.960 1.000 13.823 ? 203 HH8 AAA C7  1 ? 
HETATM 1140 C  C8  . HH8 D 3 .   ? 6.264   -9.026  -11.970 1.000 12.932 ? 203 HH8 AAA C8  1 ? 
HETATM 1141 N  N1  . HH8 D 3 .   ? 7.083   -11.247 -11.399 1.000 16.833 ? 203 HH8 AAA N1  1 ? 
HETATM 1142 N  N2  . HH8 D 3 .   ? 8.426   -9.438  -10.946 1.000 13.726 ? 203 HH8 AAA N2  1 ? 
HETATM 1143 C  C3  . HH8 D 3 .   ? 5.950   -11.774 -11.832 1.000 18.150 ? 203 HH8 AAA C3  1 ? 
HETATM 1144 BR BR1 . HH8 D 3 .   ? 3.747   -8.573  -13.266 1.000 17.449 ? 203 HH8 AAA BR1 1 ? 
HETATM 1145 C  C1  . HH8 D 3 .   ? 5.087   -9.631  -12.468 1.000 14.366 ? 203 HH8 AAA C1  1 ? 
HETATM 1146 C  C2  . HH8 D 3 .   ? 4.940   -10.994 -12.416 1.000 15.231 ? 203 HH8 AAA C2  1 ? 
HETATM 1147 O  O   . HOH E 4 .   ? 1.846   2.352   11.357  1.000 23.154 ? 301 HOH AAA O   1 ? 
HETATM 1148 O  O   . HOH E 4 .   ? -1.847  15.575  11.358  1.000 27.416 ? 302 HOH AAA O   1 ? 
HETATM 1149 O  O   . HOH E 4 .   ? -2.711  20.043  12.176  1.000 31.534 ? 303 HOH AAA O   1 ? 
HETATM 1150 O  O   . HOH E 4 .   ? 4.726   -19.860 -3.435  1.000 21.810 ? 304 HOH AAA O   1 ? 
HETATM 1151 O  O   . HOH E 4 .   ? -9.419  16.748  11.528  1.000 27.223 ? 305 HOH AAA O   1 ? 
HETATM 1152 O  O   . HOH E 4 .   ? 10.250  -16.241 -5.252  1.000 25.158 ? 306 HOH AAA O   1 ? 
HETATM 1153 O  O   . HOH E 4 .   ? 13.478  -6.893  2.174   1.000 26.918 ? 307 HOH AAA O   1 ? 
HETATM 1154 O  O   . HOH E 4 .   ? -0.500  0.251   13.030  1.000 29.802 ? 308 HOH AAA O   1 ? 
HETATM 1155 O  O   . HOH E 4 .   ? -14.741 -8.944  -9.252  1.000 36.668 ? 309 HOH AAA O   1 ? 
HETATM 1156 O  O   . HOH E 4 .   ? 15.153  14.579  5.850   1.000 29.990 ? 310 HOH AAA O   1 ? 
HETATM 1157 O  O   . HOH E 4 .   ? -2.748  0.941   12.214  1.000 27.441 ? 311 HOH AAA O   1 ? 
HETATM 1158 O  O   . HOH E 4 .   ? 8.693   1.180   6.296   1.000 34.637 ? 312 HOH AAA O   1 ? 
HETATM 1159 O  O   . HOH E 4 .   ? 15.884  10.551  6.863   1.000 31.722 ? 313 HOH AAA O   1 ? 
HETATM 1160 O  O   . HOH E 4 .   ? 17.060  -9.817  -9.113  1.000 21.556 ? 314 HOH AAA O   1 ? 
HETATM 1161 O  O   . HOH E 4 .   ? -24.337 1.662   10.612  1.000 20.341 ? 315 HOH AAA O   1 ? 
HETATM 1162 O  O   . HOH E 4 .   ? 0.304   -7.821  -14.125 1.000 19.625 ? 316 HOH AAA O   1 ? 
HETATM 1163 O  O   . HOH E 4 .   ? -5.237  16.470  13.677  1.000 24.405 ? 317 HOH AAA O   1 ? 
HETATM 1164 O  O   . HOH E 4 .   ? 8.360   17.996  7.494   1.000 34.705 ? 318 HOH AAA O   1 ? 
HETATM 1165 O  O   . HOH E 4 .   ? 17.686  -3.931  -2.356  1.000 23.946 ? 319 HOH AAA O   1 ? 
HETATM 1166 O  O   . HOH E 4 .   ? 1.251   20.278  17.473  1.000 29.139 ? 320 HOH AAA O   1 ? 
HETATM 1167 O  O   . HOH E 4 .   ? 10.095  -3.890  5.947   1.000 28.927 ? 321 HOH AAA O   1 ? 
HETATM 1168 O  O   . HOH E 4 .   ? -16.140 -8.701  -12.912 1.000 32.801 ? 322 HOH AAA O   1 ? 
HETATM 1169 O  O   . HOH E 4 .   ? 3.281   -9.248  -2.489  1.000 9.276  ? 323 HOH AAA O   1 ? 
HETATM 1170 O  O   . HOH E 4 .   ? -1.056  -20.711 4.013   1.000 28.154 ? 324 HOH AAA O   1 ? 
HETATM 1171 O  O   . HOH E 4 .   ? 9.926   9.105   -7.106  1.000 31.030 ? 325 HOH AAA O   1 ? 
HETATM 1172 O  O   . HOH E 4 .   ? 17.008  5.067   -13.021 1.000 26.092 ? 326 HOH AAA O   1 ? 
HETATM 1173 O  O   . HOH E 4 .   ? -0.244  0.209   -12.965 1.000 20.736 ? 327 HOH AAA O   1 ? 
HETATM 1174 O  O   . HOH E 4 .   ? -4.091  1.677   -10.291 1.000 30.666 ? 328 HOH AAA O   1 ? 
HETATM 1175 O  O   . HOH E 4 .   ? -4.823  13.864  16.762  1.000 27.010 ? 329 HOH AAA O   1 ? 
HETATM 1176 O  O   . HOH E 4 .   ? -14.110 -11.978 -5.832  1.000 16.966 ? 330 HOH AAA O   1 ? 
HETATM 1177 O  O   . HOH E 4 .   ? -3.165  11.434  14.537  1.000 17.117 ? 331 HOH AAA O   1 ? 
HETATM 1178 O  O   . HOH E 4 .   ? 0.793   10.250  13.962  1.000 23.070 ? 332 HOH AAA O   1 ? 
HETATM 1179 O  O   . HOH E 4 .   ? 2.235   -16.223 5.293   1.000 26.387 ? 333 HOH AAA O   1 ? 
HETATM 1180 O  O   . HOH E 4 .   ? -14.540 3.079   -2.678  1.000 38.515 ? 334 HOH AAA O   1 ? 
HETATM 1181 O  O   . HOH E 4 .   ? -11.406 -8.656  -6.731  1.000 21.571 ? 335 HOH AAA O   1 ? 
HETATM 1182 O  O   . HOH E 4 .   ? -6.995  1.741   13.605  1.000 16.969 ? 336 HOH AAA O   1 ? 
HETATM 1183 O  O   . HOH E 4 .   ? -3.749  -18.574 -14.313 1.000 29.868 ? 337 HOH AAA O   1 ? 
HETATM 1184 O  O   . HOH E 4 .   ? -2.194  -15.278 -17.454 1.000 20.127 ? 338 HOH AAA O   1 ? 
HETATM 1185 O  O   . HOH E 4 .   ? 2.805   10.753  -8.709  1.000 25.019 ? 339 HOH AAA O   1 ? 
HETATM 1186 O  O   . HOH E 4 .   ? -12.183 -1.217  -2.295  1.000 22.823 ? 340 HOH AAA O   1 ? 
HETATM 1187 O  O   . HOH E 4 .   ? 0.416   -5.668  -10.285 1.000 14.063 ? 341 HOH AAA O   1 ? 
HETATM 1188 O  O   . HOH E 4 .   ? -8.019  -8.176  -0.818  1.000 11.247 ? 342 HOH AAA O   1 ? 
HETATM 1189 O  O   . HOH E 4 .   ? 3.837   -14.580 -12.069 1.000 20.776 ? 343 HOH AAA O   1 ? 
HETATM 1190 O  O   . HOH E 4 .   ? 8.740   2.382   -15.014 1.000 22.094 ? 344 HOH AAA O   1 ? 
HETATM 1191 O  O   . HOH E 4 .   ? 16.621  -8.547  -1.859  1.000 21.933 ? 345 HOH AAA O   1 ? 
HETATM 1192 O  O   . HOH E 4 .   ? -4.421  -5.551  -2.356  1.000 9.969  ? 346 HOH AAA O   1 ? 
HETATM 1193 O  O   . HOH E 4 .   ? 2.342   -8.278  5.869   1.000 16.455 ? 347 HOH AAA O   1 ? 
HETATM 1194 O  O   . HOH E 4 .   ? -5.614  -6.001  -9.813  1.000 15.484 ? 348 HOH AAA O   1 ? 
HETATM 1195 O  O   . HOH E 4 .   ? 17.273  -9.465  -12.545 1.000 12.679 ? 349 HOH AAA O   1 ? 
HETATM 1196 O  O   . HOH E 4 .   ? 4.960   -18.367 -6.848  1.000 32.085 ? 350 HOH AAA O   1 ? 
HETATM 1197 O  O   . HOH E 4 .   ? 6.966   7.521   -13.517 1.000 20.820 ? 351 HOH AAA O   1 ? 
HETATM 1198 O  O   . HOH E 4 .   ? 4.748   -5.270  8.557   1.000 32.745 ? 352 HOH AAA O   1 ? 
HETATM 1199 O  O   . HOH E 4 .   ? 14.969  4.102   -3.515  1.000 20.162 ? 353 HOH AAA O   1 ? 
HETATM 1200 O  O   . HOH E 4 .   ? 0.414   18.585  5.422   1.000 19.630 ? 354 HOH AAA O   1 ? 
HETATM 1201 O  O   . HOH E 4 .   ? 1.082   -5.258  -3.371  1.000 14.650 ? 355 HOH AAA O   1 ? 
HETATM 1202 O  O   . HOH E 4 .   ? -17.214 6.203   -2.102  1.000 31.525 ? 356 HOH AAA O   1 ? 
HETATM 1203 O  O   . HOH E 4 .   ? -8.867  -18.396 -4.828  1.000 18.293 ? 357 HOH AAA O   1 ? 
HETATM 1204 O  O   . HOH E 4 .   ? 1.812   2.910   -14.305 1.000 25.124 ? 358 HOH AAA O   1 ? 
HETATM 1205 O  O   . HOH E 4 .   ? -9.920  -0.305  8.210   1.000 27.447 ? 359 HOH AAA O   1 ? 
HETATM 1206 O  O   . HOH E 4 .   ? 0.420   -5.129  -6.024  1.000 10.419 ? 360 HOH AAA O   1 ? 
HETATM 1207 O  O   . HOH E 4 .   ? -0.349  -7.685  -1.359  1.000 11.879 ? 361 HOH AAA O   1 ? 
HETATM 1208 O  O   . HOH E 4 .   ? -6.901  -17.719 7.564   1.000 21.619 ? 362 HOH AAA O   1 ? 
HETATM 1209 O  O   . HOH E 4 .   ? -9.110  -1.463  -3.005  1.000 19.376 ? 363 HOH AAA O   1 ? 
HETATM 1210 O  O   . HOH E 4 .   ? -4.191  -0.659  -12.615 1.000 33.063 ? 364 HOH AAA O   1 ? 
HETATM 1211 O  O   . HOH E 4 .   ? -19.524 2.069   1.049   1.000 24.887 ? 365 HOH AAA O   1 ? 
HETATM 1212 O  O   . HOH E 4 .   ? 9.650   15.668  3.055   1.000 23.967 ? 366 HOH AAA O   1 ? 
HETATM 1213 O  O   . HOH E 4 .   ? 1.403   -21.032 -6.650  1.000 22.200 ? 367 HOH AAA O   1 ? 
HETATM 1214 O  O   . HOH E 4 .   ? -7.881  13.515  0.604   1.000 22.847 ? 368 HOH AAA O   1 ? 
HETATM 1215 O  O   . HOH E 4 .   ? 16.398  -2.298  -4.187  1.000 15.589 ? 369 HOH AAA O   1 ? 
HETATM 1216 O  O   . HOH E 4 .   ? -2.611  -2.956  6.649   1.000 16.238 ? 370 HOH AAA O   1 ? 
HETATM 1217 O  O   . HOH E 4 .   ? 10.318  8.983   -10.821 1.000 23.859 ? 371 HOH AAA O   1 ? 
HETATM 1218 O  O   . HOH E 4 .   ? 13.823  -12.109 -10.160 1.000 23.554 ? 372 HOH AAA O   1 ? 
HETATM 1219 O  O   . HOH E 4 .   ? -4.794  0.442   7.889   1.000 15.712 ? 373 HOH AAA O   1 ? 
HETATM 1220 O  O   . HOH E 4 .   ? -14.095 -4.733  -1.048  1.000 19.745 ? 374 HOH AAA O   1 ? 
HETATM 1221 O  O   . HOH E 4 .   ? 2.831   -6.583  -1.886  1.000 14.155 ? 375 HOH AAA O   1 ? 
HETATM 1222 O  O   . HOH E 4 .   ? -4.314  -0.475  10.497  1.000 25.090 ? 376 HOH AAA O   1 ? 
HETATM 1223 O  O   . HOH E 4 .   ? 12.119  -11.863 0.731   1.000 17.615 ? 377 HOH AAA O   1 ? 
HETATM 1224 O  O   . HOH E 4 .   ? -2.316  11.677  11.745  1.000 12.482 ? 378 HOH AAA O   1 ? 
HETATM 1225 O  O   . HOH E 4 .   ? -6.353  -6.901  3.126   1.000 18.811 ? 379 HOH AAA O   1 ? 
HETATM 1226 O  O   . HOH E 4 .   ? 1.189   -15.411 -15.657 1.000 19.938 ? 380 HOH AAA O   1 ? 
HETATM 1227 O  O   . HOH E 4 .   ? 14.806  -0.979  1.433   1.000 15.078 ? 381 HOH AAA O   1 ? 
HETATM 1228 O  O   . HOH E 4 .   ? 10.214  -1.128  -14.195 1.000 19.457 ? 382 HOH AAA O   1 ? 
HETATM 1229 O  O   . HOH E 4 .   ? 0.603   -6.725  7.694   1.000 24.017 ? 383 HOH AAA O   1 ? 
HETATM 1230 O  O   . HOH E 4 .   ? -8.249  -8.121  -4.890  1.000 11.442 ? 384 HOH AAA O   1 ? 
HETATM 1231 O  O   . HOH E 4 .   ? -10.541 4.146   12.303  1.000 12.015 ? 385 HOH AAA O   1 ? 
HETATM 1232 O  O   . HOH E 4 .   ? 3.564   20.667  11.440  1.000 23.315 ? 386 HOH AAA O   1 ? 
HETATM 1233 O  O   . HOH E 4 .   ? 14.438  12.181  5.481   1.000 25.757 ? 387 HOH AAA O   1 ? 
HETATM 1234 O  O   . HOH E 4 .   ? 3.456   0.397   10.364  1.000 25.946 ? 388 HOH AAA O   1 ? 
HETATM 1235 O  O   . HOH E 4 .   ? 15.770  6.700   -2.395  1.000 30.424 ? 389 HOH AAA O   1 ? 
HETATM 1236 O  O   . HOH E 4 .   ? 19.212  3.714   -3.715  1.000 31.420 ? 390 HOH AAA O   1 ? 
HETATM 1237 O  O   . HOH E 4 .   ? 15.686  5.179   3.622   1.000 15.704 ? 391 HOH AAA O   1 ? 
HETATM 1238 O  O   . HOH E 4 .   ? 12.243  6.340   -10.325 1.000 23.235 ? 392 HOH AAA O   1 ? 
HETATM 1239 O  O   . HOH E 4 .   ? 7.138   -16.816 3.813   1.000 22.678 ? 393 HOH AAA O   1 ? 
HETATM 1240 O  O   . HOH E 4 .   ? -6.891  -9.419  -6.995  1.000 11.616 ? 394 HOH AAA O   1 ? 
HETATM 1241 O  O   . HOH E 4 .   ? -6.185  4.096   -6.948  1.000 21.098 ? 395 HOH AAA O   1 ? 
HETATM 1242 O  O   . HOH E 4 .   ? 12.876  18.043  10.129  1.000 30.735 ? 396 HOH AAA O   1 ? 
HETATM 1243 O  O   . HOH E 4 .   ? -7.911  -1.045  -4.971  1.000 39.063 ? 397 HOH AAA O   1 ? 
HETATM 1244 O  O   . HOH E 4 .   ? 9.210   -13.176 -7.509  1.000 19.987 ? 398 HOH AAA O   1 ? 
HETATM 1245 O  O   . HOH E 4 .   ? -5.986  -20.867 -3.610  1.000 25.500 ? 399 HOH AAA O   1 ? 
HETATM 1246 O  O   . HOH E 4 .   ? 11.860  12.173  -3.425  1.000 27.282 ? 400 HOH AAA O   1 ? 
HETATM 1247 O  O   . HOH E 4 .   ? 6.226   2.744   -12.278 1.000 16.823 ? 401 HOH AAA O   1 ? 
HETATM 1248 O  O   . HOH E 4 .   ? 7.660   -15.900 -5.676  1.000 26.022 ? 402 HOH AAA O   1 ? 
HETATM 1249 O  O   . HOH E 4 .   ? -5.517  -5.919  4.165   1.000 27.441 ? 403 HOH AAA O   1 ? 
HETATM 1250 O  O   . HOH E 4 .   ? 3.129   14.698  15.707  1.000 22.684 ? 404 HOH AAA O   1 ? 
HETATM 1251 O  O   . HOH E 4 .   ? -14.731 -14.309 -4.686  1.000 21.073 ? 405 HOH AAA O   1 ? 
HETATM 1252 O  O   . HOH E 4 .   ? -14.926 -0.307  -0.186  1.000 20.298 ? 406 HOH AAA O   1 ? 
HETATM 1253 O  O   . HOH E 4 .   ? -1.421  6.707   -12.637 1.000 34.654 ? 407 HOH AAA O   1 ? 
HETATM 1254 O  O   . HOH E 4 .   ? -4.052  -18.504 -9.955  1.000 21.422 ? 408 HOH AAA O   1 ? 
HETATM 1255 O  O   . HOH E 4 .   ? -13.502 6.323   2.635   1.000 16.484 ? 409 HOH AAA O   1 ? 
HETATM 1256 O  O   . HOH E 4 .   ? -11.840 -10.103 -8.970  1.000 21.398 ? 410 HOH AAA O   1 ? 
HETATM 1257 O  O   . HOH E 4 .   ? -0.591  12.351  -4.786  1.000 28.996 ? 411 HOH AAA O   1 ? 
HETATM 1258 O  O   . HOH E 4 .   ? 2.978   11.914  14.933  1.000 29.241 ? 412 HOH AAA O   1 ? 
HETATM 1259 O  O   . HOH E 4 .   ? -4.904  12.367  2.534   1.000 18.037 ? 413 HOH AAA O   1 ? 
HETATM 1260 O  O   . HOH E 4 .   ? -1.084  8.321   13.657  1.000 11.227 ? 414 HOH AAA O   1 ? 
HETATM 1261 O  O   . HOH E 4 .   ? 10.184  -11.032 -9.189  1.000 12.937 ? 415 HOH AAA O   1 ? 
HETATM 1262 O  O   . HOH E 4 .   ? 3.710   -18.394 -11.913 1.000 26.549 ? 416 HOH AAA O   1 ? 
HETATM 1263 O  O   . HOH E 4 .   ? -21.074 -0.208  5.906   1.000 27.908 ? 417 HOH AAA O   1 ? 
HETATM 1264 O  O   . HOH E 4 .   ? 10.057  8.208   10.748  1.000 27.123 ? 418 HOH AAA O   1 ? 
HETATM 1265 O  O   . HOH E 4 .   ? -1.623  -7.525  -10.310 1.000 14.567 ? 419 HOH AAA O   1 ? 
HETATM 1266 O  O   . HOH E 4 .   ? -2.408  -7.011  -3.472  1.000 13.884 ? 420 HOH AAA O   1 ? 
HETATM 1267 O  O   . HOH E 4 .   ? -4.698  -17.139 -4.375  1.000 17.838 ? 421 HOH AAA O   1 ? 
HETATM 1268 O  O   . HOH E 4 .   ? -8.256  10.028  5.793   1.000 16.278 ? 422 HOH AAA O   1 ? 
HETATM 1269 O  O   . HOH E 4 .   ? -11.460 -7.165  1.551   1.000 12.034 ? 423 HOH AAA O   1 ? 
HETATM 1270 O  O   . HOH E 4 .   ? -4.234  18.037  11.580  1.000 19.604 ? 424 HOH AAA O   1 ? 
HETATM 1271 O  O   . HOH E 4 .   ? 1.858   20.057  7.849   1.000 22.700 ? 425 HOH AAA O   1 ? 
HETATM 1272 O  O   . HOH E 4 .   ? -7.152  10.159  17.915  1.000 11.642 ? 426 HOH AAA O   1 ? 
HETATM 1273 O  O   . HOH E 4 .   ? -7.373  6.652   -7.331  1.000 25.505 ? 427 HOH AAA O   1 ? 
HETATM 1274 O  O   . HOH E 4 .   ? -9.439  -9.537  -10.256 1.000 26.470 ? 428 HOH AAA O   1 ? 
HETATM 1275 O  O   . HOH E 4 .   ? -3.660  4.093   15.556  1.000 20.470 ? 429 HOH AAA O   1 ? 
HETATM 1276 O  O   . HOH E 4 .   ? -6.958  -2.688  5.971   1.000 24.622 ? 430 HOH AAA O   1 ? 
HETATM 1277 O  O   . HOH E 4 .   ? 14.002  5.758   8.930   1.000 33.153 ? 431 HOH AAA O   1 ? 
HETATM 1278 O  O   . HOH E 4 .   ? -14.826 -4.800  3.562   1.000 15.470 ? 432 HOH AAA O   1 ? 
HETATM 1279 O  O   . HOH E 4 .   ? -15.745 9.917   11.611  1.000 15.518 ? 433 HOH AAA O   1 ? 
HETATM 1280 O  O   . HOH E 4 .   ? -6.861  11.562  3.845   1.000 23.623 ? 434 HOH AAA O   1 ? 
HETATM 1281 O  O   . HOH E 4 .   ? 11.311  14.996  1.666   1.000 31.973 ? 435 HOH AAA O   1 ? 
HETATM 1282 O  O   . HOH E 4 .   ? -7.498  9.225   4.417   1.000 33.728 ? 436 HOH AAA O   1 ? 
HETATM 1283 O  O   . HOH E 4 .   ? 10.561  15.605  -2.915  1.000 28.387 ? 437 HOH AAA O   1 ? 
HETATM 1284 O  O   . HOH E 4 .   ? 13.967  12.255  -0.225  1.000 37.104 ? 438 HOH AAA O   1 ? 
HETATM 1285 O  O   . HOH E 4 .   ? -6.317  -7.689  -2.988  1.000 11.906 ? 439 HOH AAA O   1 ? 
HETATM 1286 O  O   . HOH E 4 .   ? 15.563  6.554   6.125   1.000 25.653 ? 440 HOH AAA O   1 ? 
HETATM 1287 O  O   . HOH E 4 .   ? -10.125 -4.103  4.368   1.000 18.281 ? 441 HOH AAA O   1 ? 
HETATM 1288 O  O   . HOH E 4 .   ? -6.252  14.431  5.396   1.000 20.263 ? 442 HOH AAA O   1 ? 
HETATM 1289 O  O   . HOH E 4 .   ? -2.440  -6.948  -12.833 1.000 25.478 ? 443 HOH AAA O   1 ? 
HETATM 1290 O  O   . HOH E 4 .   ? 18.295  10.683  3.117   1.000 30.716 ? 444 HOH AAA O   1 ? 
HETATM 1291 O  O   . HOH E 4 .   ? -7.913  16.599  13.292  1.000 37.337 ? 445 HOH AAA O   1 ? 
HETATM 1292 O  O   . HOH E 4 .   ? -2.446  2.319   13.300  1.000 26.426 ? 446 HOH AAA O   1 ? 
HETATM 1293 O  O   . HOH E 4 .   ? -15.295 -9.930  -4.502  1.000 19.185 ? 447 HOH AAA O   1 ? 
HETATM 1294 O  O   . HOH E 4 .   ? -1.885  -4.395  -13.780 1.000 25.061 ? 448 HOH AAA O   1 ? 
HETATM 1295 O  O   . HOH E 4 .   ? -14.828 -9.830  -14.875 1.000 27.928 ? 449 HOH AAA O   1 ? 
HETATM 1296 O  O   . HOH E 4 .   ? 14.427  0.756   3.582   1.000 18.230 ? 450 HOH AAA O   1 ? 
HETATM 1297 O  O   . HOH E 4 .   ? -2.859  9.269   16.597  1.000 20.650 ? 451 HOH AAA O   1 ? 
HETATM 1298 O  O   . HOH E 4 .   ? -5.891  -17.336 -7.102  1.000 13.414 ? 452 HOH AAA O   1 ? 
HETATM 1299 O  O   . HOH E 4 .   ? -6.506  -0.321  -6.877  1.000 31.613 ? 453 HOH AAA O   1 ? 
HETATM 1300 O  O   . HOH E 4 .   ? 4.911   18.764  -5.106  1.000 32.389 ? 454 HOH AAA O   1 ? 
HETATM 1301 O  O   . HOH E 4 .   ? -7.411  1.338   8.578   1.000 25.464 ? 455 HOH AAA O   1 ? 
HETATM 1302 O  O   . HOH E 4 .   ? 17.016  -0.097  -2.424  1.000 18.650 ? 456 HOH AAA O   1 ? 
HETATM 1303 O  O   . HOH E 4 .   ? 17.118  -0.630  0.264   1.000 20.630 ? 457 HOH AAA O   1 ? 
HETATM 1304 O  O   . HOH E 4 .   ? 0.720   -3.733  -14.374 1.000 21.155 ? 458 HOH AAA O   1 ? 
HETATM 1305 O  O   . HOH E 4 .   ? 8.614   -0.054  -17.037 1.000 30.205 ? 459 HOH AAA O   1 ? 
HETATM 1306 O  O   . HOH E 4 .   ? -2.201  4.642   16.938  1.000 27.280 ? 460 HOH AAA O   1 ? 
HETATM 1307 O  O   . HOH E 4 .   ? -5.099  12.014  18.318  1.000 22.003 ? 461 HOH AAA O   1 ? 
HETATM 1308 O  O   . HOH E 4 .   ? -7.230  -18.505 -2.724  1.000 16.110 ? 462 HOH AAA O   1 ? 
HETATM 1309 O  O   . HOH E 4 .   ? 14.720  10.897  -2.647  1.000 31.092 ? 463 HOH AAA O   1 ? 
HETATM 1310 O  O   . HOH E 4 .   ? -4.972  -4.477  5.989   1.000 23.484 ? 464 HOH AAA O   1 ? 
HETATM 1311 O  O   . HOH E 4 .   ? -9.266  -6.452  -6.867  1.000 19.770 ? 465 HOH AAA O   1 ? 
HETATM 1312 O  O   . HOH E 4 .   ? 5.936   -15.112 -10.287 1.000 34.946 ? 466 HOH AAA O   1 ? 
HETATM 1313 O  O   . HOH E 4 .   ? 7.752   9.918   -14.340 1.000 19.971 ? 467 HOH AAA O   1 ? 
HETATM 1314 O  O   . HOH E 4 .   ? 8.828   18.102  4.320   1.000 31.753 ? 468 HOH AAA O   1 ? 
HETATM 1315 O  O   . HOH E 4 .   ? -0.332  9.605   -7.376  1.000 41.252 ? 469 HOH AAA O   1 ? 
HETATM 1316 O  O   . HOH E 4 .   ? 16.396  11.893  3.201   1.000 30.726 ? 470 HOH AAA O   1 ? 
HETATM 1317 O  O   . HOH E 4 .   ? -7.516  -7.689  -9.058  1.000 24.183 ? 471 HOH AAA O   1 ? 
HETATM 1318 O  O   . HOH E 4 .   ? 17.662  -1.645  -6.430  1.000 34.013 ? 472 HOH AAA O   1 ? 
HETATM 1319 O  O   . HOH E 4 .   ? 6.066   2.784   -15.079 1.000 31.308 ? 473 HOH AAA O   1 ? 
HETATM 1320 O  O   . HOH E 4 .   ? -10.722 -0.926  -4.731  1.000 26.708 ? 474 HOH AAA O   1 ? 
HETATM 1321 O  O   . HOH E 4 .   ? -5.674  14.920  1.509   1.000 25.976 ? 475 HOH AAA O   1 ? 
HETATM 1322 O  O   . HOH E 4 .   ? 2.599   9.705   -11.594 1.000 34.641 ? 476 HOH AAA O   1 ? 
HETATM 1323 O  O   . HOH E 4 .   ? 16.985  2.201   -3.934  1.000 23.916 ? 477 HOH AAA O   1 ? 
HETATM 1324 O  O   . HOH E 4 .   ? -17.193 -15.214 -4.628  1.000 28.488 ? 478 HOH AAA O   1 ? 
HETATM 1325 O  O   . HOH E 4 .   ? -4.462  1.941   14.460  1.000 23.597 ? 479 HOH AAA O   1 ? 
HETATM 1326 O  O   . HOH E 4 .   ? 2.724   -10.143 7.959   1.000 27.753 ? 480 HOH AAA O   1 ? 
HETATM 1327 O  O   . HOH E 4 .   ? -5.590  3.853   -9.404  1.000 30.656 ? 481 HOH AAA O   1 ? 
HETATM 1328 O  O   . HOH E 4 .   ? -15.319 -4.537  -3.207  1.000 29.472 ? 482 HOH AAA O   1 ? 
HETATM 1329 O  O   . HOH E 4 .   ? -22.164 0.255   3.828   1.000 34.731 ? 483 HOH AAA O   1 ? 
HETATM 1330 O  O   . HOH E 4 .   ? 18.220  -16.519 -0.197  1.000 24.625 ? 484 HOH AAA O   1 ? 
HETATM 1331 O  O   . HOH E 4 .   ? -22.285 2.212   2.111   1.000 22.153 ? 485 HOH AAA O   1 ? 
HETATM 1332 O  O   . HOH E 4 .   ? -9.716  -3.814  -7.164  1.000 34.170 ? 486 HOH AAA O   1 ? 
HETATM 1333 O  O   . HOH E 4 .   ? 17.189  0.868   -6.507  1.000 30.326 ? 487 HOH AAA O   1 ? 
# 
